data_6DKL
# 
_entry.id   6DKL 
# 
_audit_conform.dict_name       mmcif_pdbx.dic 
_audit_conform.dict_version    5.387 
_audit_conform.dict_location   http://mmcif.pdb.org/dictionaries/ascii/mmcif_pdbx.dic 
# 
loop_
_database_2.database_id 
_database_2.database_code 
_database_2.pdbx_database_accession 
_database_2.pdbx_DOI 
PDB   6DKL         pdb_00006dkl 10.2210/pdb6dkl/pdb 
WWPDB D_1000234806 ?            ?                   
# 
loop_
_pdbx_audit_revision_history.ordinal 
_pdbx_audit_revision_history.data_content_type 
_pdbx_audit_revision_history.major_revision 
_pdbx_audit_revision_history.minor_revision 
_pdbx_audit_revision_history.revision_date 
1 'Structure model' 1 0 2018-08-29 
2 'Structure model' 1 1 2018-10-17 
3 'Structure model' 1 2 2019-11-27 
4 'Structure model' 1 3 2024-03-13 
# 
_pdbx_audit_revision_details.ordinal             1 
_pdbx_audit_revision_details.revision_ordinal    1 
_pdbx_audit_revision_details.data_content_type   'Structure model' 
_pdbx_audit_revision_details.provider            repository 
_pdbx_audit_revision_details.type                'Initial release' 
_pdbx_audit_revision_details.description         ? 
_pdbx_audit_revision_details.details             ? 
# 
loop_
_pdbx_audit_revision_group.ordinal 
_pdbx_audit_revision_group.revision_ordinal 
_pdbx_audit_revision_group.data_content_type 
_pdbx_audit_revision_group.group 
1 2 'Structure model' 'Data collection'            
2 2 'Structure model' 'Database references'        
3 3 'Structure model' 'Author supporting evidence' 
4 4 'Structure model' 'Data collection'            
5 4 'Structure model' 'Database references'        
# 
loop_
_pdbx_audit_revision_category.ordinal 
_pdbx_audit_revision_category.revision_ordinal 
_pdbx_audit_revision_category.data_content_type 
_pdbx_audit_revision_category.category 
1 2 'Structure model' citation           
2 3 'Structure model' pdbx_audit_support 
3 4 'Structure model' chem_comp_atom     
4 4 'Structure model' chem_comp_bond     
5 4 'Structure model' database_2         
# 
loop_
_pdbx_audit_revision_item.ordinal 
_pdbx_audit_revision_item.revision_ordinal 
_pdbx_audit_revision_item.data_content_type 
_pdbx_audit_revision_item.item 
1 2 'Structure model' '_citation.journal_volume'                 
2 2 'Structure model' '_citation.page_first'                     
3 2 'Structure model' '_citation.page_last'                      
4 3 'Structure model' '_pdbx_audit_support.funding_organization' 
5 4 'Structure model' '_database_2.pdbx_DOI'                     
6 4 'Structure model' '_database_2.pdbx_database_accession'      
# 
_pdbx_database_status.status_code                     REL 
_pdbx_database_status.status_code_sf                  REL 
_pdbx_database_status.status_code_mr                  ? 
_pdbx_database_status.entry_id                        6DKL 
_pdbx_database_status.recvd_initial_deposition_date   2018-05-29 
_pdbx_database_status.SG_entry                        N 
_pdbx_database_status.deposit_site                    RCSB 
_pdbx_database_status.process_site                    RCSB 
_pdbx_database_status.status_code_cs                  ? 
_pdbx_database_status.methods_development_category    ? 
_pdbx_database_status.pdb_format_compatible           Y 
_pdbx_database_status.status_code_nmr_data            ? 
# 
loop_
_audit_author.name 
_audit_author.pdbx_ordinal 
_audit_author.identifier_ORCID 
'Simmons, C.R.' 1 ? 
'Zhang, F.'     2 ? 
'Yan, H.'       3 ? 
# 
_citation.abstract                  ? 
_citation.abstract_id_CAS           ? 
_citation.book_id_ISBN              ? 
_citation.book_publisher            ? 
_citation.book_publisher_city       ? 
_citation.book_title                ? 
_citation.coordinate_linkage        ? 
_citation.country                   GE 
_citation.database_id_Medline       ? 
_citation.details                   ? 
_citation.id                        primary 
_citation.journal_abbrev            'Angew. Chem. Int. Ed. Engl.' 
_citation.journal_id_ASTM           ACIEAY 
_citation.journal_id_CSD            0179 
_citation.journal_id_ISSN           1521-3773 
_citation.journal_full              ? 
_citation.journal_issue             ? 
_citation.journal_volume            57 
_citation.language                  ? 
_citation.page_first                12504 
_citation.page_last                 12507 
_citation.title                     'Self-Assembly of a 3D DNA Crystal Structure with Rationally Designed Six-Fold Symmetry.' 
_citation.year                      2018 
_citation.database_id_CSD           ? 
_citation.pdbx_database_id_DOI      10.1002/anie.201807223 
_citation.pdbx_database_id_PubMed   30066355 
_citation.unpublished_flag          ? 
# 
loop_
_citation_author.citation_id 
_citation_author.name 
_citation_author.ordinal 
_citation_author.identifier_ORCID 
primary 'Zhang, F.'     1 ? 
primary 'Simmons, C.R.' 2 ? 
primary 'Gates, J.'     3 ? 
primary 'Liu, Y.'       4 ? 
primary 'Yan, H.'       5 ? 
# 
loop_
_entity.id 
_entity.type 
_entity.src_method 
_entity.pdbx_description 
_entity.formula_weight 
_entity.pdbx_number_of_molecules 
_entity.pdbx_ec 
_entity.pdbx_mutation 
_entity.pdbx_fragment 
_entity.details 
1 polymer syn 
;DNA (5'-D(P*GP*GP*AP*TP*GP*CP*AP*CP*A)-3')
;
2764.837 1 ? ? ? ? 
2 polymer syn 
;DNA (5'-D(P*CP*AP*CP*AP*CP*CP*GP*TP*AP*C)-3')
;
2973.971 1 ? ? ? ? 
3 polymer syn 
;DNA (5'-D(P*TP*GP*TP*GP*CP*TP*GP*TP*GP*CP*T)-3')
;
3371.193 1 ? ? ? ? 
4 polymer syn 
;DNA (5'-D(P*GP*TP*AP*CP*GP*GP*AP*TP*CP*CP*AP*G)-3')
;
3687.417 1 ? ? ? ? 
# 
loop_
_entity_poly.entity_id 
_entity_poly.type 
_entity_poly.nstd_linkage 
_entity_poly.nstd_monomer 
_entity_poly.pdbx_seq_one_letter_code 
_entity_poly.pdbx_seq_one_letter_code_can 
_entity_poly.pdbx_strand_id 
_entity_poly.pdbx_target_identifier 
1 polydeoxyribonucleotide no no '(DG)(DG)(DA)(DT)(DG)(DC)(DA)(DC)(DA)'             GGATGCACA    A ? 
2 polydeoxyribonucleotide no no '(DC)(DA)(DC)(DA)(DC)(DC)(DG)(DT)(DA)(DC)'         CACACCGTAC   B ? 
3 polydeoxyribonucleotide no no '(DT)(DG)(DT)(DG)(DC)(DT)(DG)(DT)(DG)(DC)(DT)'     TGTGCTGTGCT  C ? 
4 polydeoxyribonucleotide no no '(DG)(DT)(DA)(DC)(DG)(DG)(DA)(DT)(DC)(DC)(DA)(DG)' GTACGGATCCAG D ? 
# 
loop_
_entity_poly_seq.entity_id 
_entity_poly_seq.num 
_entity_poly_seq.mon_id 
_entity_poly_seq.hetero 
1 1  DG n 
1 2  DG n 
1 3  DA n 
1 4  DT n 
1 5  DG n 
1 6  DC n 
1 7  DA n 
1 8  DC n 
1 9  DA n 
2 1  DC n 
2 2  DA n 
2 3  DC n 
2 4  DA n 
2 5  DC n 
2 6  DC n 
2 7  DG n 
2 8  DT n 
2 9  DA n 
2 10 DC n 
3 1  DT n 
3 2  DG n 
3 3  DT n 
3 4  DG n 
3 5  DC n 
3 6  DT n 
3 7  DG n 
3 8  DT n 
3 9  DG n 
3 10 DC n 
3 11 DT n 
4 1  DG n 
4 2  DT n 
4 3  DA n 
4 4  DC n 
4 5  DG n 
4 6  DG n 
4 7  DA n 
4 8  DT n 
4 9  DC n 
4 10 DC n 
4 11 DA n 
4 12 DG n 
# 
loop_
_pdbx_entity_src_syn.entity_id 
_pdbx_entity_src_syn.pdbx_src_id 
_pdbx_entity_src_syn.pdbx_alt_source_flag 
_pdbx_entity_src_syn.pdbx_beg_seq_num 
_pdbx_entity_src_syn.pdbx_end_seq_num 
_pdbx_entity_src_syn.organism_scientific 
_pdbx_entity_src_syn.organism_common_name 
_pdbx_entity_src_syn.ncbi_taxonomy_id 
_pdbx_entity_src_syn.details 
1 1 sample 1 9  'synthetic construct' ? 32630 ? 
2 1 sample 1 10 'synthetic construct' ? 32630 ? 
3 1 sample 1 11 'synthetic construct' ? 32630 ? 
4 1 sample 1 12 'synthetic construct' ? 32630 ? 
# 
loop_
_chem_comp.id 
_chem_comp.type 
_chem_comp.mon_nstd_flag 
_chem_comp.name 
_chem_comp.pdbx_synonyms 
_chem_comp.formula 
_chem_comp.formula_weight 
DA 'DNA linking' y "2'-DEOXYADENOSINE-5'-MONOPHOSPHATE" ? 'C10 H14 N5 O6 P' 331.222 
DC 'DNA linking' y "2'-DEOXYCYTIDINE-5'-MONOPHOSPHATE"  ? 'C9 H14 N3 O7 P'  307.197 
DG 'DNA linking' y "2'-DEOXYGUANOSINE-5'-MONOPHOSPHATE" ? 'C10 H14 N5 O7 P' 347.221 
DT 'DNA linking' y "THYMIDINE-5'-MONOPHOSPHATE"         ? 'C10 H15 N2 O8 P' 322.208 
# 
loop_
_pdbx_poly_seq_scheme.asym_id 
_pdbx_poly_seq_scheme.entity_id 
_pdbx_poly_seq_scheme.seq_id 
_pdbx_poly_seq_scheme.mon_id 
_pdbx_poly_seq_scheme.ndb_seq_num 
_pdbx_poly_seq_scheme.pdb_seq_num 
_pdbx_poly_seq_scheme.auth_seq_num 
_pdbx_poly_seq_scheme.pdb_mon_id 
_pdbx_poly_seq_scheme.auth_mon_id 
_pdbx_poly_seq_scheme.pdb_strand_id 
_pdbx_poly_seq_scheme.pdb_ins_code 
_pdbx_poly_seq_scheme.hetero 
A 1 1  DG 1  1  1  DG DG A . n 
A 1 2  DG 2  2  2  DG DG A . n 
A 1 3  DA 3  3  3  DA DA A . n 
A 1 4  DT 4  4  4  DT DT A . n 
A 1 5  DG 5  5  5  DG DG A . n 
A 1 6  DC 6  6  6  DC DC A . n 
A 1 7  DA 7  7  7  DA DA A . n 
A 1 8  DC 8  8  8  DC DC A . n 
A 1 9  DA 9  9  9  DA DA A . n 
B 2 1  DC 1  1  1  DC DC B . n 
B 2 2  DA 2  2  2  DA DA B . n 
B 2 3  DC 3  3  3  DC DC B . n 
B 2 4  DA 4  4  4  DA DA B . n 
B 2 5  DC 5  5  5  DC DC B . n 
B 2 6  DC 6  6  6  DC DC B . n 
B 2 7  DG 7  7  7  DG DG B . n 
B 2 8  DT 8  8  8  DT DT B . n 
B 2 9  DA 9  9  9  DA DA B . n 
B 2 10 DC 10 10 10 DC DC B . n 
C 3 1  DT 1  1  1  DT DT C . n 
C 3 2  DG 2  2  2  DG DG C . n 
C 3 3  DT 3  3  3  DT DT C . n 
C 3 4  DG 4  4  4  DG DG C . n 
C 3 5  DC 5  5  5  DC DC C . n 
C 3 6  DT 6  6  6  DT DT C . n 
C 3 7  DG 7  7  7  DG DG C . n 
C 3 8  DT 8  8  8  DT DT C . n 
C 3 9  DG 9  9  9  DG DG C . n 
C 3 10 DC 10 10 10 DC DC C . n 
C 3 11 DT 11 11 11 DT DT C . n 
D 4 1  DG 1  1  1  DG DG D . n 
D 4 2  DT 2  2  2  DT DT D . n 
D 4 3  DA 3  3  3  DA DA D . n 
D 4 4  DC 4  4  4  DC DC D . n 
D 4 5  DG 5  5  5  DG DG D . n 
D 4 6  DG 6  6  6  DG DG D . n 
D 4 7  DA 7  7  7  DA DA D . n 
D 4 8  DT 8  8  8  DT DT D . n 
D 4 9  DC 9  9  9  DC DC D . n 
D 4 10 DC 10 10 10 DC DC D . n 
D 4 11 DA 11 11 11 DA DA D . n 
D 4 12 DG 12 12 12 DG DG D . n 
# 
loop_
_pdbx_unobs_or_zero_occ_atoms.id 
_pdbx_unobs_or_zero_occ_atoms.PDB_model_num 
_pdbx_unobs_or_zero_occ_atoms.polymer_flag 
_pdbx_unobs_or_zero_occ_atoms.occupancy_flag 
_pdbx_unobs_or_zero_occ_atoms.auth_asym_id 
_pdbx_unobs_or_zero_occ_atoms.auth_comp_id 
_pdbx_unobs_or_zero_occ_atoms.auth_seq_id 
_pdbx_unobs_or_zero_occ_atoms.PDB_ins_code 
_pdbx_unobs_or_zero_occ_atoms.auth_atom_id 
_pdbx_unobs_or_zero_occ_atoms.label_alt_id 
_pdbx_unobs_or_zero_occ_atoms.label_asym_id 
_pdbx_unobs_or_zero_occ_atoms.label_comp_id 
_pdbx_unobs_or_zero_occ_atoms.label_seq_id 
_pdbx_unobs_or_zero_occ_atoms.label_atom_id 
1 1 Y 1 A DG 1 ? "O5'" ? A DG 1 "O5'" 
2 1 Y 1 A DG 1 ? "C5'" ? A DG 1 "C5'" 
3 1 Y 1 B DC 1 ? "O5'" ? B DC 1 "O5'" 
4 1 Y 1 B DC 1 ? "C5'" ? B DC 1 "C5'" 
# 
loop_
_software.citation_id 
_software.classification 
_software.compiler_name 
_software.compiler_version 
_software.contact_author 
_software.contact_author_email 
_software.date 
_software.description 
_software.dependencies 
_software.hardware 
_software.language 
_software.location 
_software.mods 
_software.name 
_software.os 
_software.os_version 
_software.type 
_software.version 
_software.pdbx_ordinal 
? refinement       ? ? ? ? ? ? ? ? ? ? ? PHENIX   ? ? ? '(1.11.1_2575: ???)' 1 
? 'data reduction' ? ? ? ? ? ? ? ? ? ? ? HKL-2000 ? ? ? .                    2 
? 'data scaling'   ? ? ? ? ? ? ? ? ? ? ? HKL-2000 ? ? ? .                    3 
? phasing          ? ? ? ? ? ? ? ? ? ? ? PHENIX   ? ? ? .                    4 
# 
_cell.angle_alpha                  90.00 
_cell.angle_alpha_esd              ? 
_cell.angle_beta                   90.00 
_cell.angle_beta_esd               ? 
_cell.angle_gamma                  120.00 
_cell.angle_gamma_esd              ? 
_cell.entry_id                     6DKL 
_cell.details                      ? 
_cell.formula_units_Z              ? 
_cell.length_a                     68.408 
_cell.length_a_esd                 ? 
_cell.length_b                     68.408 
_cell.length_b_esd                 ? 
_cell.length_c                     143.222 
_cell.length_c_esd                 ? 
_cell.volume                       ? 
_cell.volume_esd                   ? 
_cell.Z_PDB                        6 
_cell.reciprocal_angle_alpha       ? 
_cell.reciprocal_angle_beta        ? 
_cell.reciprocal_angle_gamma       ? 
_cell.reciprocal_angle_alpha_esd   ? 
_cell.reciprocal_angle_beta_esd    ? 
_cell.reciprocal_angle_gamma_esd   ? 
_cell.reciprocal_length_a          ? 
_cell.reciprocal_length_b          ? 
_cell.reciprocal_length_c          ? 
_cell.reciprocal_length_a_esd      ? 
_cell.reciprocal_length_b_esd      ? 
_cell.reciprocal_length_c_esd      ? 
_cell.pdbx_unique_axis             ? 
# 
_symmetry.entry_id                         6DKL 
_symmetry.cell_setting                     ? 
_symmetry.Int_Tables_number                169 
_symmetry.space_group_name_Hall            ? 
_symmetry.space_group_name_H-M             'P 61' 
_symmetry.pdbx_full_space_group_name_H-M   ? 
# 
_exptl.absorpt_coefficient_mu     ? 
_exptl.absorpt_correction_T_max   ? 
_exptl.absorpt_correction_T_min   ? 
_exptl.absorpt_correction_type    ? 
_exptl.absorpt_process_details    ? 
_exptl.entry_id                   6DKL 
_exptl.crystals_number            1 
_exptl.details                    ? 
_exptl.method                     'X-RAY DIFFRACTION' 
_exptl.method_details             ? 
# 
_exptl_crystal.colour                      ? 
_exptl_crystal.density_diffrn              ? 
_exptl_crystal.density_Matthews            ? 
_exptl_crystal.density_method              ? 
_exptl_crystal.density_percent_sol         ? 
_exptl_crystal.description                 ? 
_exptl_crystal.F_000                       ? 
_exptl_crystal.id                          1 
_exptl_crystal.preparation                 ? 
_exptl_crystal.size_max                    ? 
_exptl_crystal.size_mid                    ? 
_exptl_crystal.size_min                    ? 
_exptl_crystal.size_rad                    ? 
_exptl_crystal.colour_lustre               ? 
_exptl_crystal.colour_modifier             ? 
_exptl_crystal.colour_primary              ? 
_exptl_crystal.density_meas                ? 
_exptl_crystal.density_meas_esd            ? 
_exptl_crystal.density_meas_gt             ? 
_exptl_crystal.density_meas_lt             ? 
_exptl_crystal.density_meas_temp           ? 
_exptl_crystal.density_meas_temp_esd       ? 
_exptl_crystal.density_meas_temp_gt        ? 
_exptl_crystal.density_meas_temp_lt        ? 
_exptl_crystal.pdbx_crystal_image_url      ? 
_exptl_crystal.pdbx_crystal_image_format   ? 
_exptl_crystal.pdbx_mosaicity              ? 
_exptl_crystal.pdbx_mosaicity_esd          ? 
# 
_exptl_crystal_grow.apparatus       ? 
_exptl_crystal_grow.atmosphere      ? 
_exptl_crystal_grow.crystal_id      1 
_exptl_crystal_grow.details         ? 
_exptl_crystal_grow.method          'VAPOR DIFFUSION, SITTING DROP' 
_exptl_crystal_grow.method_ref      ? 
_exptl_crystal_grow.pH              ? 
_exptl_crystal_grow.pressure        ? 
_exptl_crystal_grow.pressure_esd    ? 
_exptl_crystal_grow.seeding         ? 
_exptl_crystal_grow.seeding_ref     ? 
_exptl_crystal_grow.temp            298 
_exptl_crystal_grow.temp_details    'Temperature gradient was generated from 60C-25C for .3 degrees per hour.' 
_exptl_crystal_grow.temp_esd        ? 
_exptl_crystal_grow.time            ? 
_exptl_crystal_grow.pdbx_details    '50 mM Cacodylate pH 6.0, 10 mM MgCl2, 200 mM sodium citrate, 5% isopropanol' 
_exptl_crystal_grow.pdbx_pH_range   ? 
# 
_diffrn.ambient_environment    ? 
_diffrn.ambient_temp           100 
_diffrn.ambient_temp_details   ? 
_diffrn.ambient_temp_esd       ? 
_diffrn.crystal_id             1 
_diffrn.crystal_support        ? 
_diffrn.crystal_treatment      ? 
_diffrn.details                ? 
_diffrn.id                     1 
_diffrn.ambient_pressure       ? 
_diffrn.ambient_pressure_esd   ? 
_diffrn.ambient_pressure_gt    ? 
_diffrn.ambient_pressure_lt    ? 
_diffrn.ambient_temp_gt        ? 
_diffrn.ambient_temp_lt        ? 
# 
_diffrn_detector.details                      ? 
_diffrn_detector.detector                     PIXEL 
_diffrn_detector.diffrn_id                    1 
_diffrn_detector.type                         'DECTRIS PILATUS 6M' 
_diffrn_detector.area_resol_mean              ? 
_diffrn_detector.dtime                        ? 
_diffrn_detector.pdbx_frames_total            ? 
_diffrn_detector.pdbx_collection_time_total   ? 
_diffrn_detector.pdbx_collection_date         2017-10-21 
# 
_diffrn_radiation.collimation                      ? 
_diffrn_radiation.diffrn_id                        1 
_diffrn_radiation.filter_edge                      ? 
_diffrn_radiation.inhomogeneity                    ? 
_diffrn_radiation.monochromator                    'Si(111)' 
_diffrn_radiation.polarisn_norm                    ? 
_diffrn_radiation.polarisn_ratio                   ? 
_diffrn_radiation.probe                            ? 
_diffrn_radiation.type                             ? 
_diffrn_radiation.xray_symbol                      ? 
_diffrn_radiation.wavelength_id                    1 
_diffrn_radiation.pdbx_monochromatic_or_laue_m_l   M 
_diffrn_radiation.pdbx_wavelength_list             ? 
_diffrn_radiation.pdbx_wavelength                  ? 
_diffrn_radiation.pdbx_diffrn_protocol             'SINGLE WAVELENGTH' 
_diffrn_radiation.pdbx_analyzer                    ? 
_diffrn_radiation.pdbx_scattering_type             x-ray 
# 
_diffrn_radiation_wavelength.id           1 
_diffrn_radiation_wavelength.wavelength   1.0 
_diffrn_radiation_wavelength.wt           1.0 
# 
_diffrn_source.current                     ? 
_diffrn_source.details                     ? 
_diffrn_source.diffrn_id                   1 
_diffrn_source.power                       ? 
_diffrn_source.size                        ? 
_diffrn_source.source                      SYNCHROTRON 
_diffrn_source.target                      ? 
_diffrn_source.type                        'APS BEAMLINE 19-ID' 
_diffrn_source.voltage                     ? 
_diffrn_source.take-off_angle              ? 
_diffrn_source.pdbx_wavelength_list        1.0 
_diffrn_source.pdbx_wavelength             ? 
_diffrn_source.pdbx_synchrotron_beamline   19-ID 
_diffrn_source.pdbx_synchrotron_site       APS 
# 
_reflns.B_iso_Wilson_estimate            ? 
_reflns.entry_id                         6DKL 
_reflns.data_reduction_details           ? 
_reflns.data_reduction_method            ? 
_reflns.d_resolution_high                3.034 
_reflns.d_resolution_low                 50 
_reflns.details                          ? 
_reflns.limit_h_max                      ? 
_reflns.limit_h_min                      ? 
_reflns.limit_k_max                      ? 
_reflns.limit_k_min                      ? 
_reflns.limit_l_max                      ? 
_reflns.limit_l_min                      ? 
_reflns.number_all                       ? 
_reflns.number_obs                       6788 
_reflns.observed_criterion               ? 
_reflns.observed_criterion_F_max         ? 
_reflns.observed_criterion_F_min         ? 
_reflns.observed_criterion_I_max         ? 
_reflns.observed_criterion_I_min         ? 
_reflns.observed_criterion_sigma_F       ? 
_reflns.observed_criterion_sigma_I       ? 
_reflns.percent_possible_obs             91.8 
_reflns.R_free_details                   ? 
_reflns.Rmerge_F_all                     ? 
_reflns.Rmerge_F_obs                     ? 
_reflns.Friedel_coverage                 ? 
_reflns.number_gt                        ? 
_reflns.threshold_expression             ? 
_reflns.pdbx_redundancy                  6.8 
_reflns.pdbx_Rmerge_I_obs                .106 
_reflns.pdbx_Rmerge_I_all                ? 
_reflns.pdbx_Rsym_value                  ? 
_reflns.pdbx_netI_over_av_sigmaI         ? 
_reflns.pdbx_netI_over_sigmaI            42.1 
_reflns.pdbx_res_netI_over_av_sigmaI_2   ? 
_reflns.pdbx_res_netI_over_sigmaI_2      ? 
_reflns.pdbx_chi_squared                 ? 
_reflns.pdbx_scaling_rejects             ? 
_reflns.pdbx_d_res_high_opt              ? 
_reflns.pdbx_d_res_low_opt               ? 
_reflns.pdbx_d_res_opt_method            ? 
_reflns.phase_calculation_details        ? 
_reflns.pdbx_Rrim_I_all                  .115 
_reflns.pdbx_Rpim_I_all                  .044 
_reflns.pdbx_d_opt                       ? 
_reflns.pdbx_number_measured_all         ? 
_reflns.pdbx_diffrn_id                   1 
_reflns.pdbx_ordinal                     1 
_reflns.pdbx_CC_half                     0.98 
_reflns.pdbx_R_split                     ? 
# 
_reflns_shell.d_res_high                  3.034 
_reflns_shell.d_res_low                   3.1 
_reflns_shell.meanI_over_sigI_all         ? 
_reflns_shell.meanI_over_sigI_obs         ? 
_reflns_shell.number_measured_all         ? 
_reflns_shell.number_measured_obs         ? 
_reflns_shell.number_possible             ? 
_reflns_shell.number_unique_all           ? 
_reflns_shell.number_unique_obs           252 
_reflns_shell.percent_possible_all        ? 
_reflns_shell.percent_possible_obs        ? 
_reflns_shell.Rmerge_F_all                ? 
_reflns_shell.Rmerge_F_obs                ? 
_reflns_shell.Rmerge_I_all                ? 
_reflns_shell.Rmerge_I_obs                ? 
_reflns_shell.meanI_over_sigI_gt          ? 
_reflns_shell.meanI_over_uI_all           ? 
_reflns_shell.meanI_over_uI_gt            ? 
_reflns_shell.number_measured_gt          ? 
_reflns_shell.number_unique_gt            ? 
_reflns_shell.percent_possible_gt         ? 
_reflns_shell.Rmerge_F_gt                 ? 
_reflns_shell.Rmerge_I_gt                 ? 
_reflns_shell.pdbx_redundancy             ? 
_reflns_shell.pdbx_Rsym_value             ? 
_reflns_shell.pdbx_chi_squared            ? 
_reflns_shell.pdbx_netI_over_sigmaI_all   ? 
_reflns_shell.pdbx_netI_over_sigmaI_obs   ? 
_reflns_shell.pdbx_Rrim_I_all             ? 
_reflns_shell.pdbx_Rpim_I_all             0.2 
_reflns_shell.pdbx_rejects                ? 
_reflns_shell.pdbx_ordinal                1 
_reflns_shell.pdbx_diffrn_id              1 
_reflns_shell.pdbx_CC_half                0.93 
_reflns_shell.pdbx_R_split                ? 
# 
_refine.aniso_B[1][1]                            ? 
_refine.aniso_B[1][2]                            ? 
_refine.aniso_B[1][3]                            ? 
_refine.aniso_B[2][2]                            ? 
_refine.aniso_B[2][3]                            ? 
_refine.aniso_B[3][3]                            ? 
_refine.B_iso_max                                ? 
_refine.B_iso_mean                               ? 
_refine.B_iso_min                                ? 
_refine.correlation_coeff_Fo_to_Fc               ? 
_refine.correlation_coeff_Fo_to_Fc_free          ? 
_refine.details                                  ? 
_refine.diff_density_max                         ? 
_refine.diff_density_max_esd                     ? 
_refine.diff_density_min                         ? 
_refine.diff_density_min_esd                     ? 
_refine.diff_density_rms                         ? 
_refine.diff_density_rms_esd                     ? 
_refine.entry_id                                 6DKL 
_refine.pdbx_refine_id                           'X-RAY DIFFRACTION' 
_refine.ls_abs_structure_details                 ? 
_refine.ls_abs_structure_Flack                   ? 
_refine.ls_abs_structure_Flack_esd               ? 
_refine.ls_abs_structure_Rogers                  ? 
_refine.ls_abs_structure_Rogers_esd              ? 
_refine.ls_d_res_high                            3.034 
_refine.ls_d_res_low                             37.1758 
_refine.ls_extinction_coef                       ? 
_refine.ls_extinction_coef_esd                   ? 
_refine.ls_extinction_expression                 ? 
_refine.ls_extinction_method                     ? 
_refine.ls_goodness_of_fit_all                   ? 
_refine.ls_goodness_of_fit_all_esd               ? 
_refine.ls_goodness_of_fit_obs                   ? 
_refine.ls_goodness_of_fit_obs_esd               ? 
_refine.ls_hydrogen_treatment                    ? 
_refine.ls_matrix_type                           ? 
_refine.ls_number_constraints                    ? 
_refine.ls_number_parameters                     ? 
_refine.ls_number_reflns_all                     ? 
_refine.ls_number_reflns_obs                     6598 
_refine.ls_number_reflns_R_free                  660 
_refine.ls_number_reflns_R_work                  ? 
_refine.ls_number_restraints                     ? 
_refine.ls_percent_reflns_obs                    89.50 
_refine.ls_percent_reflns_R_free                 10.00 
_refine.ls_R_factor_all                          ? 
_refine.ls_R_factor_obs                          0.2284 
_refine.ls_R_factor_R_free                       0.2339 
_refine.ls_R_factor_R_free_error                 ? 
_refine.ls_R_factor_R_free_error_details         ? 
_refine.ls_R_factor_R_work                       0.2278 
_refine.ls_R_Fsqd_factor_obs                     ? 
_refine.ls_R_I_factor_obs                        ? 
_refine.ls_redundancy_reflns_all                 ? 
_refine.ls_redundancy_reflns_obs                 ? 
_refine.ls_restrained_S_all                      ? 
_refine.ls_restrained_S_obs                      ? 
_refine.ls_shift_over_esd_max                    ? 
_refine.ls_shift_over_esd_mean                   ? 
_refine.ls_structure_factor_coef                 ? 
_refine.ls_weighting_details                     ? 
_refine.ls_weighting_scheme                      ? 
_refine.ls_wR_factor_all                         ? 
_refine.ls_wR_factor_obs                         ? 
_refine.ls_wR_factor_R_free                      ? 
_refine.ls_wR_factor_R_work                      ? 
_refine.occupancy_max                            ? 
_refine.occupancy_min                            ? 
_refine.solvent_model_details                    ? 
_refine.solvent_model_param_bsol                 ? 
_refine.solvent_model_param_ksol                 ? 
_refine.ls_R_factor_gt                           ? 
_refine.ls_goodness_of_fit_gt                    ? 
_refine.ls_goodness_of_fit_ref                   ? 
_refine.ls_shift_over_su_max                     ? 
_refine.ls_shift_over_su_max_lt                  ? 
_refine.ls_shift_over_su_mean                    ? 
_refine.ls_shift_over_su_mean_lt                 ? 
_refine.pdbx_ls_sigma_I                          ? 
_refine.pdbx_ls_sigma_F                          1.42 
_refine.pdbx_ls_sigma_Fsqd                       ? 
_refine.pdbx_data_cutoff_high_absF               ? 
_refine.pdbx_data_cutoff_high_rms_absF           ? 
_refine.pdbx_data_cutoff_low_absF                ? 
_refine.pdbx_isotropic_thermal_model             ? 
_refine.pdbx_ls_cross_valid_method               'FREE R-VALUE' 
_refine.pdbx_method_to_determine_struct          SAD 
_refine.pdbx_starting_model                      ? 
_refine.pdbx_stereochemistry_target_values       ? 
_refine.pdbx_R_Free_selection_details            ? 
_refine.pdbx_stereochem_target_val_spec_case     ? 
_refine.pdbx_overall_ESU_R                       ? 
_refine.pdbx_overall_ESU_R_Free                  ? 
_refine.pdbx_solvent_vdw_probe_radii             1.11 
_refine.pdbx_solvent_ion_probe_radii             ? 
_refine.pdbx_solvent_shrinkage_radii             0.90 
_refine.pdbx_real_space_R                        ? 
_refine.pdbx_density_correlation                 ? 
_refine.pdbx_pd_number_of_powder_patterns        ? 
_refine.pdbx_pd_number_of_points                 ? 
_refine.pdbx_pd_meas_number_of_points            ? 
_refine.pdbx_pd_proc_ls_prof_R_factor            ? 
_refine.pdbx_pd_proc_ls_prof_wR_factor           ? 
_refine.pdbx_pd_Marquardt_correlation_coeff      ? 
_refine.pdbx_pd_Fsqrd_R_factor                   ? 
_refine.pdbx_pd_ls_matrix_band_width             ? 
_refine.pdbx_overall_phase_error                 41.42 
_refine.pdbx_overall_SU_R_free_Cruickshank_DPI   ? 
_refine.pdbx_overall_SU_R_free_Blow_DPI          ? 
_refine.pdbx_overall_SU_R_Blow_DPI               ? 
_refine.pdbx_TLS_residual_ADP_flag               ? 
_refine.pdbx_diffrn_id                           1 
_refine.overall_SU_B                             ? 
_refine.overall_SU_ML                            0.29 
_refine.overall_SU_R_Cruickshank_DPI             ? 
_refine.overall_SU_R_free                        ? 
_refine.overall_FOM_free_R_set                   ? 
_refine.overall_FOM_work_R_set                   ? 
_refine.pdbx_average_fsc_overall                 ? 
_refine.pdbx_average_fsc_work                    ? 
_refine.pdbx_average_fsc_free                    ? 
# 
_refine_hist.pdbx_refine_id                   'X-RAY DIFFRACTION' 
_refine_hist.cycle_id                         LAST 
_refine_hist.pdbx_number_atoms_protein        0 
_refine_hist.pdbx_number_atoms_nucleic_acid   851 
_refine_hist.pdbx_number_atoms_ligand         0 
_refine_hist.number_atoms_solvent             0 
_refine_hist.number_atoms_total               851 
_refine_hist.d_res_high                       3.034 
_refine_hist.d_res_low                        37.1758 
# 
loop_
_refine_ls_restr.pdbx_refine_id 
_refine_ls_restr.criterion 
_refine_ls_restr.dev_ideal 
_refine_ls_restr.dev_ideal_target 
_refine_ls_restr.number 
_refine_ls_restr.rejects 
_refine_ls_restr.type 
_refine_ls_restr.weight 
_refine_ls_restr.pdbx_restraint_function 
'X-RAY DIFFRACTION' ? 0.008  ? 952  ? f_bond_d           ? ? 
'X-RAY DIFFRACTION' ? 0.955  ? 1461 ? f_angle_d          ? ? 
'X-RAY DIFFRACTION' ? 32.543 ? 400  ? f_dihedral_angle_d ? ? 
'X-RAY DIFFRACTION' ? 0.057  ? 164  ? f_chiral_restr     ? ? 
'X-RAY DIFFRACTION' ? 0.006  ? 42   ? f_plane_restr      ? ? 
# 
loop_
_refine_ls_shell.pdbx_refine_id 
_refine_ls_shell.d_res_high 
_refine_ls_shell.d_res_low 
_refine_ls_shell.number_reflns_all 
_refine_ls_shell.number_reflns_obs 
_refine_ls_shell.number_reflns_R_free 
_refine_ls_shell.number_reflns_R_work 
_refine_ls_shell.percent_reflns_obs 
_refine_ls_shell.percent_reflns_R_free 
_refine_ls_shell.R_factor_all 
_refine_ls_shell.R_factor_obs 
_refine_ls_shell.R_factor_R_free 
_refine_ls_shell.R_factor_R_free_error 
_refine_ls_shell.R_factor_R_work 
_refine_ls_shell.redundancy_reflns_all 
_refine_ls_shell.redundancy_reflns_obs 
_refine_ls_shell.wR_factor_all 
_refine_ls_shell.wR_factor_obs 
_refine_ls_shell.wR_factor_R_free 
_refine_ls_shell.wR_factor_R_work 
_refine_ls_shell.pdbx_total_number_of_bins_used 
_refine_ls_shell.pdbx_phase_error 
_refine_ls_shell.pdbx_fsc_work 
_refine_ls_shell.pdbx_fsc_free 
'X-RAY DIFFRACTION' 3.0342 3.2683 . . 96  894  67.00  . . . 0.3872 . 0.3426 . . . . . . . . . . 
'X-RAY DIFFRACTION' 3.2683 3.5970 . . 121 1133 84.00  . . . 0.2844 . 0.2404 . . . . . . . . . . 
'X-RAY DIFFRACTION' 3.5970 4.1169 . . 147 1273 98.00  . . . 0.2890 . 0.2885 . . . . . . . . . . 
'X-RAY DIFFRACTION' 4.1169 5.1846 . . 151 1318 100.00 . . . 0.3082 . 0.2880 . . . . . . . . . . 
'X-RAY DIFFRACTION' 5.1846 37.173 . . 145 1320 98.00  . . . 0.1810 . 0.1890 . . . . . . . . . . 
# 
_struct.entry_id                     6DKL 
_struct.title                        'Crystal Structure of a Rationally Designed Six-Fold Symmetric DNA Scaffold' 
_struct.pdbx_model_details           ? 
_struct.pdbx_formula_weight          ? 
_struct.pdbx_formula_weight_method   ? 
_struct.pdbx_model_type_details      ? 
_struct.pdbx_CASP_flag               N 
# 
_struct_keywords.entry_id        6DKL 
_struct_keywords.text            
'DNA Nanotechnology, Structural DNA Nanotechnology, self-assembly, DNA, crystal design, DNA crystals' 
_struct_keywords.pdbx_keywords   DNA 
# 
loop_
_struct_asym.id 
_struct_asym.pdbx_blank_PDB_chainid_flag 
_struct_asym.pdbx_modified 
_struct_asym.entity_id 
_struct_asym.details 
A N N 1 ? 
B N N 2 ? 
C N N 3 ? 
D N N 4 ? 
# 
loop_
_struct_ref.id 
_struct_ref.db_name 
_struct_ref.db_code 
_struct_ref.pdbx_db_accession 
_struct_ref.pdbx_db_isoform 
_struct_ref.entity_id 
_struct_ref.pdbx_seq_one_letter_code 
_struct_ref.pdbx_align_begin 
1 PDB 6DKL 6DKL ? 1 ? 1 
2 PDB 6DKL 6DKL ? 2 ? 1 
3 PDB 6DKL 6DKL ? 3 ? 1 
4 PDB 6DKL 6DKL ? 4 ? 1 
# 
loop_
_struct_ref_seq.align_id 
_struct_ref_seq.ref_id 
_struct_ref_seq.pdbx_PDB_id_code 
_struct_ref_seq.pdbx_strand_id 
_struct_ref_seq.seq_align_beg 
_struct_ref_seq.pdbx_seq_align_beg_ins_code 
_struct_ref_seq.seq_align_end 
_struct_ref_seq.pdbx_seq_align_end_ins_code 
_struct_ref_seq.pdbx_db_accession 
_struct_ref_seq.db_align_beg 
_struct_ref_seq.pdbx_db_align_beg_ins_code 
_struct_ref_seq.db_align_end 
_struct_ref_seq.pdbx_db_align_end_ins_code 
_struct_ref_seq.pdbx_auth_seq_align_beg 
_struct_ref_seq.pdbx_auth_seq_align_end 
1 1 6DKL A 1 ? 9  ? 6DKL 1 ? 9  ? 1 9  
2 2 6DKL B 1 ? 10 ? 6DKL 1 ? 10 ? 1 10 
3 3 6DKL C 1 ? 11 ? 6DKL 1 ? 11 ? 1 11 
4 4 6DKL D 1 ? 12 ? 6DKL 1 ? 12 ? 1 12 
# 
_pdbx_struct_assembly.id                   1 
_pdbx_struct_assembly.details              author_defined_assembly 
_pdbx_struct_assembly.method_details       ? 
_pdbx_struct_assembly.oligomeric_details   tetrameric 
_pdbx_struct_assembly.oligomeric_count     4 
# 
_pdbx_struct_assembly_gen.assembly_id       1 
_pdbx_struct_assembly_gen.oper_expression   1 
_pdbx_struct_assembly_gen.asym_id_list      A,B,C,D 
# 
_pdbx_struct_assembly_auth_evidence.id                     1 
_pdbx_struct_assembly_auth_evidence.assembly_id            1 
_pdbx_struct_assembly_auth_evidence.experimental_support   none 
_pdbx_struct_assembly_auth_evidence.details                ? 
# 
_pdbx_struct_oper_list.id                   1 
_pdbx_struct_oper_list.type                 'identity operation' 
_pdbx_struct_oper_list.name                 1_555 
_pdbx_struct_oper_list.symmetry_operation   x,y,z 
_pdbx_struct_oper_list.matrix[1][1]         1.0000000000 
_pdbx_struct_oper_list.matrix[1][2]         0.0000000000 
_pdbx_struct_oper_list.matrix[1][3]         0.0000000000 
_pdbx_struct_oper_list.vector[1]            0.0000000000 
_pdbx_struct_oper_list.matrix[2][1]         0.0000000000 
_pdbx_struct_oper_list.matrix[2][2]         1.0000000000 
_pdbx_struct_oper_list.matrix[2][3]         0.0000000000 
_pdbx_struct_oper_list.vector[2]            0.0000000000 
_pdbx_struct_oper_list.matrix[3][1]         0.0000000000 
_pdbx_struct_oper_list.matrix[3][2]         0.0000000000 
_pdbx_struct_oper_list.matrix[3][3]         1.0000000000 
_pdbx_struct_oper_list.vector[3]            0.0000000000 
# 
loop_
_struct_conn.id 
_struct_conn.conn_type_id 
_struct_conn.pdbx_leaving_atom_flag 
_struct_conn.pdbx_PDB_id 
_struct_conn.ptnr1_label_asym_id 
_struct_conn.ptnr1_label_comp_id 
_struct_conn.ptnr1_label_seq_id 
_struct_conn.ptnr1_label_atom_id 
_struct_conn.pdbx_ptnr1_label_alt_id 
_struct_conn.pdbx_ptnr1_PDB_ins_code 
_struct_conn.pdbx_ptnr1_standard_comp_id 
_struct_conn.ptnr1_symmetry 
_struct_conn.ptnr2_label_asym_id 
_struct_conn.ptnr2_label_comp_id 
_struct_conn.ptnr2_label_seq_id 
_struct_conn.ptnr2_label_atom_id 
_struct_conn.pdbx_ptnr2_label_alt_id 
_struct_conn.pdbx_ptnr2_PDB_ins_code 
_struct_conn.ptnr1_auth_asym_id 
_struct_conn.ptnr1_auth_comp_id 
_struct_conn.ptnr1_auth_seq_id 
_struct_conn.ptnr2_auth_asym_id 
_struct_conn.ptnr2_auth_comp_id 
_struct_conn.ptnr2_auth_seq_id 
_struct_conn.ptnr2_symmetry 
_struct_conn.pdbx_ptnr3_label_atom_id 
_struct_conn.pdbx_ptnr3_label_seq_id 
_struct_conn.pdbx_ptnr3_label_comp_id 
_struct_conn.pdbx_ptnr3_label_asym_id 
_struct_conn.pdbx_ptnr3_label_alt_id 
_struct_conn.pdbx_ptnr3_PDB_ins_code 
_struct_conn.details 
_struct_conn.pdbx_dist_value 
_struct_conn.pdbx_value_order 
_struct_conn.pdbx_role 
hydrog1  hydrog ? ? A DG 1  N1 ? ? ? 1_555 D DC 10 N3 ? ? A DG 1  D DC 10 1_555 ? ? ? ? ? ? WATSON-CRICK ? ? ? 
hydrog2  hydrog ? ? A DG 1  N2 ? ? ? 1_555 D DC 10 O2 ? ? A DG 1  D DC 10 1_555 ? ? ? ? ? ? WATSON-CRICK ? ? ? 
hydrog3  hydrog ? ? A DG 1  O6 ? ? ? 1_555 D DC 10 N4 ? ? A DG 1  D DC 10 1_555 ? ? ? ? ? ? WATSON-CRICK ? ? ? 
hydrog4  hydrog ? ? A DG 2  N1 ? ? ? 1_555 D DC 9  N3 ? ? A DG 2  D DC 9  1_555 ? ? ? ? ? ? WATSON-CRICK ? ? ? 
hydrog5  hydrog ? ? A DG 2  N2 ? ? ? 1_555 D DC 9  O2 ? ? A DG 2  D DC 9  1_555 ? ? ? ? ? ? WATSON-CRICK ? ? ? 
hydrog6  hydrog ? ? A DG 2  O6 ? ? ? 1_555 D DC 9  N4 ? ? A DG 2  D DC 9  1_555 ? ? ? ? ? ? WATSON-CRICK ? ? ? 
hydrog7  hydrog ? ? A DA 3  N1 ? ? ? 1_555 D DT 8  N3 ? ? A DA 3  D DT 8  1_555 ? ? ? ? ? ? WATSON-CRICK ? ? ? 
hydrog8  hydrog ? ? A DA 3  N6 ? ? ? 1_555 D DT 8  O4 ? ? A DA 3  D DT 8  1_555 ? ? ? ? ? ? WATSON-CRICK ? ? ? 
hydrog9  hydrog ? ? A DT 4  N3 ? ? ? 1_555 D DA 7  N1 ? ? A DT 4  D DA 7  1_555 ? ? ? ? ? ? WATSON-CRICK ? ? ? 
hydrog10 hydrog ? ? A DT 4  O4 ? ? ? 1_555 D DA 7  N6 ? ? A DT 4  D DA 7  1_555 ? ? ? ? ? ? WATSON-CRICK ? ? ? 
hydrog11 hydrog ? ? A DG 5  N1 ? ? ? 1_555 C DC 5  N3 ? ? A DG 5  C DC 5  1_555 ? ? ? ? ? ? WATSON-CRICK ? ? ? 
hydrog12 hydrog ? ? A DG 5  N2 ? ? ? 1_555 C DC 5  O2 ? ? A DG 5  C DC 5  1_555 ? ? ? ? ? ? WATSON-CRICK ? ? ? 
hydrog13 hydrog ? ? A DG 5  O6 ? ? ? 1_555 C DC 5  N4 ? ? A DG 5  C DC 5  1_555 ? ? ? ? ? ? WATSON-CRICK ? ? ? 
hydrog14 hydrog ? ? A DC 6  N3 ? ? ? 1_555 C DG 4  N1 ? ? A DC 6  C DG 4  1_555 ? ? ? ? ? ? WATSON-CRICK ? ? ? 
hydrog15 hydrog ? ? A DC 6  N4 ? ? ? 1_555 C DG 4  O6 ? ? A DC 6  C DG 4  1_555 ? ? ? ? ? ? WATSON-CRICK ? ? ? 
hydrog16 hydrog ? ? A DC 6  O2 ? ? ? 1_555 C DG 4  N2 ? ? A DC 6  C DG 4  1_555 ? ? ? ? ? ? WATSON-CRICK ? ? ? 
hydrog17 hydrog ? ? A DA 7  N1 ? ? ? 1_555 C DT 3  N3 ? ? A DA 7  C DT 3  1_555 ? ? ? ? ? ? WATSON-CRICK ? ? ? 
hydrog18 hydrog ? ? A DA 7  N6 ? ? ? 1_555 C DT 3  O4 ? ? A DA 7  C DT 3  1_555 ? ? ? ? ? ? WATSON-CRICK ? ? ? 
hydrog19 hydrog ? ? A DC 8  N3 ? ? ? 1_555 C DG 2  N1 ? ? A DC 8  C DG 2  1_555 ? ? ? ? ? ? WATSON-CRICK ? ? ? 
hydrog20 hydrog ? ? A DC 8  N4 ? ? ? 1_555 C DG 2  O6 ? ? A DC 8  C DG 2  1_555 ? ? ? ? ? ? WATSON-CRICK ? ? ? 
hydrog21 hydrog ? ? A DC 8  O2 ? ? ? 1_555 C DG 2  N2 ? ? A DC 8  C DG 2  1_555 ? ? ? ? ? ? WATSON-CRICK ? ? ? 
hydrog22 hydrog ? ? A DA 9  N1 ? ? ? 1_555 C DT 1  N3 ? ? A DA 9  C DT 1  1_555 ? ? ? ? ? ? WATSON-CRICK ? ? ? 
hydrog23 hydrog ? ? A DA 9  N6 ? ? ? 1_555 C DT 1  O4 ? ? A DA 9  C DT 1  1_555 ? ? ? ? ? ? WATSON-CRICK ? ? ? 
hydrog24 hydrog ? ? B DC 1  N3 ? ? ? 1_555 C DG 9  N1 ? ? B DC 1  C DG 9  1_555 ? ? ? ? ? ? WATSON-CRICK ? ? ? 
hydrog25 hydrog ? ? B DC 1  N4 ? ? ? 1_555 C DG 9  O6 ? ? B DC 1  C DG 9  1_555 ? ? ? ? ? ? WATSON-CRICK ? ? ? 
hydrog26 hydrog ? ? B DC 1  O2 ? ? ? 1_555 C DG 9  N2 ? ? B DC 1  C DG 9  1_555 ? ? ? ? ? ? WATSON-CRICK ? ? ? 
hydrog27 hydrog ? ? B DA 2  N1 ? ? ? 1_555 C DT 8  N3 ? ? B DA 2  C DT 8  1_555 ? ? ? ? ? ? WATSON-CRICK ? ? ? 
hydrog28 hydrog ? ? B DA 2  N6 ? ? ? 1_555 C DT 8  O4 ? ? B DA 2  C DT 8  1_555 ? ? ? ? ? ? WATSON-CRICK ? ? ? 
hydrog29 hydrog ? ? B DC 3  N3 ? ? ? 1_555 C DG 7  N1 ? ? B DC 3  C DG 7  1_555 ? ? ? ? ? ? WATSON-CRICK ? ? ? 
hydrog30 hydrog ? ? B DC 3  N4 ? ? ? 1_555 C DG 7  O6 ? ? B DC 3  C DG 7  1_555 ? ? ? ? ? ? WATSON-CRICK ? ? ? 
hydrog31 hydrog ? ? B DC 3  O2 ? ? ? 1_555 C DG 7  N2 ? ? B DC 3  C DG 7  1_555 ? ? ? ? ? ? WATSON-CRICK ? ? ? 
hydrog32 hydrog ? ? B DA 4  N1 ? ? ? 1_555 C DT 6  N3 ? ? B DA 4  C DT 6  1_555 ? ? ? ? ? ? WATSON-CRICK ? ? ? 
hydrog33 hydrog ? ? B DA 4  N6 ? ? ? 1_555 C DT 6  O4 ? ? B DA 4  C DT 6  1_555 ? ? ? ? ? ? WATSON-CRICK ? ? ? 
hydrog34 hydrog ? ? B DC 5  N3 ? ? ? 1_555 D DG 6  N1 ? ? B DC 5  D DG 6  1_555 ? ? ? ? ? ? WATSON-CRICK ? ? ? 
hydrog35 hydrog ? ? B DC 5  N4 ? ? ? 1_555 D DG 6  O6 ? ? B DC 5  D DG 6  1_555 ? ? ? ? ? ? WATSON-CRICK ? ? ? 
hydrog36 hydrog ? ? B DC 5  O2 ? ? ? 1_555 D DG 6  N2 ? ? B DC 5  D DG 6  1_555 ? ? ? ? ? ? WATSON-CRICK ? ? ? 
hydrog37 hydrog ? ? B DC 6  N3 ? ? ? 1_555 D DG 5  N2 ? ? B DC 6  D DG 5  1_555 ? ? ? ? ? ? 'DC-DG PAIR' ? ? ? 
hydrog38 hydrog ? ? B DG 7  N2 ? ? ? 1_555 D DC 4  N3 ? ? B DG 7  D DC 4  1_555 ? ? ? ? ? ? 'DG-DC PAIR' ? ? ? 
hydrog39 hydrog ? ? B DT 8  N3 ? ? ? 1_555 D DA 3  N1 ? ? B DT 8  D DA 3  1_555 ? ? ? ? ? ? WATSON-CRICK ? ? ? 
hydrog40 hydrog ? ? B DT 8  O4 ? ? ? 1_555 D DA 3  N6 ? ? B DT 8  D DA 3  1_555 ? ? ? ? ? ? WATSON-CRICK ? ? ? 
hydrog41 hydrog ? ? B DA 9  N1 ? ? ? 1_555 D DT 2  N3 ? ? B DA 9  D DT 2  1_555 ? ? ? ? ? ? WATSON-CRICK ? ? ? 
hydrog42 hydrog ? ? B DA 9  N6 ? ? ? 1_555 D DT 2  O4 ? ? B DA 9  D DT 2  1_555 ? ? ? ? ? ? WATSON-CRICK ? ? ? 
hydrog43 hydrog ? ? B DC 10 N3 ? ? ? 1_555 D DG 1  N1 ? ? B DC 10 D DG 1  1_555 ? ? ? ? ? ? WATSON-CRICK ? ? ? 
hydrog44 hydrog ? ? B DC 10 N4 ? ? ? 1_555 D DG 1  O6 ? ? B DC 10 D DG 1  1_555 ? ? ? ? ? ? WATSON-CRICK ? ? ? 
hydrog45 hydrog ? ? B DC 10 O2 ? ? ? 1_555 D DG 1  N2 ? ? B DC 10 D DG 1  1_555 ? ? ? ? ? ? WATSON-CRICK ? ? ? 
# 
_struct_conn_type.id          hydrog 
_struct_conn_type.criteria    ? 
_struct_conn_type.reference   ? 
# 
_pdbx_validate_symm_contact.id                1 
_pdbx_validate_symm_contact.PDB_model_num     1 
_pdbx_validate_symm_contact.auth_atom_id_1    "HO3'" 
_pdbx_validate_symm_contact.auth_asym_id_1    B 
_pdbx_validate_symm_contact.auth_comp_id_1    DC 
_pdbx_validate_symm_contact.auth_seq_id_1     10 
_pdbx_validate_symm_contact.PDB_ins_code_1    ? 
_pdbx_validate_symm_contact.label_alt_id_1    ? 
_pdbx_validate_symm_contact.site_symmetry_1   1_555 
_pdbx_validate_symm_contact.auth_atom_id_2    OP1 
_pdbx_validate_symm_contact.auth_asym_id_2    C 
_pdbx_validate_symm_contact.auth_comp_id_2    DT 
_pdbx_validate_symm_contact.auth_seq_id_2     1 
_pdbx_validate_symm_contact.PDB_ins_code_2    ? 
_pdbx_validate_symm_contact.label_alt_id_2    ? 
_pdbx_validate_symm_contact.site_symmetry_2   5_554 
_pdbx_validate_symm_contact.dist              1.55 
# 
loop_
_pdbx_validate_rmsd_angle.id 
_pdbx_validate_rmsd_angle.PDB_model_num 
_pdbx_validate_rmsd_angle.auth_atom_id_1 
_pdbx_validate_rmsd_angle.auth_asym_id_1 
_pdbx_validate_rmsd_angle.auth_comp_id_1 
_pdbx_validate_rmsd_angle.auth_seq_id_1 
_pdbx_validate_rmsd_angle.PDB_ins_code_1 
_pdbx_validate_rmsd_angle.label_alt_id_1 
_pdbx_validate_rmsd_angle.auth_atom_id_2 
_pdbx_validate_rmsd_angle.auth_asym_id_2 
_pdbx_validate_rmsd_angle.auth_comp_id_2 
_pdbx_validate_rmsd_angle.auth_seq_id_2 
_pdbx_validate_rmsd_angle.PDB_ins_code_2 
_pdbx_validate_rmsd_angle.label_alt_id_2 
_pdbx_validate_rmsd_angle.auth_atom_id_3 
_pdbx_validate_rmsd_angle.auth_asym_id_3 
_pdbx_validate_rmsd_angle.auth_comp_id_3 
_pdbx_validate_rmsd_angle.auth_seq_id_3 
_pdbx_validate_rmsd_angle.PDB_ins_code_3 
_pdbx_validate_rmsd_angle.label_alt_id_3 
_pdbx_validate_rmsd_angle.angle_value 
_pdbx_validate_rmsd_angle.angle_target_value 
_pdbx_validate_rmsd_angle.angle_deviation 
_pdbx_validate_rmsd_angle.angle_standard_deviation 
_pdbx_validate_rmsd_angle.linker_flag 
1 1 "O4'" A DT 4 ? ? "C1'" A DT 4 ? ? N1 A DT 4 ? ? 110.36 108.30 2.06 0.30 N 
2 1 "O4'" A DC 8 ? ? "C1'" A DC 8 ? ? N1 A DC 8 ? ? 110.17 108.30 1.87 0.30 N 
3 1 "O4'" D DT 2 ? ? "C1'" D DT 2 ? ? N1 D DT 2 ? ? 110.98 108.30 2.68 0.30 N 
4 1 "O4'" D DC 4 ? ? "C1'" D DC 4 ? ? N1 D DC 4 ? ? 110.15 108.30 1.85 0.30 N 
# 
loop_
_chem_comp_atom.comp_id 
_chem_comp_atom.atom_id 
_chem_comp_atom.type_symbol 
_chem_comp_atom.pdbx_aromatic_flag 
_chem_comp_atom.pdbx_stereo_config 
_chem_comp_atom.pdbx_ordinal 
DA OP3    O N N 1   
DA P      P N N 2   
DA OP1    O N N 3   
DA OP2    O N N 4   
DA "O5'"  O N N 5   
DA "C5'"  C N N 6   
DA "C4'"  C N R 7   
DA "O4'"  O N N 8   
DA "C3'"  C N S 9   
DA "O3'"  O N N 10  
DA "C2'"  C N N 11  
DA "C1'"  C N R 12  
DA N9     N Y N 13  
DA C8     C Y N 14  
DA N7     N Y N 15  
DA C5     C Y N 16  
DA C6     C Y N 17  
DA N6     N N N 18  
DA N1     N Y N 19  
DA C2     C Y N 20  
DA N3     N Y N 21  
DA C4     C Y N 22  
DA HOP3   H N N 23  
DA HOP2   H N N 24  
DA "H5'"  H N N 25  
DA "H5''" H N N 26  
DA "H4'"  H N N 27  
DA "H3'"  H N N 28  
DA "HO3'" H N N 29  
DA "H2'"  H N N 30  
DA "H2''" H N N 31  
DA "H1'"  H N N 32  
DA H8     H N N 33  
DA H61    H N N 34  
DA H62    H N N 35  
DA H2     H N N 36  
DC OP3    O N N 37  
DC P      P N N 38  
DC OP1    O N N 39  
DC OP2    O N N 40  
DC "O5'"  O N N 41  
DC "C5'"  C N N 42  
DC "C4'"  C N R 43  
DC "O4'"  O N N 44  
DC "C3'"  C N S 45  
DC "O3'"  O N N 46  
DC "C2'"  C N N 47  
DC "C1'"  C N R 48  
DC N1     N N N 49  
DC C2     C N N 50  
DC O2     O N N 51  
DC N3     N N N 52  
DC C4     C N N 53  
DC N4     N N N 54  
DC C5     C N N 55  
DC C6     C N N 56  
DC HOP3   H N N 57  
DC HOP2   H N N 58  
DC "H5'"  H N N 59  
DC "H5''" H N N 60  
DC "H4'"  H N N 61  
DC "H3'"  H N N 62  
DC "HO3'" H N N 63  
DC "H2'"  H N N 64  
DC "H2''" H N N 65  
DC "H1'"  H N N 66  
DC H41    H N N 67  
DC H42    H N N 68  
DC H5     H N N 69  
DC H6     H N N 70  
DG OP3    O N N 71  
DG P      P N N 72  
DG OP1    O N N 73  
DG OP2    O N N 74  
DG "O5'"  O N N 75  
DG "C5'"  C N N 76  
DG "C4'"  C N R 77  
DG "O4'"  O N N 78  
DG "C3'"  C N S 79  
DG "O3'"  O N N 80  
DG "C2'"  C N N 81  
DG "C1'"  C N R 82  
DG N9     N Y N 83  
DG C8     C Y N 84  
DG N7     N Y N 85  
DG C5     C Y N 86  
DG C6     C N N 87  
DG O6     O N N 88  
DG N1     N N N 89  
DG C2     C N N 90  
DG N2     N N N 91  
DG N3     N N N 92  
DG C4     C Y N 93  
DG HOP3   H N N 94  
DG HOP2   H N N 95  
DG "H5'"  H N N 96  
DG "H5''" H N N 97  
DG "H4'"  H N N 98  
DG "H3'"  H N N 99  
DG "HO3'" H N N 100 
DG "H2'"  H N N 101 
DG "H2''" H N N 102 
DG "H1'"  H N N 103 
DG H8     H N N 104 
DG H1     H N N 105 
DG H21    H N N 106 
DG H22    H N N 107 
DT OP3    O N N 108 
DT P      P N N 109 
DT OP1    O N N 110 
DT OP2    O N N 111 
DT "O5'"  O N N 112 
DT "C5'"  C N N 113 
DT "C4'"  C N R 114 
DT "O4'"  O N N 115 
DT "C3'"  C N S 116 
DT "O3'"  O N N 117 
DT "C2'"  C N N 118 
DT "C1'"  C N R 119 
DT N1     N N N 120 
DT C2     C N N 121 
DT O2     O N N 122 
DT N3     N N N 123 
DT C4     C N N 124 
DT O4     O N N 125 
DT C5     C N N 126 
DT C7     C N N 127 
DT C6     C N N 128 
DT HOP3   H N N 129 
DT HOP2   H N N 130 
DT "H5'"  H N N 131 
DT "H5''" H N N 132 
DT "H4'"  H N N 133 
DT "H3'"  H N N 134 
DT "HO3'" H N N 135 
DT "H2'"  H N N 136 
DT "H2''" H N N 137 
DT "H1'"  H N N 138 
DT H3     H N N 139 
DT H71    H N N 140 
DT H72    H N N 141 
DT H73    H N N 142 
DT H6     H N N 143 
# 
loop_
_chem_comp_bond.comp_id 
_chem_comp_bond.atom_id_1 
_chem_comp_bond.atom_id_2 
_chem_comp_bond.value_order 
_chem_comp_bond.pdbx_aromatic_flag 
_chem_comp_bond.pdbx_stereo_config 
_chem_comp_bond.pdbx_ordinal 
DA OP3   P      sing N N 1   
DA OP3   HOP3   sing N N 2   
DA P     OP1    doub N N 3   
DA P     OP2    sing N N 4   
DA P     "O5'"  sing N N 5   
DA OP2   HOP2   sing N N 6   
DA "O5'" "C5'"  sing N N 7   
DA "C5'" "C4'"  sing N N 8   
DA "C5'" "H5'"  sing N N 9   
DA "C5'" "H5''" sing N N 10  
DA "C4'" "O4'"  sing N N 11  
DA "C4'" "C3'"  sing N N 12  
DA "C4'" "H4'"  sing N N 13  
DA "O4'" "C1'"  sing N N 14  
DA "C3'" "O3'"  sing N N 15  
DA "C3'" "C2'"  sing N N 16  
DA "C3'" "H3'"  sing N N 17  
DA "O3'" "HO3'" sing N N 18  
DA "C2'" "C1'"  sing N N 19  
DA "C2'" "H2'"  sing N N 20  
DA "C2'" "H2''" sing N N 21  
DA "C1'" N9     sing N N 22  
DA "C1'" "H1'"  sing N N 23  
DA N9    C8     sing Y N 24  
DA N9    C4     sing Y N 25  
DA C8    N7     doub Y N 26  
DA C8    H8     sing N N 27  
DA N7    C5     sing Y N 28  
DA C5    C6     sing Y N 29  
DA C5    C4     doub Y N 30  
DA C6    N6     sing N N 31  
DA C6    N1     doub Y N 32  
DA N6    H61    sing N N 33  
DA N6    H62    sing N N 34  
DA N1    C2     sing Y N 35  
DA C2    N3     doub Y N 36  
DA C2    H2     sing N N 37  
DA N3    C4     sing Y N 38  
DC OP3   P      sing N N 39  
DC OP3   HOP3   sing N N 40  
DC P     OP1    doub N N 41  
DC P     OP2    sing N N 42  
DC P     "O5'"  sing N N 43  
DC OP2   HOP2   sing N N 44  
DC "O5'" "C5'"  sing N N 45  
DC "C5'" "C4'"  sing N N 46  
DC "C5'" "H5'"  sing N N 47  
DC "C5'" "H5''" sing N N 48  
DC "C4'" "O4'"  sing N N 49  
DC "C4'" "C3'"  sing N N 50  
DC "C4'" "H4'"  sing N N 51  
DC "O4'" "C1'"  sing N N 52  
DC "C3'" "O3'"  sing N N 53  
DC "C3'" "C2'"  sing N N 54  
DC "C3'" "H3'"  sing N N 55  
DC "O3'" "HO3'" sing N N 56  
DC "C2'" "C1'"  sing N N 57  
DC "C2'" "H2'"  sing N N 58  
DC "C2'" "H2''" sing N N 59  
DC "C1'" N1     sing N N 60  
DC "C1'" "H1'"  sing N N 61  
DC N1    C2     sing N N 62  
DC N1    C6     sing N N 63  
DC C2    O2     doub N N 64  
DC C2    N3     sing N N 65  
DC N3    C4     doub N N 66  
DC C4    N4     sing N N 67  
DC C4    C5     sing N N 68  
DC N4    H41    sing N N 69  
DC N4    H42    sing N N 70  
DC C5    C6     doub N N 71  
DC C5    H5     sing N N 72  
DC C6    H6     sing N N 73  
DG OP3   P      sing N N 74  
DG OP3   HOP3   sing N N 75  
DG P     OP1    doub N N 76  
DG P     OP2    sing N N 77  
DG P     "O5'"  sing N N 78  
DG OP2   HOP2   sing N N 79  
DG "O5'" "C5'"  sing N N 80  
DG "C5'" "C4'"  sing N N 81  
DG "C5'" "H5'"  sing N N 82  
DG "C5'" "H5''" sing N N 83  
DG "C4'" "O4'"  sing N N 84  
DG "C4'" "C3'"  sing N N 85  
DG "C4'" "H4'"  sing N N 86  
DG "O4'" "C1'"  sing N N 87  
DG "C3'" "O3'"  sing N N 88  
DG "C3'" "C2'"  sing N N 89  
DG "C3'" "H3'"  sing N N 90  
DG "O3'" "HO3'" sing N N 91  
DG "C2'" "C1'"  sing N N 92  
DG "C2'" "H2'"  sing N N 93  
DG "C2'" "H2''" sing N N 94  
DG "C1'" N9     sing N N 95  
DG "C1'" "H1'"  sing N N 96  
DG N9    C8     sing Y N 97  
DG N9    C4     sing Y N 98  
DG C8    N7     doub Y N 99  
DG C8    H8     sing N N 100 
DG N7    C5     sing Y N 101 
DG C5    C6     sing N N 102 
DG C5    C4     doub Y N 103 
DG C6    O6     doub N N 104 
DG C6    N1     sing N N 105 
DG N1    C2     sing N N 106 
DG N1    H1     sing N N 107 
DG C2    N2     sing N N 108 
DG C2    N3     doub N N 109 
DG N2    H21    sing N N 110 
DG N2    H22    sing N N 111 
DG N3    C4     sing N N 112 
DT OP3   P      sing N N 113 
DT OP3   HOP3   sing N N 114 
DT P     OP1    doub N N 115 
DT P     OP2    sing N N 116 
DT P     "O5'"  sing N N 117 
DT OP2   HOP2   sing N N 118 
DT "O5'" "C5'"  sing N N 119 
DT "C5'" "C4'"  sing N N 120 
DT "C5'" "H5'"  sing N N 121 
DT "C5'" "H5''" sing N N 122 
DT "C4'" "O4'"  sing N N 123 
DT "C4'" "C3'"  sing N N 124 
DT "C4'" "H4'"  sing N N 125 
DT "O4'" "C1'"  sing N N 126 
DT "C3'" "O3'"  sing N N 127 
DT "C3'" "C2'"  sing N N 128 
DT "C3'" "H3'"  sing N N 129 
DT "O3'" "HO3'" sing N N 130 
DT "C2'" "C1'"  sing N N 131 
DT "C2'" "H2'"  sing N N 132 
DT "C2'" "H2''" sing N N 133 
DT "C1'" N1     sing N N 134 
DT "C1'" "H1'"  sing N N 135 
DT N1    C2     sing N N 136 
DT N1    C6     sing N N 137 
DT C2    O2     doub N N 138 
DT C2    N3     sing N N 139 
DT N3    C4     sing N N 140 
DT N3    H3     sing N N 141 
DT C4    O4     doub N N 142 
DT C4    C5     sing N N 143 
DT C5    C7     sing N N 144 
DT C5    C6     doub N N 145 
DT C7    H71    sing N N 146 
DT C7    H72    sing N N 147 
DT C7    H73    sing N N 148 
DT C6    H6     sing N N 149 
# 
loop_
_ndb_struct_conf_na.entry_id 
_ndb_struct_conf_na.feature 
6DKL 'double helix'        
6DKL 'a-form double helix' 
6DKL 'b-form double helix' 
# 
loop_
_ndb_struct_na_base_pair.model_number 
_ndb_struct_na_base_pair.i_label_asym_id 
_ndb_struct_na_base_pair.i_label_comp_id 
_ndb_struct_na_base_pair.i_label_seq_id 
_ndb_struct_na_base_pair.i_symmetry 
_ndb_struct_na_base_pair.j_label_asym_id 
_ndb_struct_na_base_pair.j_label_comp_id 
_ndb_struct_na_base_pair.j_label_seq_id 
_ndb_struct_na_base_pair.j_symmetry 
_ndb_struct_na_base_pair.shear 
_ndb_struct_na_base_pair.stretch 
_ndb_struct_na_base_pair.stagger 
_ndb_struct_na_base_pair.buckle 
_ndb_struct_na_base_pair.propeller 
_ndb_struct_na_base_pair.opening 
_ndb_struct_na_base_pair.pair_number 
_ndb_struct_na_base_pair.pair_name 
_ndb_struct_na_base_pair.i_auth_asym_id 
_ndb_struct_na_base_pair.i_auth_seq_id 
_ndb_struct_na_base_pair.i_PDB_ins_code 
_ndb_struct_na_base_pair.j_auth_asym_id 
_ndb_struct_na_base_pair.j_auth_seq_id 
_ndb_struct_na_base_pair.j_PDB_ins_code 
_ndb_struct_na_base_pair.hbond_type_28 
_ndb_struct_na_base_pair.hbond_type_12 
1 A DG 1  1_555 D DC 10 1_555 1.007  0.265  0.662  15.885 -7.995  -1.220  1  A_DG1:DC10_D A 1  ? D 10 ? 19 1 
1 A DG 2  1_555 D DC 9  1_555 1.109  0.186  0.356  6.680  -14.921 1.252   2  A_DG2:DC9_D  A 2  ? D 9  ? 19 1 
1 A DA 3  1_555 D DT 8  1_555 0.837  -0.185 0.031  -8.612 -12.706 -3.913  3  A_DA3:DT8_D  A 3  ? D 8  ? 20 1 
1 A DT 4  1_555 D DA 7  1_555 -0.918 -0.271 0.381  -0.700 -8.116  -5.546  4  A_DT4:DA7_D  A 4  ? D 7  ? 20 1 
1 A DG 5  1_555 C DC 5  1_555 0.072  0.231  -0.340 -2.618 2.347   7.364   5  A_DG5:DC5_C  A 5  ? C 5  ? 19 1 
1 A DC 6  1_555 C DG 4  1_555 -0.138 0.246  -0.019 13.305 -3.025  -4.133  6  A_DC6:DG4_C  A 6  ? C 4  ? 19 1 
1 A DA 7  1_555 C DT 3  1_555 1.734  -0.028 0.434  7.525  -14.174 -7.516  7  A_DA7:DT3_C  A 7  ? C 3  ? 20 1 
1 A DC 8  1_555 C DG 2  1_555 -0.242 -0.346 0.265  4.609  -8.534  -2.775  8  A_DC8:DG2_C  A 8  ? C 2  ? 19 1 
1 A DA 9  1_555 C DT 1  1_555 -0.582 -0.452 0.457  -3.382 -16.946 -0.559  9  A_DA9:DT1_C  A 9  ? C 1  ? 20 1 
1 B DC 1  1_555 C DG 9  1_555 -1.111 0.045  0.439  1.654  -7.944  1.328   10 B_DC1:DG9_C  B 1  ? C 9  ? 19 1 
1 B DA 2  1_555 C DT 8  1_555 1.155  -0.394 0.602  9.251  -9.062  -12.185 11 B_DA2:DT8_C  B 2  ? C 8  ? 20 1 
1 B DC 3  1_555 C DG 7  1_555 -0.402 0.132  0.291  5.179  -9.350  -1.208  12 B_DC3:DG7_C  B 3  ? C 7  ? 19 1 
1 B DA 4  1_555 C DT 6  1_555 0.642  -0.005 0.340  0.464  -8.808  -18.696 13 B_DA4:DT6_C  B 4  ? C 6  ? 20 1 
1 B DC 5  1_555 D DG 6  1_555 -1.233 0.359  0.566  -1.429 -11.036 5.769   14 B_DC5:DG6_D  B 5  ? D 6  ? 19 1 
1 B DC 6  1_555 D DG 5  1_555 -1.445 0.208  1.138  -0.257 -10.013 7.935   15 B_DC6:DG5_D  B 6  ? D 5  ? ?  1 
1 B DG 7  1_555 D DC 4  1_555 1.469  0.419  0.205  -2.013 -9.318  9.492   16 B_DG7:DC4_D  B 7  ? D 4  ? ?  1 
1 B DT 8  1_555 D DA 3  1_555 -0.620 0.159  0.312  -1.427 -12.417 -4.516  17 B_DT8:DA3_D  B 8  ? D 3  ? 20 1 
1 B DA 9  1_555 D DT 2  1_555 0.363  -0.300 0.606  -1.886 -3.994  -2.453  18 B_DA9:DT2_D  B 9  ? D 2  ? 20 1 
1 B DC 10 1_555 D DG 1  1_555 -0.447 0.294  0.477  1.098  -10.048 0.871   19 B_DC10:DG1_D B 10 ? D 1  ? 19 1 
# 
loop_
_ndb_struct_na_base_pair_step.model_number 
_ndb_struct_na_base_pair_step.i_label_asym_id_1 
_ndb_struct_na_base_pair_step.i_label_comp_id_1 
_ndb_struct_na_base_pair_step.i_label_seq_id_1 
_ndb_struct_na_base_pair_step.i_symmetry_1 
_ndb_struct_na_base_pair_step.j_label_asym_id_1 
_ndb_struct_na_base_pair_step.j_label_comp_id_1 
_ndb_struct_na_base_pair_step.j_label_seq_id_1 
_ndb_struct_na_base_pair_step.j_symmetry_1 
_ndb_struct_na_base_pair_step.i_label_asym_id_2 
_ndb_struct_na_base_pair_step.i_label_comp_id_2 
_ndb_struct_na_base_pair_step.i_label_seq_id_2 
_ndb_struct_na_base_pair_step.i_symmetry_2 
_ndb_struct_na_base_pair_step.j_label_asym_id_2 
_ndb_struct_na_base_pair_step.j_label_comp_id_2 
_ndb_struct_na_base_pair_step.j_label_seq_id_2 
_ndb_struct_na_base_pair_step.j_symmetry_2 
_ndb_struct_na_base_pair_step.shift 
_ndb_struct_na_base_pair_step.slide 
_ndb_struct_na_base_pair_step.rise 
_ndb_struct_na_base_pair_step.tilt 
_ndb_struct_na_base_pair_step.roll 
_ndb_struct_na_base_pair_step.twist 
_ndb_struct_na_base_pair_step.x_displacement 
_ndb_struct_na_base_pair_step.y_displacement 
_ndb_struct_na_base_pair_step.helical_rise 
_ndb_struct_na_base_pair_step.inclination 
_ndb_struct_na_base_pair_step.tip 
_ndb_struct_na_base_pair_step.helical_twist 
_ndb_struct_na_base_pair_step.step_number 
_ndb_struct_na_base_pair_step.step_name 
_ndb_struct_na_base_pair_step.i_auth_asym_id_1 
_ndb_struct_na_base_pair_step.i_auth_seq_id_1 
_ndb_struct_na_base_pair_step.i_PDB_ins_code_1 
_ndb_struct_na_base_pair_step.j_auth_asym_id_1 
_ndb_struct_na_base_pair_step.j_auth_seq_id_1 
_ndb_struct_na_base_pair_step.j_PDB_ins_code_1 
_ndb_struct_na_base_pair_step.i_auth_asym_id_2 
_ndb_struct_na_base_pair_step.i_auth_seq_id_2 
_ndb_struct_na_base_pair_step.i_PDB_ins_code_2 
_ndb_struct_na_base_pair_step.j_auth_asym_id_2 
_ndb_struct_na_base_pair_step.j_auth_seq_id_2 
_ndb_struct_na_base_pair_step.j_PDB_ins_code_2 
1 A DG 1 1_555 D DC 10 1_555 A DG 2  1_555 D DC 9 1_555 0.451  -0.096 3.653 -0.121 -1.165 31.838 0.063  -0.846 3.652 -2.123 0.220  
31.859 1  AA_DG1DG2:DC9DC10_DD A 1 ? D 10 ? A 2  ? D 9 ? 
1 A DG 2 1_555 D DC 9  1_555 A DA 3  1_555 D DT 8 1_555 0.118  -0.653 3.388 2.136  0.863  43.585 -0.964 0.053  3.377 1.161  -2.875 
43.643 2  AA_DG2DA3:DT8DC9_DD  A 2 ? D 9  ? A 3  ? D 8 ? 
1 A DA 3 1_555 D DT 8  1_555 A DT 4  1_555 D DA 7 1_555 -0.194 -1.360 3.068 -4.355 -2.530 23.922 -2.452 -0.849 3.177 -6.019 10.360 
24.439 3  AA_DA3DT4:DA7DT8_DD  A 3 ? D 8  ? A 4  ? D 7 ? 
1 A DT 4 1_555 D DA 7  1_555 A DG 5  1_555 C DC 5 1_555 -0.363 -1.327 3.141 2.562  0.654  34.211 -2.348 0.998  3.081 1.109  -4.346 
34.310 4  AA_DT4DG5:DC5DA7_CD  A 4 ? D 7  ? A 5  ? C 5 ? 
1 A DG 5 1_555 C DC 5  1_555 A DC 6  1_555 C DG 4 1_555 -0.814 -0.823 2.982 -3.722 1.931  22.409 -2.721 0.830  2.995 4.915  9.470  
22.793 5  AA_DG5DC6:DG4DC5_CC  A 5 ? C 5  ? A 6  ? C 4 ? 
1 A DC 6 1_555 C DG 4  1_555 A DA 7  1_555 C DT 3 1_555 -0.210 0.777  3.564 -0.254 -1.346 48.922 1.048  0.233  3.544 -1.625 0.306  
48.940 6  AA_DC6DA7:DT3DG4_CC  A 6 ? C 4  ? A 7  ? C 3 ? 
1 A DA 7 1_555 C DT 3  1_555 A DC 8  1_555 C DG 2 1_555 0.847  -1.709 3.224 -1.346 -0.118 27.114 -3.612 -2.136 3.186 -0.252 2.868  
27.147 7  AA_DA7DC8:DG2DT3_CC  A 7 ? C 3  ? A 8  ? C 2 ? 
1 A DC 8 1_555 C DG 2  1_555 A DA 9  1_555 C DT 1 1_555 0.088  -1.101 3.341 -2.304 -0.147 29.828 -2.102 -0.657 3.331 -0.286 4.467  
29.915 8  AA_DC8DA9:DT1DG2_CC  A 8 ? C 2  ? A 9  ? C 1 ? 
1 B DC 1 1_555 C DG 9  1_555 B DA 2  1_555 C DT 8 1_555 0.124  0.227  3.210 0.116  1.078  53.268 0.186  -0.132 3.214 1.202  -0.129 
53.278 9  BB_DC1DA2:DT8DG9_CC  B 1 ? C 9  ? B 2  ? C 8 ? 
1 B DA 2 1_555 C DT 8  1_555 B DC 3  1_555 C DG 7 1_555 0.323  -1.525 3.348 -0.306 -0.107 22.145 -3.929 -0.960 3.350 -0.279 0.796  
22.148 10 BB_DA2DC3:DG7DT8_CC  B 2 ? C 8  ? B 3  ? C 7 ? 
1 B DC 3 1_555 C DG 7  1_555 B DA 4  1_555 C DT 6 1_555 -1.721 -1.159 3.146 -6.298 -0.155 41.108 -1.617 1.757  3.366 -0.219 8.906  
41.567 11 BB_DC3DA4:DT6DG7_CC  B 3 ? C 7  ? B 4  ? C 6 ? 
1 B DA 4 1_555 C DT 6  1_555 B DC 5  1_555 D DG 6 1_555 -0.172 -1.892 3.140 -3.391 1.292  17.327 -6.876 -1.350 2.970 4.229  11.099 
17.700 12 BB_DA4DC5:DG6DT6_DC  B 4 ? C 6  ? B 5  ? D 6 ? 
1 B DC 5 1_555 D DG 6  1_555 B DC 6  1_555 D DG 5 1_555 0.159  -0.384 3.344 -2.399 0.689  33.233 -0.786 -0.684 3.316 1.202  4.186  
33.324 13 BB_DC5DC6:DG5DG6_DD  B 5 ? D 6  ? B 6  ? D 5 ? 
1 B DC 6 1_555 D DG 5  1_555 B DG 7  1_555 D DC 4 1_555 -0.254 1.024  3.524 2.709  2.833  54.471 0.931  0.453  3.553 3.090  -2.955 
54.601 14 BB_DC6DG7:DC4DG5_DD  B 6 ? D 5  ? B 7  ? D 4 ? 
1 B DG 7 1_555 D DC 4  1_555 B DT 8  1_555 D DA 3 1_555 -0.765 -1.169 3.286 -3.222 2.244  19.051 -4.570 0.670  3.212 6.688  9.604  
19.448 15 BB_DG7DT8:DA3DC4_DD  B 7 ? D 4  ? B 8  ? D 3 ? 
1 B DT 8 1_555 D DA 3  1_555 B DA 9  1_555 D DT 2 1_555 0.547  -0.135 3.369 -1.246 -1.324 39.435 -0.040 -0.961 3.353 -1.961 1.845  
39.476 16 BB_DT8DA9:DT2DA3_DD  B 8 ? D 3  ? B 9  ? D 2 ? 
1 B DA 9 1_555 D DT 2  1_555 B DC 10 1_555 D DG 1 1_555 -0.049 -1.180 3.194 -0.027 -1.331 25.763 -2.277 0.102  3.250 -2.983 0.061  
25.797 17 BB_DA9DC10:DG1DT2_DD B 9 ? D 2  ? B 10 ? D 1 ? 
# 
loop_
_pdbx_audit_support.funding_organization 
_pdbx_audit_support.country 
_pdbx_audit_support.grant_number 
_pdbx_audit_support.ordinal 
'National Institutes of Health/National Human Genome Research Institute (NIH/NHGRI)' 'United States' R01GM104960 1 
'National Science Foundation (NSF, United States)'                                   'United States' 1360635     2 
# 
_atom_sites.entry_id                    6DKL 
_atom_sites.fract_transf_matrix[1][1]   0.01263111 
_atom_sites.fract_transf_matrix[1][2]   -0.00988754 
_atom_sites.fract_transf_matrix[1][3]   0.00525465 
_atom_sites.fract_transf_matrix[2][1]   0.00517192 
_atom_sites.fract_transf_matrix[2][2]   -0.01289589 
_atom_sites.fract_transf_matrix[2][3]   -0.00958550 
_atom_sites.fract_transf_matrix[3][1]   0.00459918 
_atom_sites.fract_transf_matrix[3][2]   0.00419489 
_atom_sites.fract_transf_matrix[3][3]   -0.00316209 
_atom_sites.fract_transf_vector[1]      -0.462797 
_atom_sites.fract_transf_vector[2]      0.059955 
_atom_sites.fract_transf_vector[3]      -0.112767 
# 
loop_
_atom_type.symbol 
C  
H  
MG 
N  
O  
P  
# 
loop_
_atom_site.group_PDB 
_atom_site.id 
_atom_site.type_symbol 
_atom_site.label_atom_id 
_atom_site.label_alt_id 
_atom_site.label_comp_id 
_atom_site.label_asym_id 
_atom_site.label_entity_id 
_atom_site.label_seq_id 
_atom_site.pdbx_PDB_ins_code 
_atom_site.Cartn_x 
_atom_site.Cartn_y 
_atom_site.Cartn_z 
_atom_site.occupancy 
_atom_site.B_iso_or_equiv 
_atom_site.pdbx_formal_charge 
_atom_site.auth_seq_id 
_atom_site.auth_comp_id 
_atom_site.auth_asym_id 
_atom_site.auth_atom_id 
_atom_site.pdbx_PDB_model_num 
ATOM 1    C "C4'"  . DG A 1 1  ? 11.199  -6.524  -11.267 1.00 149.02 ? 1  DG A "C4'"  1 
ATOM 2    O "O4'"  . DG A 1 1  ? 10.996  -5.343  -12.076 1.00 148.85 ? 1  DG A "O4'"  1 
ATOM 3    C "C3'"  . DG A 1 1  ? 11.688  -6.004  -9.933  1.00 144.68 ? 1  DG A "C3'"  1 
ATOM 4    O "O3'"  . DG A 1 1  ? 13.102  -5.868  -9.928  1.00 157.70 ? 1  DG A "O3'"  1 
ATOM 5    C "C2'"  . DG A 1 1  ? 10.971  -4.661  -9.798  1.00 135.37 ? 1  DG A "C2'"  1 
ATOM 6    C "C1'"  . DG A 1 1  ? 10.705  -4.233  -11.248 1.00 134.97 ? 1  DG A "C1'"  1 
ATOM 7    N N9     . DG A 1 1  ? 9.326   -3.808  -11.503 1.00 127.19 ? 1  DG A N9     1 
ATOM 8    C C8     . DG A 1 1  ? 8.186   -4.234  -10.860 1.00 125.75 ? 1  DG A C8     1 
ATOM 9    N N7     . DG A 1 1  ? 7.095   -3.672  -11.306 1.00 122.70 ? 1  DG A N7     1 
ATOM 10   C C5     . DG A 1 1  ? 7.537   -2.823  -12.311 1.00 119.70 ? 1  DG A C5     1 
ATOM 11   C C6     . DG A 1 1  ? 6.806   -1.952  -13.154 1.00 121.84 ? 1  DG A C6     1 
ATOM 12   O O6     . DG A 1 1  ? 5.581   -1.757  -13.179 1.00 119.49 ? 1  DG A O6     1 
ATOM 13   N N1     . DG A 1 1  ? 7.642   -1.270  -14.037 1.00 121.75 ? 1  DG A N1     1 
ATOM 14   C C2     . DG A 1 1  ? 9.010   -1.413  -14.096 1.00 125.13 ? 1  DG A C2     1 
ATOM 15   N N2     . DG A 1 1  ? 9.643   -0.668  -15.017 1.00 127.91 ? 1  DG A N2     1 
ATOM 16   N N3     . DG A 1 1  ? 9.708   -2.225  -13.308 1.00 119.57 ? 1  DG A N3     1 
ATOM 17   C C4     . DG A 1 1  ? 8.908   -2.896  -12.445 1.00 121.00 ? 1  DG A C4     1 
ATOM 18   H "H4'"  . DG A 1 1  ? 11.893  -7.068  -11.669 1.00 180.32 ? 1  DG A "H4'"  1 
ATOM 19   H "H3'"  . DG A 1 1  ? 11.407  -6.602  -9.221  1.00 175.11 ? 1  DG A "H3'"  1 
ATOM 20   H "H2'"  . DG A 1 1  ? 10.135  -4.768  -9.318  1.00 163.95 ? 1  DG A "H2'"  1 
ATOM 21   H "H2''" . DG A 1 1  ? 11.541  -4.015  -9.352  1.00 163.95 ? 1  DG A "H2''" 1 
ATOM 22   H "H1'"  . DG A 1 1  ? 11.306  -3.506  -11.476 1.00 163.46 ? 1  DG A "H1'"  1 
ATOM 23   H H8     . DG A 1 1  ? 8.193   -4.858  -10.170 1.00 152.40 ? 1  DG A H8     1 
ATOM 24   H H1     . DG A 1 1  ? 7.274   -0.719  -14.587 1.00 147.59 ? 1  DG A H1     1 
ATOM 25   H H21    . DG A 1 1  ? 10.498  -0.718  -15.096 1.00 154.98 ? 1  DG A H21    1 
ATOM 26   H H22    . DG A 1 1  ? 9.195   -0.141  -15.527 1.00 154.98 ? 1  DG A H22    1 
ATOM 27   P P      . DG A 1 2  ? 13.837  -5.271  -8.632  1.00 162.75 ? 2  DG A P      1 
ATOM 28   O OP1    . DG A 1 2  ? 15.211  -5.824  -8.580  1.00 171.22 ? 2  DG A OP1    1 
ATOM 29   O OP2    . DG A 1 2  ? 12.912  -5.465  -7.490  1.00 166.47 ? 2  DG A OP2    1 
ATOM 30   O "O5'"  . DG A 1 2  ? 13.896  -3.697  -8.914  1.00 148.56 ? 2  DG A "O5'"  1 
ATOM 31   C "C5'"  . DG A 1 2  ? 14.914  -3.160  -9.743  1.00 153.71 ? 2  DG A "C5'"  1 
ATOM 32   C "C4'"  . DG A 1 2  ? 14.442  -1.881  -10.409 1.00 149.71 ? 2  DG A "C4'"  1 
ATOM 33   O "O4'"  . DG A 1 2  ? 13.028  -1.966  -10.657 1.00 139.00 ? 2  DG A "O4'"  1 
ATOM 34   C "C3'"  . DG A 1 2  ? 14.630  -0.617  -9.582  1.00 140.63 ? 2  DG A "C3'"  1 
ATOM 35   O "O3'"  . DG A 1 2  ? 15.787  0.070   -10.002 1.00 145.86 ? 2  DG A "O3'"  1 
ATOM 36   C "C2'"  . DG A 1 2  ? 13.353  0.209   -9.814  1.00 129.38 ? 2  DG A "C2'"  1 
ATOM 37   C "C1'"  . DG A 1 2  ? 12.489  -0.666  -10.706 1.00 125.45 ? 2  DG A "C1'"  1 
ATOM 38   N N9     . DG A 1 2  ? 11.095  -0.739  -10.295 1.00 119.54 ? 2  DG A N9     1 
ATOM 39   C C8     . DG A 1 2  ? 10.563  -1.544  -9.318  1.00 118.18 ? 2  DG A C8     1 
ATOM 40   N N7     . DG A 1 2  ? 9.271   -1.417  -9.184  1.00 114.26 ? 2  DG A N7     1 
ATOM 41   C C5     . DG A 1 2  ? 8.925   -0.471  -10.139 1.00 117.77 ? 2  DG A C5     1 
ATOM 42   C C6     . DG A 1 2  ? 7.661   0.068   -10.468 1.00 117.77 ? 2  DG A C6     1 
ATOM 43   O O6     . DG A 1 2  ? 6.560   -0.192  -9.957  1.00 122.07 ? 2  DG A O6     1 
ATOM 44   N N1     . DG A 1 2  ? 7.752   1.005   -11.502 1.00 114.75 ? 2  DG A N1     1 
ATOM 45   C C2     . DG A 1 2  ? 8.920   1.366   -12.135 1.00 115.64 ? 2  DG A C2     1 
ATOM 46   N N2     . DG A 1 2  ? 8.810   2.289   -13.105 1.00 110.56 ? 2  DG A N2     1 
ATOM 47   N N3     . DG A 1 2  ? 10.113  0.863   -11.834 1.00 118.69 ? 2  DG A N3     1 
ATOM 48   C C4     . DG A 1 2  ? 10.038  -0.046  -10.833 1.00 119.47 ? 2  DG A C4     1 
ATOM 49   H "H5'"  . DG A 1 2  ? 15.146  -3.808  -10.425 1.00 185.96 ? 2  DG A "H5'"  1 
ATOM 50   H "H5''" . DG A 1 2  ? 15.697  -2.969  -9.204  1.00 185.96 ? 2  DG A "H5''" 1 
ATOM 51   H "H4'"  . DG A 1 2  ? 14.905  -1.776  -11.255 1.00 181.15 ? 2  DG A "H4'"  1 
ATOM 52   H "H3'"  . DG A 1 2  ? 14.706  -0.848  -8.642  1.00 170.26 ? 2  DG A "H3'"  1 
ATOM 53   H "H2'"  . DG A 1 2  ? 12.904  0.382   -8.971  1.00 156.76 ? 2  DG A "H2'"  1 
ATOM 54   H "H2''" . DG A 1 2  ? 13.566  1.043   -10.263 1.00 156.76 ? 2  DG A "H2''" 1 
ATOM 55   H "H1'"  . DG A 1 2  ? 12.535  -0.336  -11.617 1.00 152.04 ? 2  DG A "H1'"  1 
ATOM 56   H H8     . DG A 1 2  ? 11.074  -2.125  -8.802  1.00 143.31 ? 2  DG A H8     1 
ATOM 57   H H1     . DG A 1 2  ? 7.025   1.387   -11.757 1.00 139.20 ? 2  DG A H1     1 
ATOM 58   H H21    . DG A 1 2  ? 9.510   2.552   -13.528 1.00 134.17 ? 2  DG A H21    1 
ATOM 59   H H22    . DG A 1 2  ? 8.039   2.617   -13.301 1.00 134.17 ? 2  DG A H22    1 
ATOM 60   P P      . DA A 1 3  ? 16.100  1.528   -9.414  1.00 158.72 ? 3  DA A P      1 
ATOM 61   O OP1    . DA A 1 3  ? 17.564  1.736   -9.436  1.00 153.83 ? 3  DA A OP1    1 
ATOM 62   O OP2    . DA A 1 3  ? 15.342  1.666   -8.151  1.00 163.01 ? 3  DA A OP2    1 
ATOM 63   O "O5'"  . DA A 1 3  ? 15.421  2.509   -10.460 1.00 152.30 ? 3  DA A "O5'"  1 
ATOM 64   C "C5'"  . DA A 1 3  ? 14.965  3.753   -10.028 1.00 157.58 ? 3  DA A "C5'"  1 
ATOM 65   C "C4'"  . DA A 1 3  ? 14.259  4.457   -11.148 1.00 145.99 ? 3  DA A "C4'"  1 
ATOM 66   O "O4'"  . DA A 1 3  ? 13.065  3.718   -11.484 1.00 139.61 ? 3  DA A "O4'"  1 
ATOM 67   C "C3'"  . DA A 1 3  ? 13.834  5.876   -10.818 1.00 136.65 ? 3  DA A "C3'"  1 
ATOM 68   O "O3'"  . DA A 1 3  ? 14.219  6.764   -11.845 1.00 146.39 ? 3  DA A "O3'"  1 
ATOM 69   C "C2'"  . DA A 1 3  ? 12.320  5.820   -10.646 1.00 129.37 ? 3  DA A "C2'"  1 
ATOM 70   C "C1'"  . DA A 1 3  ? 11.903  4.470   -11.207 1.00 127.76 ? 3  DA A "C1'"  1 
ATOM 71   N N9     . DA A 1 3  ? 11.076  3.716   -10.281 1.00 119.91 ? 3  DA A N9     1 
ATOM 72   C C8     . DA A 1 3  ? 11.489  2.779   -9.378  1.00 120.42 ? 3  DA A C8     1 
ATOM 73   N N7     . DA A 1 3  ? 10.514  2.266   -8.670  1.00 115.97 ? 3  DA A N7     1 
ATOM 74   C C5     . DA A 1 3  ? 9.386   2.920   -9.138  1.00 110.71 ? 3  DA A C5     1 
ATOM 75   C C6     . DA A 1 3  ? 8.023   2.829   -8.796  1.00 110.93 ? 3  DA A C6     1 
ATOM 76   N N6     . DA A 1 3  ? 7.559   2.001   -7.856  1.00 116.57 ? 3  DA A N6     1 
ATOM 77   N N1     . DA A 1 3  ? 7.153   3.626   -9.459  1.00 105.15 ? 3  DA A N1     1 
ATOM 78   C C2     . DA A 1 3  ? 7.626   4.453   -10.398 1.00 107.36 ? 3  DA A C2     1 
ATOM 79   N N3     . DA A 1 3  ? 8.882   4.626   -10.805 1.00 115.37 ? 3  DA A N3     1 
ATOM 80   C C4     . DA A 1 3  ? 9.719   3.821   -10.128 1.00 114.45 ? 3  DA A C4     1 
ATOM 81   H "H5'"  . DA A 1 3  ? 15.719  4.289   -9.735  1.00 190.59 ? 3  DA A "H5'"  1 
ATOM 82   H "H5''" . DA A 1 3  ? 14.351  3.630   -9.287  1.00 190.59 ? 3  DA A "H5''" 1 
ATOM 83   H "H4'"  . DA A 1 3  ? 14.843  4.478   -11.921 1.00 176.68 ? 3  DA A "H4'"  1 
ATOM 84   H "H3'"  . DA A 1 3  ? 14.244  6.151   -9.983  1.00 165.48 ? 3  DA A "H3'"  1 
ATOM 85   H "H2'"  . DA A 1 3  ? 12.087  5.880   -9.707  1.00 156.74 ? 3  DA A "H2'"  1 
ATOM 86   H "H2''" . DA A 1 3  ? 11.898  6.537   -11.146 1.00 156.74 ? 3  DA A "H2''" 1 
ATOM 87   H "H1'"  . DA A 1 3  ? 11.412  4.608   -12.032 1.00 154.81 ? 3  DA A "H1'"  1 
ATOM 88   H H8     . DA A 1 3  ? 12.378  2.525   -9.280  1.00 146.00 ? 3  DA A H8     1 
ATOM 89   H H61    . DA A 1 3  ? 6.718   1.980   -7.678  1.00 141.39 ? 3  DA A H61    1 
ATOM 90   H H62    . DA A 1 3  ? 8.102   1.489   -7.427  1.00 141.39 ? 3  DA A H62    1 
ATOM 91   H H2     . DA A 1 3  ? 6.989   4.979   -10.828 1.00 130.33 ? 3  DA A H2     1 
ATOM 92   P P      . DT A 1 4  ? 14.391  8.326   -11.516 1.00 170.93 ? 4  DT A P      1 
ATOM 93   O OP1    . DT A 1 4  ? 14.912  8.971   -12.743 1.00 186.12 ? 4  DT A OP1    1 
ATOM 94   O OP2    . DT A 1 4  ? 15.095  8.456   -10.217 1.00 163.69 ? 4  DT A OP2    1 
ATOM 95   O "O5'"  . DT A 1 4  ? 12.897  8.833   -11.314 1.00 143.52 ? 4  DT A "O5'"  1 
ATOM 96   C "C5'"  . DT A 1 4  ? 12.047  8.874   -12.423 1.00 134.20 ? 4  DT A "C5'"  1 
ATOM 97   C "C4'"  . DT A 1 4  ? 10.637  9.216   -12.012 1.00 144.20 ? 4  DT A "C4'"  1 
ATOM 98   O "O4'"  . DT A 1 4  ? 10.065  8.127   -11.235 1.00 150.59 ? 4  DT A "O4'"  1 
ATOM 99   C "C3'"  . DT A 1 4  ? 10.509  10.470  -11.134 1.00 141.92 ? 4  DT A "C3'"  1 
ATOM 100  O "O3'"  . DT A 1 4  ? 9.626   11.403  -11.749 1.00 141.30 ? 4  DT A "O3'"  1 
ATOM 101  C "C2'"  . DT A 1 4  ? 9.965   9.928   -9.811  1.00 128.86 ? 4  DT A "C2'"  1 
ATOM 102  C "C1'"  . DT A 1 4  ? 9.216   8.701   -10.278 1.00 130.41 ? 4  DT A "C1'"  1 
ATOM 103  N N1     . DT A 1 4  ? 8.903   7.716   -9.204  1.00 118.39 ? 4  DT A N1     1 
ATOM 104  C C2     . DT A 1 4  ? 7.589   7.541   -8.835  1.00 114.51 ? 4  DT A C2     1 
ATOM 105  O O2     . DT A 1 4  ? 6.661   8.156   -9.348  1.00 111.83 ? 4  DT A O2     1 
ATOM 106  N N3     . DT A 1 4  ? 7.394   6.625   -7.837  1.00 99.42  ? 4  DT A N3     1 
ATOM 107  C C4     . DT A 1 4  ? 8.355   5.887   -7.184  1.00 104.72 ? 4  DT A C4     1 
ATOM 108  O O4     . DT A 1 4  ? 8.074   5.086   -6.299  1.00 106.04 ? 4  DT A O4     1 
ATOM 109  C C5     . DT A 1 4  ? 9.715   6.120   -7.617  1.00 113.58 ? 4  DT A C5     1 
ATOM 110  C C7     . DT A 1 4  ? 10.844  5.368   -6.979  1.00 124.43 ? 4  DT A C7     1 
ATOM 111  C C6     . DT A 1 4  ? 9.921   7.016   -8.598  1.00 115.00 ? 4  DT A C6     1 
ATOM 112  H "H5'"  . DT A 1 4  ? 12.050  8.006   -12.858 1.00 162.54 ? 4  DT A "H5'"  1 
ATOM 113  H "H5''" . DT A 1 4  ? 12.370  9.543   -13.045 1.00 162.54 ? 4  DT A "H5''" 1 
ATOM 114  H "H4'"  . DT A 1 4  ? 10.102  9.342   -12.813 1.00 174.54 ? 4  DT A "H4'"  1 
ATOM 115  H "H3'"  . DT A 1 4  ? 11.380  10.873  -10.997 1.00 171.80 ? 4  DT A "H3'"  1 
ATOM 116  H "H2'"  . DT A 1 4  ? 10.688  9.686   -9.212  1.00 156.14 ? 4  DT A "H2'"  1 
ATOM 117  H "H2''" . DT A 1 4  ? 9.363   10.566  -9.396  1.00 156.14 ? 4  DT A "H2''" 1 
ATOM 118  H "H1'"  . DT A 1 4  ? 8.391   8.976   -10.709 1.00 157.99 ? 4  DT A "H1'"  1 
ATOM 119  H H3     . DT A 1 4  ? 6.580   6.498   -7.588  1.00 120.81 ? 4  DT A H3     1 
ATOM 120  H H71    . DT A 1 4  ? 11.312  4.852   -7.654  1.00 150.82 ? 4  DT A H71    1 
ATOM 121  H H72    . DT A 1 4  ? 11.460  5.998   -6.568  1.00 150.82 ? 4  DT A H72    1 
ATOM 122  H H73    . DT A 1 4  ? 10.493  4.772   -6.300  1.00 150.82 ? 4  DT A H73    1 
ATOM 123  H H6     . DT A 1 4  ? 10.794  7.170   -8.879  1.00 139.50 ? 4  DT A H6     1 
ATOM 124  P P      . DG A 1 5  ? 9.294   12.803  -11.042 1.00 154.81 ? 5  DG A P      1 
ATOM 125  O OP1    . DG A 1 5  ? 8.733   13.728  -12.057 1.00 151.01 ? 5  DG A OP1    1 
ATOM 126  O OP2    . DG A 1 5  ? 10.508  13.174  -10.276 1.00 178.83 ? 5  DG A OP2    1 
ATOM 127  O "O5'"  . DG A 1 5  ? 8.131   12.435  -10.007 1.00 138.97 ? 5  DG A "O5'"  1 
ATOM 128  C "C5'"  . DG A 1 5  ? 7.135   11.486  -10.374 1.00 133.90 ? 5  DG A "C5'"  1 
ATOM 129  C "C4'"  . DG A 1 5  ? 5.735   12.047  -10.185 1.00 133.77 ? 5  DG A "C4'"  1 
ATOM 130  O "O4'"  . DG A 1 5  ? 4.957   11.147  -9.360  1.00 127.48 ? 5  DG A "O4'"  1 
ATOM 131  C "C3'"  . DG A 1 5  ? 5.646   13.379  -9.472  1.00 136.30 ? 5  DG A "C3'"  1 
ATOM 132  O "O3'"  . DG A 1 5  ? 4.481   14.071  -9.891  1.00 150.02 ? 5  DG A "O3'"  1 
ATOM 133  C "C2'"  . DG A 1 5  ? 5.597   12.984  -7.994  1.00 129.34 ? 5  DG A "C2'"  1 
ATOM 134  C "C1'"  . DG A 1 5  ? 4.957   11.589  -8.014  1.00 116.83 ? 5  DG A "C1'"  1 
ATOM 135  N N9     . DG A 1 5  ? 5.658   10.578  -7.208  1.00 111.96 ? 5  DG A N9     1 
ATOM 136  C C8     . DG A 1 5  ? 7.007   10.300  -7.198  1.00 112.99 ? 5  DG A C8     1 
ATOM 137  N N7     . DG A 1 5  ? 7.333   9.322   -6.390  1.00 103.03 ? 5  DG A N7     1 
ATOM 138  C C5     . DG A 1 5  ? 6.120   8.918   -5.837  1.00 96.88  ? 5  DG A C5     1 
ATOM 139  C C6     . DG A 1 5  ? 5.840   7.895   -4.891  1.00 95.01  ? 5  DG A C6     1 
ATOM 140  O O6     . DG A 1 5  ? 6.644   7.115   -4.330  1.00 90.28  ? 5  DG A O6     1 
ATOM 141  N N1     . DG A 1 5  ? 4.470   7.822   -4.604  1.00 83.94  ? 5  DG A N1     1 
ATOM 142  C C2     . DG A 1 5  ? 3.503   8.642   -5.157  1.00 100.18 ? 5  DG A C2     1 
ATOM 143  N N2     . DG A 1 5  ? 2.231   8.438   -4.756  1.00 98.44  ? 5  DG A N2     1 
ATOM 144  N N3     . DG A 1 5  ? 3.758   9.598   -6.043  1.00 106.05 ? 5  DG A N3     1 
ATOM 145  C C4     . DG A 1 5  ? 5.081   9.679   -6.334  1.00 105.19 ? 5  DG A C4     1 
ATOM 146  H "H5'"  . DG A 1 5  ? 7.236   10.693  -9.825  1.00 162.18 ? 5  DG A "H5'"  1 
ATOM 147  H "H5''" . DG A 1 5  ? 7.256   11.244  -11.305 1.00 162.18 ? 5  DG A "H5''" 1 
ATOM 148  H "H4'"  . DG A 1 5  ? 5.308   12.125  -11.052 1.00 162.02 ? 5  DG A "H4'"  1 
ATOM 149  H "H3'"  . DG A 1 5  ? 6.437   13.910  -9.653  1.00 165.06 ? 5  DG A "H3'"  1 
ATOM 150  H "H2'"  . DG A 1 5  ? 6.491   12.944  -7.622  1.00 156.71 ? 5  DG A "H2'"  1 
ATOM 151  H "H2''" . DG A 1 5  ? 5.044   13.604  -7.493  1.00 156.71 ? 5  DG A "H2''" 1 
ATOM 152  H "H1'"  . DG A 1 5  ? 4.041   11.658  -7.706  1.00 141.70 ? 5  DG A "H1'"  1 
ATOM 153  H H8     . DG A 1 5  ? 7.627   10.764  -7.713  1.00 137.09 ? 5  DG A H8     1 
ATOM 154  H H1     . DG A 1 5  ? 4.214   7.232   -4.033  1.00 102.23 ? 5  DG A H1     1 
ATOM 155  H H21    . DG A 1 5  ? 1.597   8.924   -5.074  1.00 119.62 ? 5  DG A H21    1 
ATOM 156  H H22    . DG A 1 5  ? 2.055   7.821   -4.183  1.00 119.62 ? 5  DG A H22    1 
ATOM 157  P P      . DC A 1 6  ? 4.246   15.598  -9.461  1.00 150.96 ? 6  DC A P      1 
ATOM 158  O OP1    . DC A 1 6  ? 3.508   16.260  -10.562 1.00 153.96 ? 6  DC A OP1    1 
ATOM 159  O OP2    . DC A 1 6  ? 5.550   16.137  -9.000  1.00 149.55 ? 6  DC A OP2    1 
ATOM 160  O "O5'"  . DC A 1 6  ? 3.288   15.490  -8.182  1.00 135.62 ? 6  DC A "O5'"  1 
ATOM 161  C "C5'"  . DC A 1 6  ? 2.217   14.539  -8.152  1.00 140.01 ? 6  DC A "C5'"  1 
ATOM 162  C "C4'"  . DC A 1 6  ? 1.639   14.428  -6.751  1.00 130.04 ? 6  DC A "C4'"  1 
ATOM 163  O "O4'"  . DC A 1 6  ? 2.233   13.292  -6.048  1.00 123.03 ? 6  DC A "O4'"  1 
ATOM 164  C "C3'"  . DC A 1 6  ? 1.886   15.644  -5.852  1.00 132.55 ? 6  DC A "C3'"  1 
ATOM 165  O "O3'"  . DC A 1 6  ? 0.675   16.056  -5.266  1.00 134.60 ? 6  DC A "O3'"  1 
ATOM 166  C "C2'"  . DC A 1 6  ? 2.893   15.132  -4.820  1.00 120.52 ? 6  DC A "C2'"  1 
ATOM 167  C "C1'"  . DC A 1 6  ? 2.500   13.675  -4.719  1.00 108.08 ? 6  DC A "C1'"  1 
ATOM 168  N N1     . DC A 1 6  ? 3.546   12.746  -4.125  1.00 90.53  ? 6  DC A N1     1 
ATOM 169  C C2     . DC A 1 6  ? 3.126   11.708  -3.282  1.00 95.36  ? 6  DC A C2     1 
ATOM 170  O O2     . DC A 1 6  ? 1.919   11.591  -3.037  1.00 102.83 ? 6  DC A O2     1 
ATOM 171  N N3     . DC A 1 6  ? 4.051   10.854  -2.759  1.00 93.97  ? 6  DC A N3     1 
ATOM 172  C C4     . DC A 1 6  ? 5.342   11.008  -3.049  1.00 90.44  ? 6  DC A C4     1 
ATOM 173  N N4     . DC A 1 6  ? 6.212   10.148  -2.503  1.00 81.91  ? 6  DC A N4     1 
ATOM 174  C C5     . DC A 1 6  ? 5.800   12.062  -3.906  1.00 96.12  ? 6  DC A C5     1 
ATOM 175  C C6     . DC A 1 6  ? 4.874   12.899  -4.421  1.00 94.67  ? 6  DC A C6     1 
ATOM 176  H "H5'"  . DC A 1 6  ? 2.551   13.673  -8.430  1.00 169.51 ? 6  DC A "H5'"  1 
ATOM 177  H "H5''" . DC A 1 6  ? 1.520   14.824  -8.764  1.00 169.51 ? 6  DC A "H5''" 1 
ATOM 178  H "H4'"  . DC A 1 6  ? 0.682   14.283  -6.822  1.00 157.54 ? 6  DC A "H4'"  1 
ATOM 179  H "H3'"  . DC A 1 6  ? 2.273   16.368  -6.369  1.00 160.56 ? 6  DC A "H3'"  1 
ATOM 180  H "H2'"  . DC A 1 6  ? 3.802   15.225  -5.146  1.00 146.13 ? 6  DC A "H2'"  1 
ATOM 181  H "H2''" . DC A 1 6  ? 2.777   15.583  -3.968  1.00 146.13 ? 6  DC A "H2''" 1 
ATOM 182  H "H1'"  . DC A 1 6  ? 1.683   13.603  -4.200  1.00 131.20 ? 6  DC A "H1'"  1 
ATOM 183  H H41    . DC A 1 6  ? 7.052   10.221  -2.671  1.00 99.79  ? 6  DC A H41    1 
ATOM 184  H H42    . DC A 1 6  ? 5.930   9.522   -1.985  1.00 99.79  ? 6  DC A H42    1 
ATOM 185  H H5     . DC A 1 6  ? 6.703   12.164  -4.101  1.00 116.84 ? 6  DC A H5     1 
ATOM 186  H H6     . DC A 1 6  ? 5.141   13.589  -4.985  1.00 115.10 ? 6  DC A H6     1 
ATOM 187  P P      . DA A 1 7  ? 0.600   17.444  -4.475  1.00 146.67 ? 7  DA A P      1 
ATOM 188  O OP1    . DA A 1 7  ? -0.162  18.411  -5.305  1.00 161.26 ? 7  DA A OP1    1 
ATOM 189  O OP2    . DA A 1 7  ? 1.985   17.746  -4.042  1.00 136.35 ? 7  DA A OP2    1 
ATOM 190  O "O5'"  . DA A 1 7  ? -0.291  17.091  -3.197  1.00 143.85 ? 7  DA A "O5'"  1 
ATOM 191  C "C5'"  . DA A 1 7  ? -1.617  16.617  -3.380  1.00 148.27 ? 7  DA A "C5'"  1 
ATOM 192  C "C4'"  . DA A 1 7  ? -1.993  15.634  -2.294  1.00 136.04 ? 7  DA A "C4'"  1 
ATOM 193  O "O4'"  . DA A 1 7  ? -0.889  14.715  -2.068  1.00 124.03 ? 7  DA A "O4'"  1 
ATOM 194  C "C3'"  . DA A 1 7  ? -2.300  16.264  -0.946  1.00 137.29 ? 7  DA A "C3'"  1 
ATOM 195  O "O3'"  . DA A 1 7  ? -3.428  15.610  -0.355  1.00 148.08 ? 7  DA A "O3'"  1 
ATOM 196  C "C2'"  . DA A 1 7  ? -0.996  16.087  -0.157  1.00 121.40 ? 7  DA A "C2'"  1 
ATOM 197  C "C1'"  . DA A 1 7  ? -0.404  14.814  -0.742  1.00 113.22 ? 7  DA A "C1'"  1 
ATOM 198  N N9     . DA A 1 7  ? 1.061   14.788  -0.808  1.00 109.57 ? 7  DA A N9     1 
ATOM 199  C C8     . DA A 1 7  ? 1.864   15.639  -1.514  1.00 110.07 ? 7  DA A C8     1 
ATOM 200  N N7     . DA A 1 7  ? 3.148   15.360  -1.422  1.00 100.67 ? 7  DA A N7     1 
ATOM 201  C C5     . DA A 1 7  ? 3.193   14.236  -0.613  1.00 88.50  ? 7  DA A C5     1 
ATOM 202  C C6     . DA A 1 7  ? 4.265   13.445  -0.139  1.00 98.56  ? 7  DA A C6     1 
ATOM 203  N N6     . DA A 1 7  ? 5.548   13.695  -0.426  1.00 100.31 ? 7  DA A N6     1 
ATOM 204  N N1     . DA A 1 7  ? 3.965   12.390  0.656   1.00 98.16  ? 7  DA A N1     1 
ATOM 205  C C2     . DA A 1 7  ? 2.679   12.148  0.945   1.00 97.77  ? 7  DA A C2     1 
ATOM 206  N N3     . DA A 1 7  ? 1.587   12.819  0.557   1.00 95.25  ? 7  DA A N3     1 
ATOM 207  C C4     . DA A 1 7  ? 1.916   13.861  -0.228  1.00 98.24  ? 7  DA A C4     1 
ATOM 208  H "H5'"  . DA A 1 7  ? -1.682  16.179  -4.244  1.00 179.43 ? 7  DA A "H5'"  1 
ATOM 209  H "H5''" . DA A 1 7  ? -2.231  17.368  -3.358  1.00 179.43 ? 7  DA A "H5''" 1 
ATOM 210  H "H4'"  . DA A 1 7  ? -2.766  15.127  -2.585  1.00 164.75 ? 7  DA A "H4'"  1 
ATOM 211  H "H3'"  . DA A 1 7  ? -2.489  17.208  -1.061  1.00 166.25 ? 7  DA A "H3'"  1 
ATOM 212  H "H2'"  . DA A 1 7  ? -0.401  16.839  -0.303  1.00 147.18 ? 7  DA A "H2'"  1 
ATOM 213  H "H2''" . DA A 1 7  ? -1.181  15.973  0.789   1.00 147.18 ? 7  DA A "H2''" 1 
ATOM 214  H "H1'"  . DA A 1 7  ? -0.716  14.051  -0.231  1.00 137.37 ? 7  DA A "H1'"  1 
ATOM 215  H H8     . DA A 1 7  ? 1.534   16.355  -2.007  1.00 133.59 ? 7  DA A H8     1 
ATOM 216  H H61    . DA A 1 7  ? 6.166   13.190  -0.107  1.00 121.87 ? 7  DA A H61    1 
ATOM 217  H H62    . DA A 1 7  ? 5.754   14.362  -0.930  1.00 121.87 ? 7  DA A H62    1 
ATOM 218  H H2     . DA A 1 7  ? 2.523   11.414  1.494   1.00 118.82 ? 7  DA A H2     1 
ATOM 219  P P      . DC A 1 8  ? -3.902  15.958  1.140   1.00 146.69 ? 8  DC A P      1 
ATOM 220  O OP1    . DC A 1 8  ? -5.336  15.597  1.251   1.00 148.17 ? 8  DC A OP1    1 
ATOM 221  O OP2    . DC A 1 8  ? -3.461  17.331  1.465   1.00 147.62 ? 8  DC A OP2    1 
ATOM 222  O "O5'"  . DC A 1 8  ? -3.045  14.949  2.026   1.00 127.36 ? 8  DC A "O5'"  1 
ATOM 223  C "C5'"  . DC A 1 8  ? -2.650  15.306  3.318   1.00 121.14 ? 8  DC A "C5'"  1 
ATOM 224  C "C4'"  . DC A 1 8  ? -1.759  14.235  3.910   1.00 120.01 ? 8  DC A "C4'"  1 
ATOM 225  O "O4'"  . DC A 1 8  ? -0.503  14.176  3.168   1.00 110.42 ? 8  DC A "O4'"  1 
ATOM 226  C "C3'"  . DC A 1 8  ? -1.374  14.456  5.380   1.00 123.26 ? 8  DC A "C3'"  1 
ATOM 227  O "O3'"  . DC A 1 8  ? -1.659  13.293  6.150   1.00 131.32 ? 8  DC A "O3'"  1 
ATOM 228  C "C2'"  . DC A 1 8  ? 0.123   14.748  5.325   1.00 113.60 ? 8  DC A "C2'"  1 
ATOM 229  C "C1'"  . DC A 1 8  ? 0.551   13.987  4.088   1.00 98.64  ? 8  DC A "C1'"  1 
ATOM 230  N N1     . DC A 1 8  ? 1.848   14.462  3.495   1.00 88.45  ? 8  DC A N1     1 
ATOM 231  C C2     . DC A 1 8  ? 3.045   13.818  3.842   1.00 95.75  ? 8  DC A C2     1 
ATOM 232  O O2     . DC A 1 8  ? 3.012   12.866  4.629   1.00 96.90  ? 8  DC A O2     1 
ATOM 233  N N3     . DC A 1 8  ? 4.213   14.261  3.311   1.00 91.26  ? 8  DC A N3     1 
ATOM 234  C C4     . DC A 1 8  ? 4.206   15.296  2.465   1.00 95.98  ? 8  DC A C4     1 
ATOM 235  N N4     . DC A 1 8  ? 5.377   15.692  1.954   1.00 97.50  ? 8  DC A N4     1 
ATOM 236  C C5     . DC A 1 8  ? 2.998   15.961  2.096   1.00 84.76  ? 8  DC A C5     1 
ATOM 237  C C6     . DC A 1 8  ? 1.856   15.516  2.631   1.00 88.66  ? 8  DC A C6     1 
ATOM 238  H "H5'"  . DC A 1 8  ? -3.436  15.414  3.876   1.00 146.86 ? 8  DC A "H5'"  1 
ATOM 239  H "H5''" . DC A 1 8  ? -2.163  16.145  3.283   1.00 146.86 ? 8  DC A "H5''" 1 
ATOM 240  H "H4'"  . DC A 1 8  ? -2.207  13.378  3.830   1.00 145.51 ? 8  DC A "H4'"  1 
ATOM 241  H "H3'"  . DC A 1 8  ? -1.850  15.222  5.737   1.00 149.41 ? 8  DC A "H3'"  1 
ATOM 242  H "H2'"  . DC A 1 8  ? 0.287   15.698  5.219   1.00 137.81 ? 8  DC A "H2'"  1 
ATOM 243  H "H2''" . DC A 1 8  ? 0.571   14.404  6.114   1.00 137.81 ? 8  DC A "H2''" 1 
ATOM 244  H "H1'"  . DC A 1 8  ? 0.623   13.044  4.301   1.00 119.87 ? 8  DC A "H1'"  1 
ATOM 245  H H41    . DC A 1 8  ? 5.406   16.355  1.408   1.00 118.50 ? 8  DC A H41    1 
ATOM 246  H H42    . DC A 1 8  ? 6.101   15.283  2.173   1.00 118.50 ? 8  DC A H42    1 
ATOM 247  H H5     . DC A 1 8  ? 3.006   16.680  1.507   1.00 103.21 ? 8  DC A H5     1 
ATOM 248  H H6     . DC A 1 8  ? 1.055   15.934  2.412   1.00 107.89 ? 8  DC A H6     1 
ATOM 249  P P      . DA A 1 9  ? -2.410  13.398  7.567   1.00 147.05 ? 9  DA A P      1 
ATOM 250  O OP1    . DA A 1 9  ? -3.593  12.512  7.490   1.00 149.14 ? 9  DA A OP1    1 
ATOM 251  O OP2    . DA A 1 9  ? -2.578  14.831  7.919   1.00 154.15 ? 9  DA A OP2    1 
ATOM 252  O "O5'"  . DA A 1 9  ? -1.370  12.764  8.595   1.00 120.58 ? 9  DA A "O5'"  1 
ATOM 253  C "C5'"  . DA A 1 9  ? -0.309  13.548  9.067   1.00 129.14 ? 9  DA A "C5'"  1 
ATOM 254  C "C4'"  . DA A 1 9  ? 1.008   12.871  8.805   1.00 109.93 ? 9  DA A "C4'"  1 
ATOM 255  O "O4'"  . DA A 1 9  ? 1.696   13.577  7.757   1.00 101.04 ? 9  DA A "O4'"  1 
ATOM 256  C "C3'"  . DA A 1 9  ? 1.973   12.846  9.997   1.00 111.99 ? 9  DA A "C3'"  1 
ATOM 257  O "O3'"  . DA A 1 9  ? 2.206   11.516  10.416  1.00 122.15 ? 9  DA A "O3'"  1 
ATOM 258  C "C2'"  . DA A 1 9  ? 3.247   13.518  9.472   1.00 107.02 ? 9  DA A "C2'"  1 
ATOM 259  C "C1'"  . DA A 1 9  ? 3.073   13.457  7.975   1.00 99.51  ? 9  DA A "C1'"  1 
ATOM 260  N N9     . DA A 1 9  ? 3.761   14.503  7.227   1.00 91.56  ? 9  DA A N9     1 
ATOM 261  C C8     . DA A 1 9  ? 3.181   15.531  6.523   1.00 90.60  ? 9  DA A C8     1 
ATOM 262  N N7     . DA A 1 9  ? 4.046   16.308  5.910   1.00 80.15  ? 9  DA A N7     1 
ATOM 263  C C5     . DA A 1 9  ? 5.278   15.746  6.227   1.00 83.47  ? 9  DA A C5     1 
ATOM 264  C C6     . DA A 1 9  ? 6.601   16.100  5.883   1.00 92.99  ? 9  DA A C6     1 
ATOM 265  N N6     . DA A 1 9  ? 6.907   17.148  5.104   1.00 89.29  ? 9  DA A N6     1 
ATOM 266  N N1     . DA A 1 9  ? 7.607   15.329  6.371   1.00 89.69  ? 9  DA A N1     1 
ATOM 267  C C2     . DA A 1 9  ? 7.298   14.274  7.142   1.00 89.29  ? 9  DA A C2     1 
ATOM 268  N N3     . DA A 1 9  ? 6.093   13.843  7.530   1.00 89.37  ? 9  DA A N3     1 
ATOM 269  C C4     . DA A 1 9  ? 5.119   14.631  7.035   1.00 85.36  ? 9  DA A C4     1 
ATOM 270  H "H5'"  . DA A 1 9  ? -0.413  13.686  10.021  1.00 156.47 ? 9  DA A "H5'"  1 
ATOM 271  H "H5''" . DA A 1 9  ? -0.321  14.408  8.617   1.00 156.47 ? 9  DA A "H5''" 1 
ATOM 272  H "H4'"  . DA A 1 9  ? 0.841   11.961  8.515   1.00 133.41 ? 9  DA A "H4'"  1 
ATOM 273  H "H3'"  . DA A 1 9  ? 1.605   13.365  10.730  1.00 135.88 ? 9  DA A "H3'"  1 
ATOM 274  H "HO3'" . DA A 1 9  ? 2.985   11.203  10.405  1.00 148.07 ? 9  DA A "HO3'" 1 
ATOM 275  H "H2'"  . DA A 1 9  ? 3.297   14.439  9.773   1.00 129.93 ? 9  DA A "H2'"  1 
ATOM 276  H "H2''" . DA A 1 9  ? 4.034   13.023  9.747   1.00 129.93 ? 9  DA A "H2''" 1 
ATOM 277  H "H1'"  . DA A 1 9  ? 3.371   12.590  7.657   1.00 120.90 ? 9  DA A "H1'"  1 
ATOM 278  H H8     . DA A 1 9  ? 2.261   15.664  6.483   1.00 110.21 ? 9  DA A H8     1 
ATOM 279  H H61    . DA A 1 9  ? 7.729   17.323  4.921   1.00 108.65 ? 9  DA A H61    1 
ATOM 280  H H62    . DA A 1 9  ? 6.280   17.647  4.787   1.00 108.65 ? 9  DA A H62    1 
ATOM 281  H H2     . DA A 1 9  ? 8.020   13.774  7.447   1.00 108.64 ? 9  DA A H2     1 
ATOM 282  C "C4'"  . DC B 2 1  ? -8.761  5.336   15.322  1.00 144.03 ? 1  DC B "C4'"  1 
ATOM 283  O "O4'"  . DC B 2 1  ? -9.912  5.796   14.573  1.00 145.04 ? 1  DC B "O4'"  1 
ATOM 284  C "C3'"  . DC B 2 1  ? -8.764  3.834   15.159  1.00 142.67 ? 1  DC B "C3'"  1 
ATOM 285  O "O3'"  . DC B 2 1  ? -8.119  3.229   16.257  1.00 146.59 ? 1  DC B "O3'"  1 
ATOM 286  C "C2'"  . DC B 2 1  ? -10.251 3.499   15.083  1.00 143.95 ? 1  DC B "C2'"  1 
ATOM 287  C "C1'"  . DC B 2 1  ? -10.863 4.749   14.441  1.00 138.55 ? 1  DC B "C1'"  1 
ATOM 288  N N1     . DC B 2 1  ? -11.237 4.627   12.966  1.00 130.46 ? 1  DC B N1     1 
ATOM 289  C C2     . DC B 2 1  ? -12.303 3.798   12.572  1.00 120.70 ? 1  DC B C2     1 
ATOM 290  O O2     . DC B 2 1  ? -12.899 3.128   13.428  1.00 122.02 ? 1  DC B O2     1 
ATOM 291  N N3     . DC B 2 1  ? -12.642 3.738   11.252  1.00 106.58 ? 1  DC B N3     1 
ATOM 292  C C4     . DC B 2 1  ? -11.981 4.472   10.355  1.00 113.84 ? 1  DC B C4     1 
ATOM 293  N N4     . DC B 2 1  ? -12.355 4.378   9.072   1.00 103.69 ? 1  DC B N4     1 
ATOM 294  C C5     . DC B 2 1  ? -10.909 5.336   10.736  1.00 128.41 ? 1  DC B C5     1 
ATOM 295  C C6     . DC B 2 1  ? -10.580 5.389   12.039  1.00 133.53 ? 1  DC B C6     1 
ATOM 296  H "H4'"  . DC B 2 1  ? -8.883  5.554   16.259  1.00 174.33 ? 1  DC B "H4'"  1 
ATOM 297  H "H3'"  . DC B 2 1  ? -8.323  3.587   14.332  1.00 172.70 ? 1  DC B "H3'"  1 
ATOM 298  H "H2'"  . DC B 2 1  ? -10.397 2.721   14.522  1.00 174.23 ? 1  DC B "H2'"  1 
ATOM 299  H "H2''" . DC B 2 1  ? -10.615 3.358   15.970  1.00 174.23 ? 1  DC B "H2''" 1 
ATOM 300  H "H1'"  . DC B 2 1  ? -11.659 4.991   14.940  1.00 167.76 ? 1  DC B "H1'"  1 
ATOM 301  H H41    . DC B 2 1  ? -11.947 4.836   8.470   1.00 125.93 ? 1  DC B H41    1 
ATOM 302  H H42    . DC B 2 1  ? -13.005 3.859   8.850   1.00 125.93 ? 1  DC B H42    1 
ATOM 303  H H5     . DC B 2 1  ? -10.454 5.844   10.104  1.00 155.59 ? 1  DC B H5     1 
ATOM 304  H H6     . DC B 2 1  ? -9.886  5.944   12.313  1.00 161.74 ? 1  DC B H6     1 
ATOM 305  P P      . DA B 2 2  ? -7.117  2.002   16.020  1.00 160.78 ? 2  DA B P      1 
ATOM 306  O OP1    . DA B 2 2  ? -6.191  1.949   17.175  1.00 174.15 ? 2  DA B OP1    1 
ATOM 307  O OP2    . DA B 2 2  ? -6.597  2.103   14.636  1.00 159.36 ? 2  DA B OP2    1 
ATOM 308  O "O5'"  . DA B 2 2  ? -8.075  0.733   16.073  1.00 149.21 ? 2  DA B "O5'"  1 
ATOM 309  C "C5'"  . DA B 2 2  ? -9.149  0.698   16.991  1.00 143.31 ? 2  DA B "C5'"  1 
ATOM 310  C "C4'"  . DA B 2 2  ? -10.215 -0.241  16.492  1.00 139.06 ? 2  DA B "C4'"  1 
ATOM 311  O "O4'"  . DA B 2 2  ? -10.858 0.357   15.344  1.00 130.17 ? 2  DA B "O4'"  1 
ATOM 312  C "C3'"  . DA B 2 2  ? -9.678  -1.599  16.055  1.00 142.89 ? 2  DA B "C3'"  1 
ATOM 313  O "O3'"  . DA B 2 2  ? -10.367 -2.647  16.701  1.00 161.58 ? 2  DA B "O3'"  1 
ATOM 314  C "C2'"  . DA B 2 2  ? -9.863  -1.644  14.546  1.00 140.49 ? 2  DA B "C2'"  1 
ATOM 315  C "C1'"  . DA B 2 2  ? -10.818 -0.503  14.228  1.00 126.78 ? 2  DA B "C1'"  1 
ATOM 316  N N9     . DA B 2 2  ? -10.398 0.266   13.064  1.00 121.21 ? 2  DA B N9     1 
ATOM 317  C C8     . DA B 2 2  ? -9.333  1.119   12.985  1.00 123.57 ? 2  DA B C8     1 
ATOM 318  N N7     . DA B 2 2  ? -9.181  1.669   11.804  1.00 115.53 ? 2  DA B N7     1 
ATOM 319  C C5     . DA B 2 2  ? -10.204 1.123   11.052  1.00 103.47 ? 2  DA B C5     1 
ATOM 320  C C6     . DA B 2 2  ? -10.581 1.299   9.711   1.00 109.88 ? 2  DA B C6     1 
ATOM 321  N N6     . DA B 2 2  ? -9.928  2.112   8.872   1.00 113.40 ? 2  DA B N6     1 
ATOM 322  N N1     . DA B 2 2  ? -11.656 0.601   9.260   1.00 103.69 ? 2  DA B N1     1 
ATOM 323  C C2     . DA B 2 2  ? -12.298 -0.213  10.114  1.00 107.54 ? 2  DA B C2     1 
ATOM 324  N N3     . DA B 2 2  ? -12.031 -0.457  11.402  1.00 105.88 ? 2  DA B N3     1 
ATOM 325  C C4     . DA B 2 2  ? -10.962 0.251   11.810  1.00 105.07 ? 2  DA B C4     1 
ATOM 326  H "H5'"  . DA B 2 2  ? -9.523  1.588   17.085  1.00 173.47 ? 2  DA B "H5'"  1 
ATOM 327  H "H5''" . DA B 2 2  ? -8.828  0.391   17.853  1.00 173.47 ? 2  DA B "H5''" 1 
ATOM 328  H "H4'"  . DA B 2 2  ? -10.875 -0.372  17.192  1.00 168.37 ? 2  DA B "H4'"  1 
ATOM 329  H "H3'"  . DA B 2 2  ? -8.732  -1.654  16.267  1.00 172.97 ? 2  DA B "H3'"  1 
ATOM 330  H "H2'"  . DA B 2 2  ? -9.014  -1.506  14.098  1.00 170.09 ? 2  DA B "H2'"  1 
ATOM 331  H "H2''" . DA B 2 2  ? -10.252 -2.492  14.279  1.00 170.09 ? 2  DA B "H2''" 1 
ATOM 332  H "H1'"  . DA B 2 2  ? -11.704 -0.864  14.070  1.00 153.63 ? 2  DA B "H1'"  1 
ATOM 333  H H8     . DA B 2 2  ? -8.780  1.310   13.708  1.00 149.78 ? 2  DA B H8     1 
ATOM 334  H H61    . DA B 2 2  ? -10.188 2.189   8.056   1.00 137.58 ? 2  DA B H61    1 
ATOM 335  H H62    . DA B 2 2  ? -9.246  2.557   9.149   1.00 137.58 ? 2  DA B H62    1 
ATOM 336  H H2     . DA B 2 2  ? -13.029 -0.669  9.763   1.00 130.55 ? 2  DA B H2     1 
ATOM 337  P P      . DC B 2 3  ? -9.735  -4.123  16.686  1.00 168.54 ? 3  DC B P      1 
ATOM 338  O OP1    . DC B 2 3  ? -10.326 -4.872  17.819  1.00 165.74 ? 3  DC B OP1    1 
ATOM 339  O OP2    . DC B 2 3  ? -8.266  -3.970  16.575  1.00 170.73 ? 3  DC B OP2    1 
ATOM 340  O "O5'"  . DC B 2 3  ? -10.276 -4.751  15.322  1.00 149.01 ? 3  DC B "O5'"  1 
ATOM 341  C "C5'"  . DC B 2 3  ? -11.652 -5.015  15.188  1.00 142.74 ? 3  DC B "C5'"  1 
ATOM 342  C "C4'"  . DC B 2 3  ? -12.036 -5.151  13.733  1.00 148.37 ? 3  DC B "C4'"  1 
ATOM 343  O "O4'"  . DC B 2 3  ? -11.557 -4.009  12.983  1.00 147.62 ? 3  DC B "O4'"  1 
ATOM 344  C "C3'"  . DC B 2 3  ? -11.450 -6.378  13.031  1.00 147.33 ? 3  DC B "C3'"  1 
ATOM 345  O "O3'"  . DC B 2 3  ? -12.474 -7.330  12.797  1.00 174.69 ? 3  DC B "O3'"  1 
ATOM 346  C "C2'"  . DC B 2 3  ? -10.838 -5.826  11.727  1.00 135.45 ? 3  DC B "C2'"  1 
ATOM 347  C "C1'"  . DC B 2 3  ? -11.390 -4.413  11.648  1.00 132.39 ? 3  DC B "C1'"  1 
ATOM 348  N N1     . DC B 2 3  ? -10.495 -3.430  10.927  1.00 116.72 ? 3  DC B N1     1 
ATOM 349  C C2     . DC B 2 3  ? -10.726 -3.146  9.571   1.00 118.07 ? 3  DC B C2     1 
ATOM 350  O O2     . DC B 2 3  ? -11.660 -3.714  8.982   1.00 126.20 ? 3  DC B O2     1 
ATOM 351  N N3     . DC B 2 3  ? -9.916  -2.258  8.936   1.00 110.09 ? 3  DC B N3     1 
ATOM 352  C C4     . DC B 2 3  ? -8.922  -1.663  9.599   1.00 101.40 ? 3  DC B C4     1 
ATOM 353  N N4     . DC B 2 3  ? -8.155  -0.793  8.925   1.00 90.50  ? 3  DC B N4     1 
ATOM 354  C C5     . DC B 2 3  ? -8.672  -1.935  10.982  1.00 102.76 ? 3  DC B C5     1 
ATOM 355  C C6     . DC B 2 3  ? -9.474  -2.816  11.599  1.00 118.82 ? 3  DC B C6     1 
ATOM 356  H "H5'"  . DC B 2 3  ? -12.157 -4.288  15.583  1.00 172.78 ? 3  DC B "H5'"  1 
ATOM 357  H "H5''" . DC B 2 3  ? -11.865 -5.840  15.651  1.00 172.78 ? 3  DC B "H5''" 1 
ATOM 358  H "H4'"  . DC B 2 3  ? -13.003 -5.185  13.666  1.00 179.54 ? 3  DC B "H4'"  1 
ATOM 359  H "H3'"  . DC B 2 3  ? -10.754 -6.769  13.581  1.00 178.29 ? 3  DC B "H3'"  1 
ATOM 360  H "H2'"  . DC B 2 3  ? -9.870  -5.813  11.783  1.00 164.04 ? 3  DC B "H2'"  1 
ATOM 361  H "H2''" . DC B 2 3  ? -11.132 -6.350  10.965  1.00 164.04 ? 3  DC B "H2''" 1 
ATOM 362  H "H1'"  . DC B 2 3  ? -12.256 -4.433  11.211  1.00 160.36 ? 3  DC B "H1'"  1 
ATOM 363  H H41    . DC B 2 3  ? -7.507  -0.394  9.323   1.00 110.10 ? 3  DC B H41    1 
ATOM 364  H H42    . DC B 2 3  ? -8.314  -0.635  8.095   1.00 110.10 ? 3  DC B H42    1 
ATOM 365  H H5     . DC B 2 3  ? -7.975  -1.518  11.436  1.00 124.80 ? 3  DC B H5     1 
ATOM 366  H H6     . DC B 2 3  ? -9.334  -3.011  12.498  1.00 144.08 ? 3  DC B H6     1 
ATOM 367  P P      . DA B 2 4  ? -12.179 -8.646  11.930  1.00 166.33 ? 4  DA B P      1 
ATOM 368  O OP1    . DA B 2 4  ? -13.207 -9.644  12.305  1.00 177.24 ? 4  DA B OP1    1 
ATOM 369  O OP2    . DA B 2 4  ? -10.740 -8.959  12.050  1.00 165.69 ? 4  DA B OP2    1 
ATOM 370  O "O5'"  . DA B 2 4  ? -12.445 -8.180  10.427  1.00 161.67 ? 4  DA B "O5'"  1 
ATOM 371  C "C5'"  . DA B 2 4  ? -13.750 -7.851  10.021  1.00 159.09 ? 4  DA B "C5'"  1 
ATOM 372  C "C4'"  . DA B 2 4  ? -13.896 -8.007  8.523   1.00 149.80 ? 4  DA B "C4'"  1 
ATOM 373  O "O4'"  . DA B 2 4  ? -13.200 -6.917  7.852   1.00 140.81 ? 4  DA B "O4'"  1 
ATOM 374  C "C3'"  . DA B 2 4  ? -13.295 -9.289  7.961   1.00 146.57 ? 4  DA B "C3'"  1 
ATOM 375  O "O3'"  . DA B 2 4  ? -14.071 -9.774  6.874   1.00 154.90 ? 4  DA B "O3'"  1 
ATOM 376  C "C2'"  . DA B 2 4  ? -11.905 -8.850  7.534   1.00 133.31 ? 4  DA B "C2'"  1 
ATOM 377  C "C1'"  . DA B 2 4  ? -12.149 -7.430  7.055   1.00 127.39 ? 4  DA B "C1'"  1 
ATOM 378  N N9     . DA B 2 4  ? -10.991 -6.559  7.185   1.00 115.20 ? 4  DA B N9     1 
ATOM 379  C C8     . DA B 2 4  ? -10.294 -6.263  8.326   1.00 122.35 ? 4  DA B C8     1 
ATOM 380  N N7     . DA B 2 4  ? -9.292  -5.438  8.133   1.00 117.51 ? 4  DA B N7     1 
ATOM 381  C C5     . DA B 2 4  ? -9.341  -5.176  6.770   1.00 102.04 ? 4  DA B C5     1 
ATOM 382  C C6     . DA B 2 4  ? -8.549  -4.374  5.925   1.00 95.04  ? 4  DA B C6     1 
ATOM 383  N N6     . DA B 2 4  ? -7.509  -3.651  6.357   1.00 97.31  ? 4  DA B N6     1 
ATOM 384  N N1     . DA B 2 4  ? -8.875  -4.338  4.614   1.00 101.04 ? 4  DA B N1     1 
ATOM 385  C C2     . DA B 2 4  ? -9.921  -5.060  4.183   1.00 105.97 ? 4  DA B C2     1 
ATOM 386  N N3     . DA B 2 4  ? -10.733 -5.849  4.879   1.00 110.02 ? 4  DA B N3     1 
ATOM 387  C C4     . DA B 2 4  ? -10.385 -5.861  6.178   1.00 107.54 ? 4  DA B C4     1 
ATOM 388  H "H5'"  . DA B 2 4  ? -13.940 -6.931  10.267  1.00 192.40 ? 4  DA B "H5'"  1 
ATOM 389  H "H5''" . DA B 2 4  ? -14.382 -8.437  10.467  1.00 192.40 ? 4  DA B "H5''" 1 
ATOM 390  H "H4'"  . DA B 2 4  ? -14.837 -7.970  8.291   1.00 181.26 ? 4  DA B "H4'"  1 
ATOM 391  H "H3'"  . DA B 2 4  ? -13.235 -9.961  8.656   1.00 177.38 ? 4  DA B "H3'"  1 
ATOM 392  H "H2'"  . DA B 2 4  ? -11.294 -8.860  8.288   1.00 161.47 ? 4  DA B "H2'"  1 
ATOM 393  H "H2''" . DA B 2 4  ? -11.575 -9.406  6.811   1.00 161.47 ? 4  DA B "H2''" 1 
ATOM 394  H "H1'"  . DA B 2 4  ? -12.431 -7.450  6.128   1.00 154.36 ? 4  DA B "H1'"  1 
ATOM 395  H H8     . DA B 2 4  ? -10.511 -6.616  9.159   1.00 148.32 ? 4  DA B H8     1 
ATOM 396  H H61    . DA B 2 4  ? -7.058  -3.173  5.801   1.00 118.27 ? 4  DA B H61    1 
ATOM 397  H H62    . DA B 2 4  ? -7.291  -3.665  7.188   1.00 118.27 ? 4  DA B H62    1 
ATOM 398  H H2     . DA B 2 4  ? -10.102 -5.001  3.272   1.00 128.66 ? 4  DA B H2     1 
ATOM 399  P P      . DC B 2 5  ? -13.796 -11.236 6.274   1.00 170.29 ? 5  DC B P      1 
ATOM 400  O OP1    . DC B 2 5  ? -15.074 -11.992 6.302   1.00 169.81 ? 5  DC B OP1    1 
ATOM 401  O OP2    . DC B 2 5  ? -12.593 -11.771 6.956   1.00 167.23 ? 5  DC B OP2    1 
ATOM 402  O "O5'"  . DC B 2 5  ? -13.413 -10.945 4.751   1.00 166.25 ? 5  DC B "O5'"  1 
ATOM 403  C "C5'"  . DC B 2 5  ? -12.621 -9.812  4.425   1.00 148.65 ? 5  DC B "C5'"  1 
ATOM 404  C "C4'"  . DC B 2 5  ? -12.563 -9.626  2.926   1.00 137.68 ? 5  DC B "C4'"  1 
ATOM 405  O "O4'"  . DC B 2 5  ? -11.668 -8.528  2.596   1.00 134.41 ? 5  DC B "O4'"  1 
ATOM 406  C "C3'"  . DC B 2 5  ? -12.019 -10.814 2.173   1.00 136.39 ? 5  DC B "C3'"  1 
ATOM 407  O "O3'"  . DC B 2 5  ? -12.596 -10.868 0.877   1.00 143.88 ? 5  DC B "O3'"  1 
ATOM 408  C "C2'"  . DC B 2 5  ? -10.516 -10.545 2.169   1.00 137.57 ? 5  DC B "C2'"  1 
ATOM 409  C "C1'"  . DC B 2 5  ? -10.444 -9.028  2.074   1.00 123.59 ? 5  DC B "C1'"  1 
ATOM 410  N N1     . DC B 2 5  ? -9.327  -8.404  2.863   1.00 103.70 ? 5  DC B N1     1 
ATOM 411  C C2     . DC B 2 5  ? -8.381  -7.600  2.214   1.00 99.94  ? 5  DC B C2     1 
ATOM 412  O O2     . DC B 2 5  ? -8.464  -7.436  0.992   1.00 111.70 ? 5  DC B O2     1 
ATOM 413  N N3     . DC B 2 5  ? -7.393  -7.027  2.944   1.00 93.27  ? 5  DC B N3     1 
ATOM 414  C C4     . DC B 2 5  ? -7.335  -7.222  4.263   1.00 99.38  ? 5  DC B C4     1 
ATOM 415  N N4     . DC B 2 5  ? -6.353  -6.616  4.941   1.00 84.56  ? 5  DC B N4     1 
ATOM 416  C C5     . DC B 2 5  ? -8.293  -8.029  4.945   1.00 110.15 ? 5  DC B C5     1 
ATOM 417  C C6     . DC B 2 5  ? -9.266  -8.591  4.211   1.00 110.21 ? 5  DC B C6     1 
ATOM 418  H "H5'"  . DC B 2 5  ? -11.722 -9.940  4.767   1.00 179.87 ? 5  DC B "H5'"  1 
ATOM 419  H "H5''" . DC B 2 5  ? -13.009 -9.022  4.831   1.00 179.87 ? 5  DC B "H5''" 1 
ATOM 420  H "H4'"  . DC B 2 5  ? -13.451 -9.421  2.597   1.00 166.71 ? 5  DC B "H4'"  1 
ATOM 421  H "H3'"  . DC B 2 5  ? -12.210 -11.632 2.659   1.00 165.17 ? 5  DC B "H3'"  1 
ATOM 422  H "H2'"  . DC B 2 5  ? -10.109 -10.856 2.992   1.00 166.58 ? 5  DC B "H2'"  1 
ATOM 423  H "H2''" . DC B 2 5  ? -10.096 -10.956 1.397   1.00 166.58 ? 5  DC B "H2''" 1 
ATOM 424  H "H1'"  . DC B 2 5  ? -10.363 -8.768  1.143   1.00 149.81 ? 5  DC B "H1'"  1 
ATOM 425  H H41    . DC B 2 5  ? -6.288  -6.725  5.792   1.00 102.97 ? 5  DC B H41    1 
ATOM 426  H H42    . DC B 2 5  ? -5.788  -6.118  4.527   1.00 102.97 ? 5  DC B H42    1 
ATOM 427  H H5     . DC B 2 5  ? -8.248  -8.157  5.864   1.00 133.68 ? 5  DC B H5     1 
ATOM 428  H H6     . DC B 2 5  ? -9.906  -9.122  4.629   1.00 133.75 ? 5  DC B H6     1 
ATOM 429  P P      . DC B 2 6  ? -12.065 -11.921 -0.209  1.00 166.50 ? 6  DC B P      1 
ATOM 430  O OP1    . DC B 2 6  ? -13.121 -12.152 -1.225  1.00 165.09 ? 6  DC B OP1    1 
ATOM 431  O OP2    . DC B 2 6  ? -11.432 -13.052 0.509   1.00 167.22 ? 6  DC B OP2    1 
ATOM 432  O "O5'"  . DC B 2 6  ? -10.886 -11.135 -0.908  1.00 144.08 ? 6  DC B "O5'"  1 
ATOM 433  C "C5'"  . DC B 2 6  ? -9.678  -11.772 -1.095  1.00 138.10 ? 6  DC B "C5'"  1 
ATOM 434  C "C4'"  . DC B 2 6  ? -8.877  -11.058 -2.139  1.00 129.24 ? 6  DC B "C4'"  1 
ATOM 435  O "O4'"  . DC B 2 6  ? -8.077  -10.029 -1.500  1.00 126.73 ? 6  DC B "O4'"  1 
ATOM 436  C "C3'"  . DC B 2 6  ? -7.898  -11.946 -2.864  1.00 124.92 ? 6  DC B "C3'"  1 
ATOM 437  O "O3'"  . DC B 2 6  ? -7.662  -11.485 -4.171  1.00 136.66 ? 6  DC B "O3'"  1 
ATOM 438  C "C2'"  . DC B 2 6  ? -6.665  -11.853 -1.996  1.00 122.92 ? 6  DC B "C2'"  1 
ATOM 439  C "C1'"  . DC B 2 6  ? -6.712  -10.409 -1.513  1.00 116.38 ? 6  DC B "C1'"  1 
ATOM 440  N N1     . DC B 2 6  ? -6.140  -10.205 -0.144  1.00 101.00 ? 6  DC B N1     1 
ATOM 441  C C2     . DC B 2 6  ? -5.012  -9.390  0.016   1.00 100.26 ? 6  DC B C2     1 
ATOM 442  O O2     . DC B 2 6  ? -4.511  -8.850  -0.981  1.00 100.33 ? 6  DC B O2     1 
ATOM 443  N N3     . DC B 2 6  ? -4.501  -9.207  1.261   1.00 98.80  ? 6  DC B N3     1 
ATOM 444  C C4     . DC B 2 6  ? -5.068  -9.804  2.313   1.00 99.29  ? 6  DC B C4     1 
ATOM 445  N N4     . DC B 2 6  ? -4.531  -9.586  3.519   1.00 91.36  ? 6  DC B N4     1 
ATOM 446  C C5     . DC B 2 6  ? -6.214  -10.644 2.174   1.00 103.07 ? 6  DC B C5     1 
ATOM 447  C C6     . DC B 2 6  ? -6.712  -10.818 0.937   1.00 103.22 ? 6  DC B C6     1 
ATOM 448  H "H5'"  . DC B 2 6  ? -9.836  -12.685 -1.380  1.00 167.21 ? 6  DC B "H5'"  1 
ATOM 449  H "H5''" . DC B 2 6  ? -9.185  -11.776 -0.260  1.00 167.21 ? 6  DC B "H5''" 1 
ATOM 450  H "H4'"  . DC B 2 6  ? -9.478  -10.648 -2.781  1.00 156.58 ? 6  DC B "H4'"  1 
ATOM 451  H "H3'"  . DC B 2 6  ? -8.225  -12.859 -2.884  1.00 151.40 ? 6  DC B "H3'"  1 
ATOM 452  H "H2'"  . DC B 2 6  ? -6.724  -12.467 -1.247  1.00 149.00 ? 6  DC B "H2'"  1 
ATOM 453  H "H2''" . DC B 2 6  ? -5.863  -12.016 -2.516  1.00 149.00 ? 6  DC B "H2''" 1 
ATOM 454  H "H1'"  . DC B 2 6  ? -6.233  -9.848  -2.143  1.00 141.15 ? 6  DC B "H1'"  1 
ATOM 455  H H41    . DC B 2 6  ? -4.872  -9.957  4.215   1.00 111.13 ? 6  DC B H41    1 
ATOM 456  H H42    . DC B 2 6  ? -3.844  -9.075  3.598   1.00 111.13 ? 6  DC B H42    1 
ATOM 457  H H5     . DC B 2 6  ? -6.604  -11.053 2.912   1.00 125.18 ? 6  DC B H5     1 
ATOM 458  H H6     . DC B 2 6  ? -7.462  -11.357 0.815   1.00 125.36 ? 6  DC B H6     1 
ATOM 459  P P      . DG B 2 7  ? -6.707  -12.345 -5.125  1.00 141.95 ? 7  DG B P      1 
ATOM 460  O OP1    . DG B 2 7  ? -7.211  -12.292 -6.519  1.00 142.90 ? 7  DG B OP1    1 
ATOM 461  O OP2    . DG B 2 7  ? -6.552  -13.646 -4.435  1.00 153.10 ? 7  DG B OP2    1 
ATOM 462  O "O5'"  . DG B 2 7  ? -5.299  -11.601 -5.038  1.00 125.62 ? 7  DG B "O5'"  1 
ATOM 463  C "C5'"  . DG B 2 7  ? -4.193  -12.179 -5.673  1.00 132.42 ? 7  DG B "C5'"  1 
ATOM 464  C "C4'"  . DG B 2 7  ? -3.036  -11.215 -5.756  1.00 125.91 ? 7  DG B "C4'"  1 
ATOM 465  O "O4'"  . DG B 2 7  ? -2.913  -10.473 -4.520  1.00 117.41 ? 7  DG B "O4'"  1 
ATOM 466  C "C3'"  . DG B 2 7  ? -1.707  -11.888 -5.979  1.00 122.75 ? 7  DG B "C3'"  1 
ATOM 467  O "O3'"  . DG B 2 7  ? -0.930  -11.134 -6.854  1.00 131.03 ? 7  DG B "O3'"  1 
ATOM 468  C "C2'"  . DG B 2 7  ? -1.090  -11.997 -4.584  1.00 116.23 ? 7  DG B "C2'"  1 
ATOM 469  C "C1'"  . DG B 2 7  ? -1.839  -10.959 -3.742  1.00 114.60 ? 7  DG B "C1'"  1 
ATOM 470  N N9     . DG B 2 7  ? -2.400  -11.495 -2.505  1.00 109.43 ? 7  DG B N9     1 
ATOM 471  C C8     . DG B 2 7  ? -3.441  -12.382 -2.409  1.00 110.33 ? 7  DG B C8     1 
ATOM 472  N N7     . DG B 2 7  ? -3.754  -12.690 -1.179  1.00 106.09 ? 7  DG B N7     1 
ATOM 473  C C5     . DG B 2 7  ? -2.863  -11.962 -0.402  1.00 92.89  ? 7  DG B C5     1 
ATOM 474  C C6     . DG B 2 7  ? -2.736  -11.901 1.006   1.00 103.49 ? 7  DG B C6     1 
ATOM 475  O O6     . DG B 2 7  ? -3.405  -12.502 1.861   1.00 110.69 ? 7  DG B O6     1 
ATOM 476  N N1     . DG B 2 7  ? -1.707  -11.040 1.402   1.00 96.01  ? 7  DG B N1     1 
ATOM 477  C C2     . DG B 2 7  ? -0.906  -10.331 0.537   1.00 97.88  ? 7  DG B C2     1 
ATOM 478  N N2     . DG B 2 7  ? 0.026   -9.552  1.112   1.00 88.56  ? 7  DG B N2     1 
ATOM 479  N N3     . DG B 2 7  ? -1.016  -10.379 -0.803  1.00 94.55  ? 7  DG B N3     1 
ATOM 480  C C4     . DG B 2 7  ? -2.016  -11.214 -1.196  1.00 97.76  ? 7  DG B C4     1 
ATOM 481  H "H5'"  . DG B 2 7  ? -4.447  -12.447 -6.570  1.00 160.41 ? 7  DG B "H5'"  1 
ATOM 482  H "H5''" . DG B 2 7  ? -3.915  -12.963 -5.174  1.00 160.41 ? 7  DG B "H5''" 1 
ATOM 483  H "H4'"  . DG B 2 7  ? -3.198  -10.592 -6.482  1.00 152.59 ? 7  DG B "H4'"  1 
ATOM 484  H "H3'"  . DG B 2 7  ? -1.846  -12.775 -6.345  1.00 148.80 ? 7  DG B "H3'"  1 
ATOM 485  H "H2'"  . DG B 2 7  ? -1.226  -12.887 -4.223  1.00 140.97 ? 7  DG B "H2'"  1 
ATOM 486  H "H2''" . DG B 2 7  ? -0.143  -11.786 -4.616  1.00 140.97 ? 7  DG B "H2''" 1 
ATOM 487  H "H1'"  . DG B 2 7  ? -1.240  -10.226 -3.531  1.00 139.01 ? 7  DG B "H1'"  1 
ATOM 488  H H8     . DG B 2 7  ? -3.883  -12.730 -3.150  1.00 133.89 ? 7  DG B H8     1 
ATOM 489  H H1     . DG B 2 7  ? -1.562  -10.949 2.244   1.00 116.71 ? 7  DG B H1     1 
ATOM 490  H H21    . DG B 2 7  ? 0.556   -9.083  0.624   1.00 107.77 ? 7  DG B H21    1 
ATOM 491  H H22    . DG B 2 7  ? 0.094   -9.525  1.969   1.00 107.77 ? 7  DG B H22    1 
ATOM 492  P P      . DT B 2 8  ? 0.274   -11.844 -7.630  1.00 141.09 ? 8  DT B P      1 
ATOM 493  O OP1    . DT B 2 8  ? 0.568   -11.017 -8.822  1.00 150.97 ? 8  DT B OP1    1 
ATOM 494  O OP2    . DT B 2 8  ? -0.063  -13.278 -7.772  1.00 149.01 ? 8  DT B OP2    1 
ATOM 495  O "O5'"  . DT B 2 8  ? 1.484   -11.726 -6.600  1.00 130.19 ? 8  DT B "O5'"  1 
ATOM 496  C "C5'"  . DT B 2 8  ? 1.773   -10.473 -6.053  1.00 129.08 ? 8  DT B "C5'"  1 
ATOM 497  C "C4'"  . DT B 2 8  ? 2.642   -10.596 -4.828  1.00 127.62 ? 8  DT B "C4'"  1 
ATOM 498  O "O4'"  . DT B 2 8  ? 1.855   -11.010 -3.695  1.00 124.97 ? 8  DT B "O4'"  1 
ATOM 499  C "C3'"  . DT B 2 8  ? 3.768   -11.623 -4.931  1.00 123.92 ? 8  DT B "C3'"  1 
ATOM 500  O "O3'"  . DT B 2 8  ? 5.010   -10.950 -5.076  1.00 135.15 ? 8  DT B "O3'"  1 
ATOM 501  C "C2'"  . DT B 2 8  ? 3.670   -12.423 -3.615  1.00 116.40 ? 8  DT B "C2'"  1 
ATOM 502  C "C1'"  . DT B 2 8  ? 2.744   -11.569 -2.771  1.00 112.61 ? 8  DT B "C1'"  1 
ATOM 503  N N1     . DT B 2 8  ? 1.969   -12.301 -1.717  1.00 97.21  ? 8  DT B N1     1 
ATOM 504  C C2     . DT B 2 8  ? 2.286   -12.103 -0.382  1.00 108.54 ? 8  DT B C2     1 
ATOM 505  O O2     . DT B 2 8  ? 3.190   -11.370 0.002   1.00 112.92 ? 8  DT B O2     1 
ATOM 506  N N3     . DT B 2 8  ? 1.506   -12.803 0.500   1.00 106.58 ? 8  DT B N3     1 
ATOM 507  C C4     . DT B 2 8  ? 0.459   -13.655 0.193   1.00 98.86  ? 8  DT B C4     1 
ATOM 508  O O4     . DT B 2 8  ? -0.184  -14.244 1.057   1.00 101.51 ? 8  DT B O4     1 
ATOM 509  C C5     . DT B 2 8  ? 0.176   -13.806 -1.211  1.00 87.30  ? 8  DT B C5     1 
ATOM 510  C C7     . DT B 2 8  ? -0.933  -14.707 -1.645  1.00 85.91  ? 8  DT B C7     1 
ATOM 511  C C6     . DT B 2 8  ? 0.931   -13.131 -2.093  1.00 90.56  ? 8  DT B C6     1 
ATOM 512  H "H5'"  . DT B 2 8  ? 0.942   -10.034 -5.810  1.00 156.39 ? 8  DT B "H5'"  1 
ATOM 513  H "H5''" . DT B 2 8  ? 2.233   -9.934  -6.716  1.00 156.39 ? 8  DT B "H5''" 1 
ATOM 514  H "H4'"  . DT B 2 8  ? 3.031   -9.729  -4.635  1.00 154.64 ? 8  DT B "H4'"  1 
ATOM 515  H "H3'"  . DT B 2 8  ? 3.616   -12.208 -5.689  1.00 150.20 ? 8  DT B "H3'"  1 
ATOM 516  H "H2'"  . DT B 2 8  ? 3.282   -13.297 -3.774  1.00 141.18 ? 8  DT B "H2'"  1 
ATOM 517  H "H2''" . DT B 2 8  ? 4.542   -12.501 -3.196  1.00 141.18 ? 8  DT B "H2''" 1 
ATOM 518  H "H1'"  . DT B 2 8  ? 3.257   -10.859 -2.354  1.00 136.63 ? 8  DT B "H1'"  1 
ATOM 519  H H3     . DT B 2 8  ? 1.686   -12.703 1.335   1.00 129.39 ? 8  DT B H3     1 
ATOM 520  H H71    . DT B 2 8  ? -1.591  -14.195 -2.138  1.00 104.59 ? 8  DT B H71    1 
ATOM 521  H H72    . DT B 2 8  ? -0.576  -15.408 -2.212  1.00 104.59 ? 8  DT B H72    1 
ATOM 522  H H73    . DT B 2 8  ? -1.350  -15.104 -0.864  1.00 104.59 ? 8  DT B H73    1 
ATOM 523  H H6     . DT B 2 8  ? 0.748   -13.228 -2.999  1.00 110.17 ? 8  DT B H6     1 
ATOM 524  P P      . DA B 2 9  ? 6.346   -11.761 -5.432  1.00 149.49 ? 9  DA B P      1 
ATOM 525  O OP1    . DA B 2 9  ? 7.289   -10.789 -6.032  1.00 150.69 ? 9  DA B OP1    1 
ATOM 526  O OP2    . DA B 2 9  ? 5.975   -12.996 -6.166  1.00 144.19 ? 9  DA B OP2    1 
ATOM 527  O "O5'"  . DA B 2 9  ? 6.905   -12.162 -4.000  1.00 136.78 ? 9  DA B "O5'"  1 
ATOM 528  C "C5'"  . DA B 2 9  ? 7.139   -11.146 -3.054  1.00 126.22 ? 9  DA B "C5'"  1 
ATOM 529  C "C4'"  . DA B 2 9  ? 7.416   -11.741 -1.698  1.00 124.73 ? 9  DA B "C4'"  1 
ATOM 530  O "O4'"  . DA B 2 9  ? 6.208   -12.283 -1.152  1.00 123.40 ? 9  DA B "O4'"  1 
ATOM 531  C "C3'"  . DA B 2 9  ? 8.406   -12.888 -1.718  1.00 126.38 ? 9  DA B "C3'"  1 
ATOM 532  O "O3'"  . DA B 2 9  ? 9.686   -12.412 -1.342  1.00 135.37 ? 9  DA B "O3'"  1 
ATOM 533  C "C2'"  . DA B 2 9  ? 7.831   -13.921 -0.733  1.00 114.69 ? 9  DA B "C2'"  1 
ATOM 534  C "C1'"  . DA B 2 9  ? 6.539   -13.286 -0.234  1.00 102.17 ? 9  DA B "C1'"  1 
ATOM 535  N N9     . DA B 2 9  ? 5.411   -14.193 -0.154  1.00 88.25  ? 9  DA B N9     1 
ATOM 536  C C8     . DA B 2 9  ? 4.681   -14.699 -1.196  1.00 89.82  ? 9  DA B C8     1 
ATOM 537  N N7     . DA B 2 9  ? 3.688   -15.471 -0.817  1.00 87.93  ? 9  DA B N7     1 
ATOM 538  C C5     . DA B 2 9  ? 3.772   -15.459 0.573   1.00 88.30  ? 9  DA B C5     1 
ATOM 539  C C6     . DA B 2 9  ? 3.004   -16.082 1.587   1.00 92.44  ? 9  DA B C6     1 
ATOM 540  N N6     . DA B 2 9  ? 1.958   -16.888 1.340   1.00 98.20  ? 9  DA B N6     1 
ATOM 541  N N1     . DA B 2 9  ? 3.367   -15.858 2.873   1.00 96.71  ? 9  DA B N1     1 
ATOM 542  C C2     . DA B 2 9  ? 4.415   -15.064 3.122   1.00 96.88  ? 9  DA B C2     1 
ATOM 543  N N3     . DA B 2 9  ? 5.204   -14.427 2.258   1.00 94.78  ? 9  DA B N3     1 
ATOM 544  C C4     . DA B 2 9  ? 4.826   -14.670 0.991   1.00 87.98  ? 9  DA B C4     1 
ATOM 545  H "H5'"  . DA B 2 9  ? 6.358   -10.574 -2.999  1.00 152.97 ? 9  DA B "H5'"  1 
ATOM 546  H "H5''" . DA B 2 9  ? 7.904   -10.618 -3.334  1.00 152.97 ? 9  DA B "H5''" 1 
ATOM 547  H "H4'"  . DA B 2 9  ? 7.747   -11.045 -1.108  1.00 151.17 ? 9  DA B "H4'"  1 
ATOM 548  H "H3'"  . DA B 2 9  ? 8.446   -13.271 -2.608  1.00 153.16 ? 9  DA B "H3'"  1 
ATOM 549  H "H2'"  . DA B 2 9  ? 7.644   -14.757 -1.189  1.00 139.13 ? 9  DA B "H2'"  1 
ATOM 550  H "H2''" . DA B 2 9  ? 8.445   -14.065 0.005   1.00 139.13 ? 9  DA B "H2''" 1 
ATOM 551  H "H1'"  . DA B 2 9  ? 6.693   -12.886 0.637   1.00 124.10 ? 9  DA B "H1'"  1 
ATOM 552  H H8     . DA B 2 9  ? 4.875   -14.518 -2.088  1.00 109.28 ? 9  DA B H8     1 
ATOM 553  H H61    . DA B 2 9  ? 1.533   -17.253 1.993   1.00 119.33 ? 9  DA B H61    1 
ATOM 554  H H62    . DA B 2 9  ? 1.714   -17.041 0.529   1.00 119.33 ? 9  DA B H62    1 
ATOM 555  H H2     . DA B 2 9  ? 4.616   -14.936 4.021   1.00 117.75 ? 9  DA B H2     1 
ATOM 556  P P      . DC B 2 10 ? 10.955  -13.392 -1.357  1.00 134.53 ? 10 DC B P      1 
ATOM 557  O OP1    . DC B 2 10 ? 12.161  -12.543 -1.505  1.00 157.43 ? 10 DC B OP1    1 
ATOM 558  O OP2    . DC B 2 10 ? 10.695  -14.507 -2.293  1.00 128.72 ? 10 DC B OP2    1 
ATOM 559  O "O5'"  . DC B 2 10 ? 10.940  -14.015 0.104   1.00 130.83 ? 10 DC B "O5'"  1 
ATOM 560  C "C5'"  . DC B 2 10 ? 10.914  -13.158 1.221   1.00 148.35 ? 10 DC B "C5'"  1 
ATOM 561  C "C4'"  . DC B 2 10 ? 10.502  -13.913 2.464   1.00 133.12 ? 10 DC B "C4'"  1 
ATOM 562  O "O4'"  . DC B 2 10 ? 9.154   -14.393 2.304   1.00 131.33 ? 10 DC B "O4'"  1 
ATOM 563  C "C3'"  . DC B 2 10 ? 11.320  -15.160 2.770   1.00 131.66 ? 10 DC B "C3'"  1 
ATOM 564  O "O3'"  . DC B 2 10 ? 12.416  -14.840 3.635   1.00 128.49 ? 10 DC B "O3'"  1 
ATOM 565  C "C2'"  . DC B 2 10 ? 10.306  -16.118 3.429   1.00 122.76 ? 10 DC B "C2'"  1 
ATOM 566  C "C1'"  . DC B 2 10 ? 8.946   -15.455 3.204   1.00 120.20 ? 10 DC B "C1'"  1 
ATOM 567  N N1     . DC B 2 10 ? 7.887   -16.371 2.630   1.00 101.52 ? 10 DC B N1     1 
ATOM 568  C C2     . DC B 2 10 ? 6.984   -17.008 3.496   1.00 99.83  ? 10 DC B C2     1 
ATOM 569  O O2     . DC B 2 10 ? 7.090   -16.823 4.715   1.00 110.86 ? 10 DC B O2     1 
ATOM 570  N N3     . DC B 2 10 ? 6.020   -17.811 2.975   1.00 86.52  ? 10 DC B N3     1 
ATOM 571  C C4     . DC B 2 10 ? 5.934   -17.980 1.652   1.00 91.73  ? 10 DC B C4     1 
ATOM 572  N N4     . DC B 2 10 ? 4.968   -18.786 1.181   1.00 87.11  ? 10 DC B N4     1 
ATOM 573  C C5     . DC B 2 10 ? 6.841   -17.338 0.751   1.00 98.26  ? 10 DC B C5     1 
ATOM 574  C C6     . DC B 2 10 ? 7.793   -16.549 1.277   1.00 100.45 ? 10 DC B C6     1 
ATOM 575  H "H5'"  . DC B 2 10 ? 10.281  -12.440 1.058   1.00 179.52 ? 10 DC B "H5'"  1 
ATOM 576  H "H5''" . DC B 2 10 ? 11.798  -12.780 1.354   1.00 179.52 ? 10 DC B "H5''" 1 
ATOM 577  H "H4'"  . DC B 2 10 ? 10.539  -13.315 3.226   1.00 161.24 ? 10 DC B "H4'"  1 
ATOM 578  H "H3'"  . DC B 2 10 ? 11.652  -15.547 1.945   1.00 159.48 ? 10 DC B "H3'"  1 
ATOM 579  H "HO3'" . DC B 2 10 ? 12.479  -15.209 4.387   1.00 155.69 ? 10 DC B "HO3'" 1 
ATOM 580  H "H2'"  . DC B 2 10 ? 10.334  -16.987 2.998   1.00 148.81 ? 10 DC B "H2'"  1 
ATOM 581  H "H2''" . DC B 2 10 ? 10.488  -16.203 4.377   1.00 148.81 ? 10 DC B "H2''" 1 
ATOM 582  H "H1'"  . DC B 2 10 ? 8.628   -15.095 4.047   1.00 145.73 ? 10 DC B "H1'"  1 
ATOM 583  H H41    . DC B 2 10 ? 4.890   -18.912 0.334   1.00 106.03 ? 10 DC B H41    1 
ATOM 584  H H42    . DC B 2 10 ? 4.428   -19.174 1.726   1.00 106.03 ? 10 DC B H42    1 
ATOM 585  H H5     . DC B 2 10 ? 6.776   -17.465 -0.168  1.00 119.41 ? 10 DC B H5     1 
ATOM 586  H H6     . DC B 2 10 ? 8.391   -16.112 0.715   1.00 122.04 ? 10 DC B H6     1 
ATOM 587  P P      . DT C 3 1  ? 16.339  16.984  2.725   1.00 136.51 ? 1  DT C P      1 
ATOM 588  O OP1    . DT C 3 1  ? 17.622  17.551  3.203   1.00 142.72 ? 1  DT C OP1    1 
ATOM 589  O OP2    . DT C 3 1  ? 15.340  17.849  2.048   1.00 120.06 ? 1  DT C OP2    1 
ATOM 590  O "O5'"  . DT C 3 1  ? 15.604  16.278  3.957   1.00 130.20 ? 1  DT C "O5'"  1 
ATOM 591  C "C5'"  . DT C 3 1  ? 16.325  15.970  5.157   1.00 129.63 ? 1  DT C "C5'"  1 
ATOM 592  C "C4'"  . DT C 3 1  ? 15.502  15.047  6.035   1.00 133.59 ? 1  DT C "C4'"  1 
ATOM 593  O "O4'"  . DT C 3 1  ? 14.253  15.697  6.331   1.00 122.06 ? 1  DT C "O4'"  1 
ATOM 594  C "C3'"  . DT C 3 1  ? 15.151  13.710  5.391   1.00 132.20 ? 1  DT C "C3'"  1 
ATOM 595  O "O3'"  . DT C 3 1  ? 15.917  12.667  5.947   1.00 135.12 ? 1  DT C "O3'"  1 
ATOM 596  C "C2'"  . DT C 3 1  ? 13.666  13.493  5.663   1.00 119.38 ? 1  DT C "C2'"  1 
ATOM 597  C "C1'"  . DT C 3 1  ? 13.171  14.789  6.258   1.00 115.95 ? 1  DT C "C1'"  1 
ATOM 598  N N1     . DT C 3 1  ? 12.107  15.421  5.474   1.00 108.65 ? 1  DT C N1     1 
ATOM 599  C C2     . DT C 3 1  ? 10.792  15.250  5.854   1.00 106.15 ? 1  DT C C2     1 
ATOM 600  O O2     . DT C 3 1  ? 10.451  14.563  6.804   1.00 105.06 ? 1  DT C O2     1 
ATOM 601  N N3     . DT C 3 1  ? 9.883   15.911  5.076   1.00 93.16  ? 1  DT C N3     1 
ATOM 602  C C4     . DT C 3 1  ? 10.154  16.714  3.991   1.00 97.58  ? 1  DT C C4     1 
ATOM 603  O O4     . DT C 3 1  ? 9.269   17.264  3.350   1.00 98.49  ? 1  DT C O4     1 
ATOM 604  C C5     . DT C 3 1  ? 11.549  16.850  3.648   1.00 103.54 ? 1  DT C C5     1 
ATOM 605  C C7     . DT C 3 1  ? 11.949  17.692  2.479   1.00 100.87 ? 1  DT C C7     1 
ATOM 606  C C6     . DT C 3 1  ? 12.452  16.206  4.398   1.00 106.49 ? 1  DT C C6     1 
ATOM 607  H "H5'"  . DT C 3 1  ? 16.511  16.792  5.639   1.00 157.05 ? 1  DT C "H5'"  1 
ATOM 608  H "H5''" . DT C 3 1  ? 17.161  15.535  4.928   1.00 157.05 ? 1  DT C "H5''" 1 
ATOM 609  H "H4'"  . DT C 3 1  ? 15.980  14.886  6.863   1.00 161.80 ? 1  DT C "H4'"  1 
ATOM 610  H "H3'"  . DT C 3 1  ? 15.306  13.756  4.434   1.00 160.14 ? 1  DT C "H3'"  1 
ATOM 611  H "H2'"  . DT C 3 1  ? 13.197  13.303  4.836   1.00 144.76 ? 1  DT C "H2'"  1 
ATOM 612  H "H2''" . DT C 3 1  ? 13.543  12.766  6.293   1.00 144.76 ? 1  DT C "H2''" 1 
ATOM 613  H "H1'"  . DT C 3 1  ? 12.842  14.619  7.155   1.00 140.64 ? 1  DT C "H1'"  1 
ATOM 614  H H3     . DT C 3 1  ? 9.056   15.818  5.288   1.00 113.29 ? 1  DT C H3     1 
ATOM 615  H H71    . DT C 3 1  ? 11.156  18.069  2.067   1.00 122.54 ? 1  DT C H71    1 
ATOM 616  H H72    . DT C 3 1  ? 12.529  18.409  2.780   1.00 122.54 ? 1  DT C H72    1 
ATOM 617  H H73    . DT C 3 1  ? 12.421  17.144  1.833   1.00 122.54 ? 1  DT C H73    1 
ATOM 618  H H6     . DT C 3 1  ? 13.353  16.302  4.189   1.00 129.29 ? 1  DT C H6     1 
ATOM 619  P P      . DG C 3 2  ? 15.777  11.189  5.342   1.00 125.05 ? 2  DG C P      1 
ATOM 620  O OP1    . DG C 3 2  ? 16.704  10.281  6.055   1.00 134.94 ? 2  DG C OP1    1 
ATOM 621  O OP2    . DG C 3 2  ? 15.874  11.378  3.874   1.00 137.86 ? 2  DG C OP2    1 
ATOM 622  O "O5'"  . DG C 3 2  ? 14.265  10.749  5.676   1.00 125.25 ? 2  DG C "O5'"  1 
ATOM 623  C "C5'"  . DG C 3 2  ? 13.895  10.326  7.001   1.00 123.92 ? 2  DG C "C5'"  1 
ATOM 624  C "C4'"  . DG C 3 2  ? 12.393  10.081  7.095   1.00 127.13 ? 2  DG C "C4'"  1 
ATOM 625  O "O4'"  . DG C 3 2  ? 11.670  11.218  6.534   1.00 102.81 ? 2  DG C "O4'"  1 
ATOM 626  C "C3'"  . DG C 3 2  ? 11.892  8.841   6.338   1.00 132.07 ? 2  DG C "C3'"  1 
ATOM 627  O "O3'"  . DG C 3 2  ? 11.252  7.928   7.236   1.00 135.74 ? 2  DG C "O3'"  1 
ATOM 628  C "C2'"  . DG C 3 2  ? 10.931  9.402   5.289   1.00 127.48 ? 2  DG C "C2'"  1 
ATOM 629  C "C1'"  . DG C 3 2  ? 10.526  10.742  5.874   1.00 106.91 ? 2  DG C "C1'"  1 
ATOM 630  N N9     . DG C 3 2  ? 10.107  11.707  4.862   1.00 104.43 ? 2  DG C N9     1 
ATOM 631  C C8     . DG C 3 2  ? 10.912  12.370  3.967   1.00 112.98 ? 2  DG C C8     1 
ATOM 632  N N7     . DG C 3 2  ? 10.254  13.160  3.157   1.00 99.94  ? 2  DG C N7     1 
ATOM 633  C C5     . DG C 3 2  ? 8.930   12.998  3.530   1.00 88.67  ? 2  DG C C5     1 
ATOM 634  C C6     . DG C 3 2  ? 7.758   13.601  3.006   1.00 97.35  ? 2  DG C C6     1 
ATOM 635  O O6     . DG C 3 2  ? 7.662   14.420  2.076   1.00 95.86  ? 2  DG C O6     1 
ATOM 636  N N1     . DG C 3 2  ? 6.613   13.161  3.672   1.00 95.74  ? 2  DG C N1     1 
ATOM 637  C C2     . DG C 3 2  ? 6.608   12.251  4.711   1.00 96.03  ? 2  DG C C2     1 
ATOM 638  N N2     . DG C 3 2  ? 5.408   11.949  5.220   1.00 95.08  ? 2  DG C N2     1 
ATOM 639  N N3     . DG C 3 2  ? 7.702   11.680  5.213   1.00 87.69  ? 2  DG C N3     1 
ATOM 640  C C4     . DG C 3 2  ? 8.820   12.099  4.575   1.00 90.83  ? 2  DG C C4     1 
ATOM 641  H "H5'"  . DG C 3 2  ? 14.146  11.013  7.637   1.00 150.20 ? 2  DG C "H5'"  1 
ATOM 642  H "H5''" . DG C 3 2  ? 14.365  9.505   7.216   1.00 150.20 ? 2  DG C "H5''" 1 
ATOM 643  H "H4'"  . DG C 3 2  ? 12.152  9.991   8.031   1.00 154.05 ? 2  DG C "H4'"  1 
ATOM 644  H "H3'"  . DG C 3 2  ? 12.638  8.403   5.899   1.00 159.98 ? 2  DG C "H3'"  1 
ATOM 645  H "H2'"  . DG C 3 2  ? 11.385  9.522   4.439   1.00 154.47 ? 2  DG C "H2'"  1 
ATOM 646  H "H2''" . DG C 3 2  ? 10.159  8.823   5.189   1.00 154.47 ? 2  DG C "H2''" 1 
ATOM 647  H "H1'"  . DG C 3 2  ? 9.811   10.613  6.517   1.00 129.79 ? 2  DG C "H1'"  1 
ATOM 648  H H8     . DG C 3 2  ? 11.836  12.274  3.947   1.00 137.07 ? 2  DG C H8     1 
ATOM 649  H H1     . DG C 3 2  ? 5.856   13.477  3.415   1.00 116.39 ? 2  DG C H1     1 
ATOM 650  H H21    . DG C 3 2  ? 5.346   11.387  5.869   1.00 115.59 ? 2  DG C H21    1 
ATOM 651  H H22    . DG C 3 2  ? 4.700   12.315  4.899   1.00 115.59 ? 2  DG C H22    1 
ATOM 652  P P      . DT C 3 3  ? 11.057  6.385   6.827   1.00 161.62 ? 3  DT C P      1 
ATOM 653  O OP1    . DT C 3 3  ? 11.655  5.560   7.900   1.00 151.44 ? 3  DT C OP1    1 
ATOM 654  O OP2    . DT C 3 3  ? 11.508  6.220   5.419   1.00 138.94 ? 3  DT C OP2    1 
ATOM 655  O "O5'"  . DT C 3 3  ? 9.475   6.183   6.907   1.00 134.78 ? 3  DT C "O5'"  1 
ATOM 656  C "C5'"  . DT C 3 3  ? 8.628   7.203   6.432   1.00 120.83 ? 3  DT C "C5'"  1 
ATOM 657  C "C4'"  . DT C 3 3  ? 7.209   7.008   6.910   1.00 123.94 ? 3  DT C "C4'"  1 
ATOM 658  O "O4'"  . DT C 3 3  ? 6.382   8.070   6.360   1.00 124.98 ? 3  DT C "O4'"  1 
ATOM 659  C "C3'"  . DT C 3 3  ? 6.541   5.738   6.437   1.00 120.89 ? 3  DT C "C3'"  1 
ATOM 660  O "O3'"  . DT C 3 3  ? 5.419   5.410   7.271   1.00 123.73 ? 3  DT C "O3'"  1 
ATOM 661  C "C2'"  . DT C 3 3  ? 6.117   6.136   5.043   1.00 113.62 ? 3  DT C "C2'"  1 
ATOM 662  C "C1'"  . DT C 3 3  ? 5.632   7.566   5.264   1.00 106.10 ? 3  DT C "C1'"  1 
ATOM 663  N N1     . DT C 3 3  ? 5.812   8.486   4.076   1.00 107.98 ? 3  DT C N1     1 
ATOM 664  C C2     . DT C 3 3  ? 4.707   9.149   3.556   1.00 110.25 ? 3  DT C C2     1 
ATOM 665  O O2     . DT C 3 3  ? 3.575   9.038   4.007   1.00 110.43 ? 3  DT C O2     1 
ATOM 666  N N3     . DT C 3 3  ? 4.977   9.959   2.481   1.00 104.44 ? 3  DT C N3     1 
ATOM 667  C C4     . DT C 3 3  ? 6.205   10.171  1.880   1.00 99.25  ? 3  DT C C4     1 
ATOM 668  O O4     . DT C 3 3  ? 6.348   10.924  0.917   1.00 90.65  ? 3  DT C O4     1 
ATOM 669  C C5     . DT C 3 3  ? 7.312   9.456   2.460   1.00 99.14  ? 3  DT C C5     1 
ATOM 670  C C7     . DT C 3 3  ? 8.680   9.633   1.879   1.00 98.00  ? 3  DT C C7     1 
ATOM 671  C C6     . DT C 3 3  ? 7.073   8.655   3.522   1.00 104.89 ? 3  DT C C6     1 
ATOM 672  H "H5'"  . DT C 3 3  ? 8.640   7.197   5.462   1.00 146.49 ? 3  DT C "H5'"  1 
ATOM 673  H "H5''" . DT C 3 3  ? 8.955   8.060   6.748   1.00 146.49 ? 3  DT C "H5''" 1 
ATOM 674  H "H4'"  . DT C 3 3  ? 7.185   7.048   7.879   1.00 150.22 ? 3  DT C "H4'"  1 
ATOM 675  H "H3'"  . DT C 3 3  ? 7.177   5.006   6.408   1.00 146.56 ? 3  DT C "H3'"  1 
ATOM 676  H "H2'"  . DT C 3 3  ? 6.872   6.117   4.433   1.00 137.85 ? 3  DT C "H2'"  1 
ATOM 677  H "H2''" . DT C 3 3  ? 5.396   5.571   4.725   1.00 137.85 ? 3  DT C "H2''" 1 
ATOM 678  H "H1'"  . DT C 3 3  ? 4.694   7.546   5.507   1.00 128.82 ? 3  DT C "H1'"  1 
ATOM 679  H H3     . DT C 3 3  ? 4.308   10.381  2.143   1.00 126.83 ? 3  DT C H3     1 
ATOM 680  H H71    . DT C 3 3  ? 9.276   9.986   2.559   1.00 119.10 ? 3  DT C H71    1 
ATOM 681  H H72    . DT C 3 3  ? 9.013   8.776   1.571   1.00 119.10 ? 3  DT C H72    1 
ATOM 682  H H73    . DT C 3 3  ? 8.637   10.251  1.133   1.00 119.10 ? 3  DT C H73    1 
ATOM 683  H H6     . DT C 3 3  ? 7.788   8.193   3.898   1.00 127.37 ? 3  DT C H6     1 
ATOM 684  P P      . DG C 3 4  ? 4.425   4.209   6.871   1.00 127.78 ? 4  DG C P      1 
ATOM 685  O OP1    . DG C 3 4  ? 3.798   3.688   8.107   1.00 148.00 ? 4  DG C OP1    1 
ATOM 686  O OP2    . DG C 3 4  ? 5.188   3.292   5.979   1.00 113.05 ? 4  DG C OP2    1 
ATOM 687  O "O5'"  . DG C 3 4  ? 3.243   4.926   6.069   1.00 109.13 ? 4  DG C "O5'"  1 
ATOM 688  C "C5'"  . DG C 3 4  ? 1.895   4.670   6.456   1.00 112.97 ? 4  DG C "C5'"  1 
ATOM 689  C "C4'"  . DG C 3 4  ? 0.910   5.263   5.464   1.00 116.94 ? 4  DG C "C4'"  1 
ATOM 690  O "O4'"  . DG C 3 4  ? 1.606   6.178   4.577   1.00 114.00 ? 4  DG C "O4'"  1 
ATOM 691  C "C3'"  . DG C 3 4  ? 0.207   4.257   4.556   1.00 109.16 ? 4  DG C "C3'"  1 
ATOM 692  O "O3'"  . DG C 3 4  ? -1.158  4.593   4.451   1.00 97.49  ? 4  DG C "O3'"  1 
ATOM 693  C "C2'"  . DG C 3 4  ? 0.947   4.387   3.228   1.00 106.02 ? 4  DG C "C2'"  1 
ATOM 694  C "C1'"  . DG C 3 4  ? 1.352   5.846   3.228   1.00 98.20  ? 4  DG C "C1'"  1 
ATOM 695  N N9     . DG C 3 4  ? 2.560   6.145   2.466   1.00 95.72  ? 4  DG C N9     1 
ATOM 696  C C8     . DG C 3 4  ? 3.819   5.655   2.697   1.00 91.14  ? 4  DG C C8     1 
ATOM 697  N N7     . DG C 3 4  ? 4.719   6.123   1.875   1.00 88.99  ? 4  DG C N7     1 
ATOM 698  C C5     . DG C 3 4  ? 4.010   6.984   1.047   1.00 96.64  ? 4  DG C C5     1 
ATOM 699  C C6     . DG C 3 4  ? 4.453   7.781   -0.042  1.00 96.95  ? 4  DG C C6     1 
ATOM 700  O O6     . DG C 3 4  ? 5.599   7.886   -0.504  1.00 95.42  ? 4  DG C O6     1 
ATOM 701  N N1     . DG C 3 4  ? 3.407   8.507   -0.607  1.00 92.89  ? 4  DG C N1     1 
ATOM 702  C C2     . DG C 3 4  ? 2.102   8.472   -0.170  1.00 96.55  ? 4  DG C C2     1 
ATOM 703  N N2     . DG C 3 4  ? 1.237   9.255   -0.821  1.00 91.00  ? 4  DG C N2     1 
ATOM 704  N N3     . DG C 3 4  ? 1.675   7.731   0.847   1.00 96.48  ? 4  DG C N3     1 
ATOM 705  C C4     . DG C 3 4  ? 2.679   7.015   1.405   1.00 97.72  ? 4  DG C C4     1 
ATOM 706  H "H5'"  . DG C 3 4  ? 1.737   5.059   7.331   1.00 137.07 ? 4  DG C "H5'"  1 
ATOM 707  H "H5''" . DG C 3 4  ? 1.757   3.711   6.507   1.00 137.07 ? 4  DG C "H5''" 1 
ATOM 708  H "H4'"  . DG C 3 4  ? 0.236   5.759   5.955   1.00 141.82 ? 4  DG C "H4'"  1 
ATOM 709  H "H3'"  . DG C 3 4  ? 0.307   3.359   4.909   1.00 132.49 ? 4  DG C "H3'"  1 
ATOM 710  H "H2'"  . DG C 3 4  ? 1.727   3.813   3.211   1.00 128.72 ? 4  DG C "H2'"  1 
ATOM 711  H "H2''" . DG C 3 4  ? 0.354   4.194   2.484   1.00 128.72 ? 4  DG C "H2''" 1 
ATOM 712  H "H1'"  . DG C 3 4  ? 0.619   6.386   2.895   1.00 119.34 ? 4  DG C "H1'"  1 
ATOM 713  H H8     . DG C 3 4  ? 4.013   5.042   3.368   1.00 110.86 ? 4  DG C H8     1 
ATOM 714  H H1     . DG C 3 4  ? 3.592   9.026   -1.267  1.00 112.97 ? 4  DG C H1     1 
ATOM 715  H H21    . DG C 3 4  ? 0.411   9.276   -0.581  1.00 110.70 ? 4  DG C H21    1 
ATOM 716  H H22    . DG C 3 4  ? 1.506   9.737   -1.480  1.00 110.70 ? 4  DG C H22    1 
ATOM 717  P P      . DC C 3 5  ? -2.231  3.506   3.967   1.00 104.52 ? 5  DC C P      1 
ATOM 718  O OP1    . DC C 3 5  ? -3.582  3.949   4.400   1.00 147.24 ? 5  DC C OP1    1 
ATOM 719  O OP2    . DC C 3 5  ? -1.713  2.207   4.460   1.00 120.05 ? 5  DC C OP2    1 
ATOM 720  O "O5'"  . DC C 3 5  ? -2.173  3.633   2.368   1.00 122.35 ? 5  DC C "O5'"  1 
ATOM 721  C "C5'"  . DC C 3 5  ? -2.201  4.946   1.768   1.00 118.62 ? 5  DC C "C5'"  1 
ATOM 722  C "C4'"  . DC C 3 5  ? -2.015  4.895   0.257   1.00 123.29 ? 5  DC C "C4'"  1 
ATOM 723  O "O4'"  . DC C 3 5  ? -0.744  5.471   -0.086  1.00 127.84 ? 5  DC C "O4'"  1 
ATOM 724  C "C3'"  . DC C 3 5  ? -1.958  3.508   -0.351  1.00 112.99 ? 5  DC C "C3'"  1 
ATOM 725  O "O3'"  . DC C 3 5  ? -3.283  2.982   -0.630  1.00 101.68 ? 5  DC C "O3'"  1 
ATOM 726  C "C2'"  . DC C 3 5  ? -1.108  3.708   -1.609  1.00 110.18 ? 5  DC C "C2'"  1 
ATOM 727  C "C1'"  . DC C 3 5  ? -0.416  5.060   -1.389  1.00 106.13 ? 5  DC C "C1'"  1 
ATOM 728  N N1     . DC C 3 5  ? 1.094   5.044   -1.523  1.00 89.89  ? 5  DC C N1     1 
ATOM 729  C C2     . DC C 3 5  ? 1.707   5.985   -2.361  1.00 95.89  ? 5  DC C C2     1 
ATOM 730  O O2     . DC C 3 5  ? 0.995   6.802   -2.974  1.00 99.15  ? 5  DC C O2     1 
ATOM 731  N N3     . DC C 3 5  ? 3.056   5.983   -2.484  1.00 86.30  ? 5  DC C N3     1 
ATOM 732  C C4     . DC C 3 5  ? 3.788   5.108   -1.804  1.00 94.20  ? 5  DC C C4     1 
ATOM 733  N N4     . DC C 3 5  ? 5.123   5.158   -1.957  1.00 94.11  ? 5  DC C N4     1 
ATOM 734  C C5     . DC C 3 5  ? 3.189   4.138   -0.935  1.00 94.60  ? 5  DC C C5     1 
ATOM 735  C C6     . DC C 3 5  ? 1.850   4.143   -0.824  1.00 88.32  ? 5  DC C C6     1 
ATOM 736  H "H5'"  . DC C 3 5  ? -1.491  5.483   2.154   1.00 143.84 ? 5  DC C "H5'"  1 
ATOM 737  H "H5''" . DC C 3 5  ? -3.054  5.363   1.967   1.00 143.84 ? 5  DC C "H5''" 1 
ATOM 738  H "H4'"  . DC C 3 5  ? -2.722  5.403   -0.170  1.00 149.45 ? 5  DC C "H4'"  1 
ATOM 739  H "H3'"  . DC C 3 5  ? -1.495  2.910   0.257   1.00 137.08 ? 5  DC C "H3'"  1 
ATOM 740  H "H2'"  . DC C 3 5  ? -0.451  3.001   -1.691  1.00 133.71 ? 5  DC C "H2'"  1 
ATOM 741  H "H2''" . DC C 3 5  ? -1.673  3.742   -2.397  1.00 133.71 ? 5  DC C "H2''" 1 
ATOM 742  H "H1'"  . DC C 3 5  ? -0.778  5.703   -2.019  1.00 128.85 ? 5  DC C "H1'"  1 
ATOM 743  H H41    . DC C 3 5  ? 5.626   4.606   -1.531  1.00 114.43 ? 5  DC C H41    1 
ATOM 744  H H42    . DC C 3 5  ? 5.473   5.744   -2.481  1.00 114.43 ? 5  DC C H42    1 
ATOM 745  H H5     . DC C 3 5  ? 3.708   3.525   -0.468  1.00 115.02 ? 5  DC C H5     1 
ATOM 746  H H6     . DC C 3 5  ? 1.432   3.525   -0.269  1.00 107.48 ? 5  DC C H6     1 
ATOM 747  P P      . DT C 3 6  ? -4.433  3.824   -1.389  1.00 108.56 ? 6  DT C P      1 
ATOM 748  O OP1    . DT C 3 6  ? -3.873  4.524   -2.568  1.00 110.27 ? 6  DT C OP1    1 
ATOM 749  O OP2    . DT C 3 6  ? -5.150  4.621   -0.370  1.00 135.42 ? 6  DT C OP2    1 
ATOM 750  O "O5'"  . DT C 3 6  ? -5.415  2.676   -1.921  1.00 125.46 ? 6  DT C "O5'"  1 
ATOM 751  C "C5'"  . DT C 3 6  ? -4.855  1.464   -2.421  1.00 122.83 ? 6  DT C "C5'"  1 
ATOM 752  C "C4'"  . DT C 3 6  ? -5.767  0.273   -2.176  1.00 108.38 ? 6  DT C "C4'"  1 
ATOM 753  O "O4'"  . DT C 3 6  ? -5.391  -0.430  -0.981  1.00 97.30  ? 6  DT C "O4'"  1 
ATOM 754  C "C3'"  . DT C 3 6  ? -7.212  0.596   -1.911  1.00 124.52 ? 6  DT C "C3'"  1 
ATOM 755  O "O3'"  . DT C 3 6  ? -7.889  0.951   -3.096  1.00 133.71 ? 6  DT C "O3'"  1 
ATOM 756  C "C2'"  . DT C 3 6  ? -7.714  -0.713  -1.302  1.00 100.65 ? 6  DT C "C2'"  1 
ATOM 757  C "C1'"  . DT C 3 6  ? -6.453  -1.305  -0.657  1.00 94.03  ? 6  DT C "C1'"  1 
ATOM 758  N N1     . DT C 3 6  ? -6.529  -1.446  0.820   1.00 102.40 ? 6  DT C N1     1 
ATOM 759  C C2     . DT C 3 6  ? -7.427  -2.340  1.356   1.00 100.28 ? 6  DT C C2     1 
ATOM 760  O O2     . DT C 3 6  ? -8.183  -3.016  0.677   1.00 101.69 ? 6  DT C O2     1 
ATOM 761  N N3     . DT C 3 6  ? -7.416  -2.413  2.720   1.00 94.01  ? 6  DT C N3     1 
ATOM 762  C C4     . DT C 3 6  ? -6.606  -1.706  3.584   1.00 89.24  ? 6  DT C C4     1 
ATOM 763  O O4     . DT C 3 6  ? -6.668  -1.848  4.802   1.00 93.30  ? 6  DT C O4     1 
ATOM 764  C C5     . DT C 3 6  ? -5.677  -0.794  2.957   1.00 83.29  ? 6  DT C C5     1 
ATOM 765  C C7     . DT C 3 6  ? -4.751  0.025   3.794   1.00 93.53  ? 6  DT C C7     1 
ATOM 766  C C6     . DT C 3 6  ? -5.682  -0.705  1.622   1.00 93.57  ? 6  DT C C6     1 
ATOM 767  H "H5'"  . DT C 3 6  ? -4.004  1.305   -1.984  1.00 148.89 ? 6  DT C "H5'"  1 
ATOM 768  H "H5''" . DT C 3 6  ? -4.706  1.556   -3.376  1.00 148.89 ? 6  DT C "H5''" 1 
ATOM 769  H "H4'"  . DT C 3 6  ? -5.710  -0.331  -2.933  1.00 131.56 ? 6  DT C "H4'"  1 
ATOM 770  H "H3'"  . DT C 3 6  ? -7.278  1.312   -1.261  1.00 150.92 ? 6  DT C "H3'"  1 
ATOM 771  H "H2'"  . DT C 3 6  ? -8.393  -0.541  -0.630  1.00 122.27 ? 6  DT C "H2'"  1 
ATOM 772  H "H2''" . DT C 3 6  ? -8.055  -1.303  -1.992  1.00 122.27 ? 6  DT C "H2''" 1 
ATOM 773  H "H1'"  . DT C 3 6  ? -6.276  -2.175  -1.049  1.00 114.33 ? 6  DT C "H1'"  1 
ATOM 774  H H3     . DT C 3 6  ? -7.971  -2.963  3.079   1.00 114.32 ? 6  DT C H3     1 
ATOM 775  H H71    . DT C 3 6  ? -3.833  -0.185  3.562   1.00 113.73 ? 6  DT C H71    1 
ATOM 776  H H72    . DT C 3 6  ? -4.917  0.968   3.633   1.00 113.73 ? 6  DT C H72    1 
ATOM 777  H H73    . DT C 3 6  ? -4.901  -0.174  4.732   1.00 113.73 ? 6  DT C H73    1 
ATOM 778  H H6     . DT C 3 6  ? -5.083  -0.121  1.214   1.00 113.78 ? 6  DT C H6     1 
ATOM 779  P P      . DG C 3 7  ? -9.025  2.082   -3.043  1.00 130.77 ? 7  DG C P      1 
ATOM 780  O OP1    . DG C 3 7  ? -9.214  2.630   -4.408  1.00 164.01 ? 7  DG C OP1    1 
ATOM 781  O OP2    . DG C 3 7  ? -8.662  2.984   -1.923  1.00 142.86 ? 7  DG C OP2    1 
ATOM 782  O "O5'"  . DG C 3 7  ? -10.333 1.283   -2.601  1.00 114.14 ? 7  DG C "O5'"  1 
ATOM 783  C "C5'"  . DG C 3 7  ? -10.600 1.105   -1.233  1.00 112.12 ? 7  DG C "C5'"  1 
ATOM 784  C "C4'"  . DG C 3 7  ? -11.381 -0.170  -1.000  1.00 110.10 ? 7  DG C "C4'"  1 
ATOM 785  O "O4'"  . DG C 3 7  ? -10.588 -1.079  -0.215  1.00 111.98 ? 7  DG C "O4'"  1 
ATOM 786  C "C3'"  . DG C 3 7  ? -12.700 0.019   -0.265  1.00 125.30 ? 7  DG C "C3'"  1 
ATOM 787  O "O3'"  . DG C 3 7  ? -13.771 -0.260  -1.139  1.00 129.70 ? 7  DG C "O3'"  1 
ATOM 788  C "C2'"  . DG C 3 7  ? -12.657 -0.949  0.915   1.00 115.33 ? 7  DG C "C2'"  1 
ATOM 789  C "C1'"  . DG C 3 7  ? -11.201 -1.363  1.019   1.00 103.20 ? 7  DG C "C1'"  1 
ATOM 790  N N9     . DG C 3 7  ? -10.443 -0.693  2.076   1.00 96.27  ? 7  DG C N9     1 
ATOM 791  C C8     . DG C 3 7  ? -9.537  0.334   1.930   1.00 101.87 ? 7  DG C C8     1 
ATOM 792  N N7     . DG C 3 7  ? -8.982  0.709   3.056   1.00 89.37  ? 7  DG C N7     1 
ATOM 793  C C5     . DG C 3 7  ? -9.547  -0.128  4.007   1.00 88.38  ? 7  DG C C5     1 
ATOM 794  C C6     . DG C 3 7  ? -9.334  -0.194  5.409   1.00 96.06  ? 7  DG C C6     1 
ATOM 795  O O6     . DG C 3 7  ? -8.573  0.504   6.111   1.00 100.21 ? 7  DG C O6     1 
ATOM 796  N N1     . DG C 3 7  ? -10.109 -1.195  5.999   1.00 100.91 ? 7  DG C N1     1 
ATOM 797  C C2     . DG C 3 7  ? -10.980 -2.024  5.318   1.00 103.20 ? 7  DG C C2     1 
ATOM 798  N N2     . DG C 3 7  ? -11.639 -2.927  6.061   1.00 106.88 ? 7  DG C N2     1 
ATOM 799  N N3     . DG C 3 7  ? -11.192 -1.971  4.006   1.00 94.26  ? 7  DG C N3     1 
ATOM 800  C C4     . DG C 3 7  ? -10.443 -1.006  3.417   1.00 96.31  ? 7  DG C C4     1 
ATOM 801  H "H5'"  . DG C 3 7  ? -11.116 1.859   -0.908  1.00 136.04 ? 7  DG C "H5'"  1 
ATOM 802  H "H5''" . DG C 3 7  ? -9.761  1.060   -0.747  1.00 136.04 ? 7  DG C "H5''" 1 
ATOM 803  H "H4'"  . DG C 3 7  ? -11.563 -0.582  -1.860  1.00 133.62 ? 7  DG C "H4'"  1 
ATOM 804  H "H3'"  . DG C 3 7  ? -12.768 0.931   0.059   1.00 151.86 ? 7  DG C "H3'"  1 
ATOM 805  H "H2'"  . DG C 3 7  ? -12.940 -0.503  1.730   1.00 139.89 ? 7  DG C "H2'"  1 
ATOM 806  H "H2''" . DG C 3 7  ? -13.216 -1.721  0.740   1.00 139.89 ? 7  DG C "H2''" 1 
ATOM 807  H "H1'"  . DG C 3 7  ? -11.163 -2.321  1.171   1.00 125.34 ? 7  DG C "H1'"  1 
ATOM 808  H H8     . DG C 3 7  ? -9.343  0.729   1.110   1.00 123.75 ? 7  DG C H8     1 
ATOM 809  H H1     . DG C 3 7  ? -10.041 -1.302  6.850   1.00 122.59 ? 7  DG C H1     1 
ATOM 810  H H21    . DG C 3 7  ? -12.194 -3.468  5.688   1.00 129.75 ? 7  DG C H21    1 
ATOM 811  H H22    . DG C 3 7  ? -11.506 -2.966  6.909   1.00 129.75 ? 7  DG C H22    1 
ATOM 812  P P      . DT C 3 8  ? -15.254 0.212   -0.761  1.00 143.73 ? 8  DT C P      1 
ATOM 813  O OP1    . DT C 3 8  ? -16.055 0.257   -2.005  1.00 157.35 ? 8  DT C OP1    1 
ATOM 814  O OP2    . DT C 3 8  ? -15.127 1.425   0.079   1.00 137.70 ? 8  DT C OP2    1 
ATOM 815  O "O5'"  . DT C 3 8  ? -15.797 -0.978  0.146   1.00 144.44 ? 8  DT C "O5'"  1 
ATOM 816  C "C5'"  . DT C 3 8  ? -16.736 -0.716  1.147   1.00 130.90 ? 8  DT C "C5'"  1 
ATOM 817  C "C4'"  . DT C 3 8  ? -16.297 -1.348  2.437   1.00 131.82 ? 8  DT C "C4'"  1 
ATOM 818  O "O4'"  . DT C 3 8  ? -15.119 -0.707  2.932   1.00 119.02 ? 8  DT C "O4'"  1 
ATOM 819  C "C3'"  . DT C 3 8  ? -17.266 -1.215  3.587   1.00 130.22 ? 8  DT C "C3'"  1 
ATOM 820  O "O3'"  . DT C 3 8  ? -18.231 -2.225  3.536   1.00 144.21 ? 8  DT C "O3'"  1 
ATOM 821  C "C2'"  . DT C 3 8  ? -16.361 -1.324  4.821   1.00 118.62 ? 8  DT C "C2'"  1 
ATOM 822  C "C1'"  . DT C 3 8  ? -14.958 -1.174  4.249   1.00 121.14 ? 8  DT C "C1'"  1 
ATOM 823  N N1     . DT C 3 8  ? -14.091 -0.250  5.004   1.00 100.38 ? 8  DT C N1     1 
ATOM 824  C C2     . DT C 3 8  ? -13.960 -0.421  6.362   1.00 110.99 ? 8  DT C C2     1 
ATOM 825  O O2     . DT C 3 8  ? -14.561 -1.274  6.990   1.00 117.20 ? 8  DT C O2     1 
ATOM 826  N N3     . DT C 3 8  ? -13.102 0.454   6.969   1.00 116.05 ? 8  DT C N3     1 
ATOM 827  C C4     . DT C 3 8  ? -12.366 1.455   6.364   1.00 111.30 ? 8  DT C C4     1 
ATOM 828  O O4     . DT C 3 8  ? -11.615 2.199   6.999   1.00 101.04 ? 8  DT C O4     1 
ATOM 829  C C5     . DT C 3 8  ? -12.546 1.573   4.934   1.00 99.39  ? 8  DT C C5     1 
ATOM 830  C C7     . DT C 3 8  ? -11.799 2.624   4.174   1.00 100.61 ? 8  DT C C7     1 
ATOM 831  C C6     . DT C 3 8  ? -13.384 0.719   4.327   1.00 99.90  ? 8  DT C C6     1 
ATOM 832  H "H5'"  . DT C 3 8  ? -17.596 -1.081  0.885   1.00 158.58 ? 8  DT C "H5'"  1 
ATOM 833  H "H5''" . DT C 3 8  ? -16.818 0.243   1.269   1.00 158.58 ? 8  DT C "H5''" 1 
ATOM 834  H "H4'"  . DT C 3 8  ? -16.110 -2.287  2.285   1.00 159.68 ? 8  DT C "H4'"  1 
ATOM 835  H "H3'"  . DT C 3 8  ? -17.692 -0.344  3.564   1.00 157.76 ? 8  DT C "H3'"  1 
ATOM 836  H "H2'"  . DT C 3 8  ? -16.552 -0.609  5.447   1.00 143.84 ? 8  DT C "H2'"  1 
ATOM 837  H "H2''" . DT C 3 8  ? -16.466 -2.190  5.245   1.00 143.84 ? 8  DT C "H2''" 1 
ATOM 838  H "H1'"  . DT C 3 8  ? -14.536 -2.047  4.223   1.00 146.87 ? 8  DT C "H1'"  1 
ATOM 839  H H3     . DT C 3 8  ? -13.010 0.373   7.821   1.00 140.76 ? 8  DT C H3     1 
ATOM 840  H H71    . DT C 3 8  ? -11.238 2.202   3.505   1.00 122.23 ? 8  DT C H71    1 
ATOM 841  H H72    . DT C 3 8  ? -12.431 3.218   3.737   1.00 122.23 ? 8  DT C H72    1 
ATOM 842  H H73    . DT C 3 8  ? -11.246 3.134   4.786   1.00 122.23 ? 8  DT C H73    1 
ATOM 843  H H6     . DT C 3 8  ? -13.494 0.784   3.406   1.00 121.38 ? 8  DT C H6     1 
ATOM 844  P P      . DG C 3 9  ? -19.697 -1.942  4.114   1.00 156.66 ? 9  DG C P      1 
ATOM 845  O OP1    . DG C 3 9  ? -20.623 -2.877  3.429   1.00 152.87 ? 9  DG C OP1    1 
ATOM 846  O OP2    . DG C 3 9  ? -19.938 -0.480  4.071   1.00 164.89 ? 9  DG C OP2    1 
ATOM 847  O "O5'"  . DG C 3 9  ? -19.561 -2.305  5.661   1.00 153.53 ? 9  DG C "O5'"  1 
ATOM 848  C "C5'"  . DG C 3 9  ? -20.504 -1.802  6.578   1.00 142.12 ? 9  DG C "C5'"  1 
ATOM 849  C "C4'"  . DG C 3 9  ? -20.153 -2.220  7.988   1.00 149.34 ? 9  DG C "C4'"  1 
ATOM 850  O "O4'"  . DG C 3 9  ? -18.734 -2.028  8.215   1.00 148.96 ? 9  DG C "O4'"  1 
ATOM 851  C "C3'"  . DG C 3 9  ? -20.880 -1.444  9.079   1.00 147.86 ? 9  DG C "C3'"  1 
ATOM 852  O "O3'"  . DG C 3 9  ? -21.354 -2.330  10.078  1.00 164.09 ? 9  DG C "O3'"  1 
ATOM 853  C "C2'"  . DG C 3 9  ? -19.849 -0.451  9.622   1.00 135.81 ? 9  DG C "C2'"  1 
ATOM 854  C "C1'"  . DG C 3 9  ? -18.502 -0.947  9.100   1.00 133.14 ? 9  DG C "C1'"  1 
ATOM 855  N N9     . DG C 3 9  ? -17.766 0.079   8.383   1.00 125.41 ? 9  DG C N9     1 
ATOM 856  C C8     . DG C 3 9  ? -17.917 0.440   7.066   1.00 124.73 ? 9  DG C C8     1 
ATOM 857  N N7     . DG C 3 9  ? -17.104 1.394   6.694   1.00 117.77 ? 9  DG C N7     1 
ATOM 858  C C5     . DG C 3 9  ? -16.390 1.697   7.851   1.00 106.53 ? 9  DG C C5     1 
ATOM 859  C C6     . DG C 3 9  ? -15.375 2.659   8.075   1.00 98.69  ? 9  DG C C6     1 
ATOM 860  O O6     . DG C 3 9  ? -14.886 3.463   7.265   1.00 98.39  ? 9  DG C O6     1 
ATOM 861  N N1     . DG C 3 9  ? -14.925 2.635   9.393   1.00 94.76  ? 9  DG C N1     1 
ATOM 862  C C2     . DG C 3 9  ? -15.399 1.788   10.368  1.00 105.36 ? 9  DG C C2     1 
ATOM 863  N N2     . DG C 3 9  ? -14.850 1.901   11.585  1.00 96.68  ? 9  DG C N2     1 
ATOM 864  N N3     . DG C 3 9  ? -16.349 0.887   10.168  1.00 102.35 ? 9  DG C N3     1 
ATOM 865  C C4     . DG C 3 9  ? -16.794 0.898   8.895   1.00 106.46 ? 9  DG C C4     1 
ATOM 866  H "H5'"  . DG C 3 9  ? -21.382 -2.144  6.352   1.00 172.04 ? 9  DG C "H5'"  1 
ATOM 867  H "H5''" . DG C 3 9  ? -20.514 -0.834  6.525   1.00 172.04 ? 9  DG C "H5''" 1 
ATOM 868  H "H4'"  . DG C 3 9  ? -20.358 -3.163  8.091   1.00 180.70 ? 9  DG C "H4'"  1 
ATOM 869  H "H3'"  . DG C 3 9  ? -21.625 -0.960  8.691   1.00 178.93 ? 9  DG C "H3'"  1 
ATOM 870  H "H2'"  . DG C 3 9  ? -20.032 0.440   9.287   1.00 164.47 ? 9  DG C "H2'"  1 
ATOM 871  H "H2''" . DG C 3 9  ? -19.856 -0.455  10.592  1.00 164.47 ? 9  DG C "H2''" 1 
ATOM 872  H "H1'"  . DG C 3 9  ? -17.967 -1.257  9.846   1.00 161.26 ? 9  DG C "H1'"  1 
ATOM 873  H H8     . DG C 3 9  ? -18.512 0.022   6.486   1.00 151.17 ? 9  DG C H8     1 
ATOM 874  H H1     . DG C 3 9  ? -14.306 3.191   9.614   1.00 115.21 ? 9  DG C H1     1 
ATOM 875  H H21    . DG C 3 9  ? -15.116 1.392   12.225  1.00 117.51 ? 9  DG C H21    1 
ATOM 876  H H22    . DG C 3 9  ? -14.233 2.483   11.727  1.00 117.51 ? 9  DG C H22    1 
ATOM 877  P P      . DC C 3 10 ? -22.504 -1.852  11.092  1.00 170.89 ? 10 DC C P      1 
ATOM 878  O OP1    . DC C 3 10 ? -22.935 -3.038  11.868  1.00 176.85 ? 10 DC C OP1    1 
ATOM 879  O OP2    . DC C 3 10 ? -23.493 -1.071  10.312  1.00 172.51 ? 10 DC C OP2    1 
ATOM 880  O "O5'"  . DC C 3 10 ? -21.738 -0.860  12.082  1.00 152.37 ? 10 DC C "O5'"  1 
ATOM 881  C "C5'"  . DC C 3 10 ? -20.703 -1.363  12.903  1.00 151.29 ? 10 DC C "C5'"  1 
ATOM 882  C "C4'"  . DC C 3 10 ? -20.057 -0.258  13.720  1.00 151.08 ? 10 DC C "C4'"  1 
ATOM 883  O "O4'"  . DC C 3 10 ? -19.192 0.542   12.879  1.00 135.91 ? 10 DC C "O4'"  1 
ATOM 884  C "C3'"  . DC C 3 10 ? -21.037 0.727   14.369  1.00 152.28 ? 10 DC C "C3'"  1 
ATOM 885  O "O3'"  . DC C 3 10 ? -20.944 0.632   15.787  1.00 162.08 ? 10 DC C "O3'"  1 
ATOM 886  C "C2'"  . DC C 3 10 ? -20.609 2.110   13.834  1.00 147.26 ? 10 DC C "C2'"  1 
ATOM 887  C "C1'"  . DC C 3 10 ? -19.184 1.860   13.378  1.00 133.15 ? 10 DC C "C1'"  1 
ATOM 888  N N1     . DC C 3 10 ? -18.674 2.772   12.293  1.00 116.57 ? 10 DC C N1     1 
ATOM 889  C C2     . DC C 3 10 ? -17.682 3.725   12.588  1.00 104.54 ? 10 DC C C2     1 
ATOM 890  O O2     . DC C 3 10 ? -17.273 3.834   13.754  1.00 102.30 ? 10 DC C O2     1 
ATOM 891  N N3     . DC C 3 10 ? -17.209 4.512   11.587  1.00 98.31  ? 10 DC C N3     1 
ATOM 892  C C4     . DC C 3 10 ? -17.679 4.365   10.341  1.00 104.75 ? 10 DC C C4     1 
ATOM 893  N N4     . DC C 3 10 ? -17.179 5.160   9.383   1.00 102.91 ? 10 DC C N4     1 
ATOM 894  C C5     . DC C 3 10 ? -18.677 3.393   10.019  1.00 109.81 ? 10 DC C C5     1 
ATOM 895  C C6     . DC C 3 10 ? -19.136 2.622   11.014  1.00 117.44 ? 10 DC C C6     1 
ATOM 896  H "H5'"  . DC C 3 10 ? -20.028 -1.780  12.344  1.00 183.05 ? 10 DC C "H5'"  1 
ATOM 897  H "H5''" . DC C 3 10 ? -21.070 -2.029  13.505  1.00 183.05 ? 10 DC C "H5''" 1 
ATOM 898  H "H4'"  . DC C 3 10 ? -19.520 -0.663  14.418  1.00 182.80 ? 10 DC C "H4'"  1 
ATOM 899  H "H3'"  . DC C 3 10 ? -21.943 0.528   14.083  1.00 184.23 ? 10 DC C "H3'"  1 
ATOM 900  H "H2'"  . DC C 3 10 ? -21.167 2.378   13.087  1.00 178.21 ? 10 DC C "H2'"  1 
ATOM 901  H "H2''" . DC C 3 10 ? -20.633 2.775   14.539  1.00 178.21 ? 10 DC C "H2''" 1 
ATOM 902  H "H1'"  . DC C 3 10 ? -18.590 1.909   14.143  1.00 161.28 ? 10 DC C "H1'"  1 
ATOM 903  H H41    . DC C 3 10 ? -17.462 5.087   8.574   1.00 124.99 ? 10 DC C H41    1 
ATOM 904  H H42    . DC C 3 10 ? -16.576 5.741   9.577   1.00 124.99 ? 10 DC C H42    1 
ATOM 905  H H5     . DC C 3 10 ? -18.995 3.298   9.150   1.00 133.27 ? 10 DC C H5     1 
ATOM 906  H H6     . DC C 3 10 ? -19.783 1.979   10.833  1.00 142.43 ? 10 DC C H6     1 
ATOM 907  P P      . DT C 3 11 ? -21.994 1.393   16.737  1.00 181.93 ? 11 DT C P      1 
ATOM 908  O OP1    . DT C 3 11 ? -22.820 0.360   17.406  1.00 177.39 ? 11 DT C OP1    1 
ATOM 909  O OP2    . DT C 3 11 ? -22.662 2.450   15.942  1.00 166.92 ? 11 DT C OP2    1 
ATOM 910  O "O5'"  . DT C 3 11 ? -21.051 2.092   17.825  1.00 166.54 ? 11 DT C "O5'"  1 
ATOM 911  C "C5'"  . DT C 3 11 ? -19.847 2.745   17.410  1.00 155.87 ? 11 DT C "C5'"  1 
ATOM 912  C "C4'"  . DT C 3 11 ? -19.930 4.236   17.677  1.00 152.21 ? 11 DT C "C4'"  1 
ATOM 913  O "O4'"  . DT C 3 11 ? -19.031 4.958   16.804  1.00 148.61 ? 11 DT C "O4'"  1 
ATOM 914  C "C3'"  . DT C 3 11 ? -21.282 4.858   17.402  1.00 155.60 ? 11 DT C "C3'"  1 
ATOM 915  O "O3'"  . DT C 3 11 ? -22.177 4.639   18.492  1.00 173.11 ? 11 DT C "O3'"  1 
ATOM 916  C "C2'"  . DT C 3 11 ? -20.934 6.333   17.212  1.00 144.45 ? 11 DT C "C2'"  1 
ATOM 917  C "C1'"  . DT C 3 11 ? -19.507 6.293   16.646  1.00 139.61 ? 11 DT C "C1'"  1 
ATOM 918  N N1     . DT C 3 11 ? -19.415 6.676   15.194  1.00 125.54 ? 11 DT C N1     1 
ATOM 919  C C2     . DT C 3 11 ? -18.479 7.611   14.800  1.00 117.14 ? 11 DT C C2     1 
ATOM 920  O O2     . DT C 3 11 ? -17.715 8.158   15.576  1.00 124.71 ? 11 DT C O2     1 
ATOM 921  N N3     . DT C 3 11 ? -18.469 7.884   13.460  1.00 98.73  ? 11 DT C N3     1 
ATOM 922  C C4     . DT C 3 11 ? -19.282 7.323   12.488  1.00 112.69 ? 11 DT C C4     1 
ATOM 923  O O4     . DT C 3 11 ? -19.199 7.631   11.296  1.00 102.43 ? 11 DT C O4     1 
ATOM 924  C C5     . DT C 3 11 ? -20.238 6.351   12.969  1.00 113.78 ? 11 DT C C5     1 
ATOM 925  C C7     . DT C 3 11 ? -21.177 5.680   12.010  1.00 113.31 ? 11 DT C C7     1 
ATOM 926  C C6     . DT C 3 11 ? -20.260 6.079   14.282  1.00 119.93 ? 11 DT C C6     1 
ATOM 927  H "H5'"  . DT C 3 11 ? -19.713 2.597   16.461  1.00 188.55 ? 11 DT C "H5'"  1 
ATOM 928  H "H5''" . DT C 3 11 ? -19.097 2.373   17.900  1.00 188.55 ? 11 DT C "H5''" 1 
ATOM 929  H "H4'"  . DT C 3 11 ? -19.682 4.408   18.600  1.00 184.15 ? 11 DT C "H4'"  1 
ATOM 930  H "H3'"  . DT C 3 11 ? -21.655 4.495   16.584  1.00 188.21 ? 11 DT C "H3'"  1 
ATOM 931  H "HO3'" . DT C 3 11 ? -21.920 4.211   19.167  1.00 209.23 ? 11 DT C "HO3'" 1 
ATOM 932  H "H2'"  . DT C 3 11 ? -21.541 6.747   16.579  1.00 174.84 ? 11 DT C "H2'"  1 
ATOM 933  H "H2''" . DT C 3 11 ? -20.951 6.800   18.062  1.00 174.84 ? 11 DT C "H2''" 1 
ATOM 934  H "H1'"  . DT C 3 11 ? -18.946 6.890   17.166  1.00 169.04 ? 11 DT C "H1'"  1 
ATOM 935  H H3     . DT C 3 11 ? -17.892 8.462   13.191  1.00 119.97 ? 11 DT C H3     1 
ATOM 936  H H71    . DT C 3 11 ? -21.033 4.721   12.035  1.00 137.48 ? 11 DT C H71    1 
ATOM 937  H H72    . DT C 3 11 ? -22.092 5.877   12.262  1.00 137.48 ? 11 DT C H72    1 
ATOM 938  H H73    . DT C 3 11 ? -21.011 6.008   11.112  1.00 137.48 ? 11 DT C H73    1 
ATOM 939  H H6     . DT C 3 11 ? -20.872 5.451   14.592  1.00 145.41 ? 11 DT C H6     1 
ATOM 940  P P      . DG D 4 1  ? -3.283  -25.160 9.386   1.00 151.47 ? 1  DG D P      1 
ATOM 941  O OP1    . DG D 4 1  ? -3.279  -26.552 9.886   1.00 138.38 ? 1  DG D OP1    1 
ATOM 942  O OP2    . DG D 4 1  ? -3.952  -24.850 8.100   1.00 113.82 ? 1  DG D OP2    1 
ATOM 943  O "O5'"  . DG D 4 1  ? -1.769  -24.646 9.292   1.00 126.48 ? 1  DG D "O5'"  1 
ATOM 944  C "C5'"  . DG D 4 1  ? -1.509  -23.295 8.962   1.00 121.26 ? 1  DG D "C5'"  1 
ATOM 945  C "C4'"  . DG D 4 1  ? -0.284  -22.781 9.694   1.00 118.09 ? 1  DG D "C4'"  1 
ATOM 946  O "O4'"  . DG D 4 1  ? 0.824   -22.665 8.762   1.00 108.56 ? 1  DG D "O4'"  1 
ATOM 947  C "C3'"  . DG D 4 1  ? -0.443  -21.390 10.299  1.00 120.51 ? 1  DG D "C3'"  1 
ATOM 948  O "O3'"  . DG D 4 1  ? 0.360   -21.228 11.452  1.00 123.79 ? 1  DG D "O3'"  1 
ATOM 949  C "C2'"  . DG D 4 1  ? -0.004  -20.483 9.166   1.00 115.74 ? 1  DG D "C2'"  1 
ATOM 950  C "C1'"  . DG D 4 1  ? 1.083   -21.295 8.483   1.00 102.72 ? 1  DG D "C1'"  1 
ATOM 951  N N9     . DG D 4 1  ? 1.099   -21.111 7.046   1.00 89.21  ? 1  DG D N9     1 
ATOM 952  C C8     . DG D 4 1  ? 0.194   -21.601 6.148   1.00 92.64  ? 1  DG D C8     1 
ATOM 953  N N7     . DG D 4 1  ? 0.463   -21.284 4.916   1.00 95.08  ? 1  DG D N7     1 
ATOM 954  C C5     . DG D 4 1  ? 1.616   -20.517 5.009   1.00 90.29  ? 1  DG D C5     1 
ATOM 955  C C6     . DG D 4 1  ? 2.373   -19.885 3.998   1.00 87.49  ? 1  DG D C6     1 
ATOM 956  O O6     . DG D 4 1  ? 2.163   -19.881 2.774   1.00 92.32  ? 1  DG D O6     1 
ATOM 957  N N1     . DG D 4 1  ? 3.470   -19.210 4.520   1.00 81.82  ? 1  DG D N1     1 
ATOM 958  C C2     . DG D 4 1  ? 3.791   -19.152 5.861   1.00 98.98  ? 1  DG D C2     1 
ATOM 959  N N2     . DG D 4 1  ? 4.890   -18.453 6.188   1.00 102.91 ? 1  DG D N2     1 
ATOM 960  N N3     . DG D 4 1  ? 3.088   -19.742 6.818   1.00 96.26  ? 1  DG D N3     1 
ATOM 961  C C4     . DG D 4 1  ? 2.015   -20.398 6.317   1.00 91.04  ? 1  DG D C4     1 
ATOM 962  H "H5'"  . DG D 4 1  ? -2.276  -22.753 9.207   1.00 147.01 ? 1  DG D "H5'"  1 
ATOM 963  H "H5''" . DG D 4 1  ? -1.362  -23.223 8.006   1.00 147.01 ? 1  DG D "H5''" 1 
ATOM 964  H "H4'"  . DG D 4 1  ? -0.045  -23.407 10.394  1.00 143.20 ? 1  DG D "H4'"  1 
ATOM 965  H "H3'"  . DG D 4 1  ? -1.375  -21.226 10.514  1.00 146.12 ? 1  DG D "H3'"  1 
ATOM 966  H "H2'"  . DG D 4 1  ? -0.740  -20.314 8.557   1.00 140.38 ? 1  DG D "H2'"  1 
ATOM 967  H "H2''" . DG D 4 1  ? 0.357   -19.652 9.514   1.00 140.38 ? 1  DG D "H2''" 1 
ATOM 968  H "H1'"  . DG D 4 1  ? 1.947   -21.049 8.848   1.00 124.76 ? 1  DG D "H1'"  1 
ATOM 969  H H8     . DG D 4 1  ? -0.533  -22.127 6.393   1.00 112.67 ? 1  DG D H8     1 
ATOM 970  H H1     . DG D 4 1  ? 3.985   -18.797 3.968   1.00 99.68  ? 1  DG D H1     1 
ATOM 971  H H21    . DG D 4 1  ? 5.132   -18.390 7.010   1.00 124.99 ? 1  DG D H21    1 
ATOM 972  H H22    . DG D 4 1  ? 5.353   -18.066 5.574   1.00 124.99 ? 1  DG D H22    1 
ATOM 973  P P      . DT D 4 2  ? 0.117   -19.975 12.424  1.00 127.77 ? 2  DT D P      1 
ATOM 974  O OP1    . DT D 4 2  ? 0.874   -20.234 13.670  1.00 119.73 ? 2  DT D OP1    1 
ATOM 975  O OP2    . DT D 4 2  ? -1.347  -19.749 12.486  1.00 142.06 ? 2  DT D OP2    1 
ATOM 976  O "O5'"  . DT D 4 2  ? 0.782   -18.732 11.646  1.00 134.50 ? 2  DT D "O5'"  1 
ATOM 977  C "C5'"  . DT D 4 2  ? 2.190   -18.721 11.351  1.00 133.02 ? 2  DT D "C5'"  1 
ATOM 978  C "C4'"  . DT D 4 2  ? 2.621   -17.382 10.750  1.00 128.15 ? 2  DT D "C4'"  1 
ATOM 979  O "O4'"  . DT D 4 2  ? 2.667   -17.473 9.287   1.00 121.50 ? 2  DT D "O4'"  1 
ATOM 980  C "C3'"  . DT D 4 2  ? 1.681   -16.202 11.042  1.00 126.03 ? 2  DT D "C3'"  1 
ATOM 981  O "O3'"  . DT D 4 2  ? 2.398   -15.006 11.241  1.00 131.70 ? 2  DT D "O3'"  1 
ATOM 982  C "C2'"  . DT D 4 2  ? 0.883   -16.117 9.764   1.00 121.06 ? 2  DT D "C2'"  1 
ATOM 983  C "C1'"  . DT D 4 2  ? 2.001   -16.342 8.773   1.00 98.38  ? 2  DT D "C1'"  1 
ATOM 984  N N1     . DT D 4 2  ? 1.564   -16.574 7.361   1.00 96.23  ? 2  DT D N1     1 
ATOM 985  C C2     . DT D 4 2  ? 2.313   -16.034 6.332   1.00 98.09  ? 2  DT D C2     1 
ATOM 986  O O2     . DT D 4 2  ? 3.330   -15.385 6.512   1.00 100.92 ? 2  DT D O2     1 
ATOM 987  N N3     . DT D 4 2  ? 1.832   -16.289 5.080   1.00 101.07 ? 2  DT D N3     1 
ATOM 988  C C4     . DT D 4 2  ? 0.698   -17.004 4.755   1.00 96.97  ? 2  DT D C4     1 
ATOM 989  O O4     . DT D 4 2  ? 0.339   -17.170 3.593   1.00 102.19 ? 2  DT D O4     1 
ATOM 990  C C5     . DT D 4 2  ? -0.040  -17.539 5.875   1.00 93.20  ? 2  DT D C5     1 
ATOM 991  C C7     . DT D 4 2  ? -1.287  -18.333 5.639   1.00 90.39  ? 2  DT D C7     1 
ATOM 992  C C6     . DT D 4 2  ? 0.419   -17.296 7.109   1.00 91.61  ? 2  DT D C6     1 
ATOM 993  H "H5'"  . DT D 4 2  ? 2.389   -19.430 10.721  1.00 161.12 ? 2  DT D "H5'"  1 
ATOM 994  H "H5''" . DT D 4 2  ? 2.687   -18.875 12.170  1.00 161.12 ? 2  DT D "H5''" 1 
ATOM 995  H "H4'"  . DT D 4 2  ? 3.507   -17.164 11.077  1.00 155.28 ? 2  DT D "H4'"  1 
ATOM 996  H "H3'"  . DT D 4 2  ? 1.105   -16.394 11.799  1.00 152.73 ? 2  DT D "H3'"  1 
ATOM 997  H "H2'"  . DT D 4 2  ? 0.220   -16.823 9.714   1.00 146.78 ? 2  DT D "H2'"  1 
ATOM 998  H "H2''" . DT D 4 2  ? 0.485   -15.240 9.653   1.00 146.78 ? 2  DT D "H2''" 1 
ATOM 999  H "H1'"  . DT D 4 2  ? 2.604   -15.582 8.797   1.00 119.55 ? 2  DT D "H1'"  1 
ATOM 1000 H H3     . DT D 4 2  ? 2.281   -15.962 4.423   1.00 122.79 ? 2  DT D H3     1 
ATOM 1001 H H71    . DT D 4 2  ? -1.176  -19.225 6.004   1.00 109.97 ? 2  DT D H71    1 
ATOM 1002 H H72    . DT D 4 2  ? -2.035  -17.895 6.075   1.00 109.97 ? 2  DT D H72    1 
ATOM 1003 H H73    . DT D 4 2  ? -1.458  -18.392 4.687   1.00 109.97 ? 2  DT D H73    1 
ATOM 1004 H H6     . DT D 4 2  ? -0.055  -17.639 7.833   1.00 111.43 ? 2  DT D H6     1 
ATOM 1005 P P      . DA D 4 3  ? 3.234   -14.740 12.578  1.00 141.97 ? 3  DA D P      1 
ATOM 1006 O OP1    . DA D 4 3  ? 4.013   -15.953 12.909  1.00 143.27 ? 3  DA D OP1    1 
ATOM 1007 O OP2    . DA D 4 3  ? 2.307   -14.142 13.570  1.00 150.23 ? 3  DA D OP2    1 
ATOM 1008 O "O5'"  . DA D 4 3  ? 4.238   -13.594 12.125  1.00 121.23 ? 3  DA D "O5'"  1 
ATOM 1009 C "C5'"  . DA D 4 3  ? 3.729   -12.317 11.884  1.00 129.05 ? 3  DA D "C5'"  1 
ATOM 1010 C "C4'"  . DA D 4 3  ? 4.222   -11.761 10.564  1.00 127.76 ? 3  DA D "C4'"  1 
ATOM 1011 O "O4'"  . DA D 4 3  ? 3.658   -12.507 9.455   1.00 118.15 ? 3  DA D "O4'"  1 
ATOM 1012 C "C3'"  . DA D 4 3  ? 3.830   -10.310 10.337  1.00 119.42 ? 3  DA D "C3'"  1 
ATOM 1013 O "O3'"  . DA D 4 3  ? 4.973   -9.503  10.385  1.00 129.95 ? 3  DA D "O3'"  1 
ATOM 1014 C "C2'"  . DA D 4 3  ? 3.143   -10.273 8.965   1.00 115.54 ? 3  DA D "C2'"  1 
ATOM 1015 C "C1'"  . DA D 4 3  ? 3.435   -11.635 8.364   1.00 107.75 ? 3  DA D "C1'"  1 
ATOM 1016 N N9     . DA D 4 3  ? 2.340   -12.178 7.566   1.00 99.97  ? 3  DA D N9     1 
ATOM 1017 C C8     . DA D 4 3  ? 1.201   -12.768 8.042   1.00 104.19 ? 3  DA D C8     1 
ATOM 1018 N N7     . DA D 4 3  ? 0.385   -13.194 7.097   1.00 93.27  ? 3  DA D N7     1 
ATOM 1019 C C5     . DA D 4 3  ? 1.034   -12.863 5.920   1.00 85.99  ? 3  DA D C5     1 
ATOM 1020 C C6     . DA D 4 3  ? 0.688   -13.048 4.565   1.00 94.59  ? 3  DA D C6     1 
ATOM 1021 N N6     . DA D 4 3  ? -0.452  -13.633 4.172   1.00 98.30  ? 3  DA D N6     1 
ATOM 1022 N N1     . DA D 4 3  ? 1.557   -12.607 3.626   1.00 89.80  ? 3  DA D N1     1 
ATOM 1023 C C2     . DA D 4 3  ? 2.690   -12.015 4.030   1.00 96.35  ? 3  DA D C2     1 
ATOM 1024 N N3     . DA D 4 3  ? 3.125   -11.780 5.278   1.00 96.81  ? 3  DA D N3     1 
ATOM 1025 C C4     . DA D 4 3  ? 2.242   -12.235 6.184   1.00 94.70  ? 3  DA D C4     1 
ATOM 1026 H "H5'"  . DA D 4 3  ? 4.008   -11.725 12.600  1.00 156.36 ? 3  DA D "H5'"  1 
ATOM 1027 H "H5''" . DA D 4 3  ? 2.760   -12.360 11.868  1.00 156.36 ? 3  DA D "H5''" 1 
ATOM 1028 H "H4'"  . DA D 4 3  ? 5.188   -11.835 10.533  1.00 154.81 ? 3  DA D "H4'"  1 
ATOM 1029 H "H3'"  . DA D 4 3  ? 3.205   -10.030 11.023  1.00 144.80 ? 3  DA D "H3'"  1 
ATOM 1030 H "H2'"  . DA D 4 3  ? 2.187   -10.146 9.068   1.00 140.15 ? 3  DA D "H2'"  1 
ATOM 1031 H "H2''" . DA D 4 3  ? 3.523   -9.571  8.414   1.00 140.15 ? 3  DA D "H2''" 1 
ATOM 1032 H "H1'"  . DA D 4 3  ? 4.237   -11.584 7.822   1.00 130.80 ? 3  DA D "H1'"  1 
ATOM 1033 H H8     . DA D 4 3  ? 1.020   -12.861 8.949   1.00 126.52 ? 3  DA D H8     1 
ATOM 1034 H H61    . DA D 4 3  ? -0.622  -13.722 3.334   1.00 119.46 ? 3  DA D H61    1 
ATOM 1035 H H62    . DA D 4 3  ? -1.012  -13.918 4.758   1.00 119.46 ? 3  DA D H62    1 
ATOM 1036 H H2     . DA D 4 3  ? 3.254   -11.726 3.350   1.00 117.11 ? 3  DA D H2     1 
ATOM 1037 P P      . DC D 4 4  ? 4.815   -7.931  10.631  1.00 149.26 ? 4  DC D P      1 
ATOM 1038 O OP1    . DC D 4 4  ? 6.118   -7.417  11.122  1.00 150.83 ? 4  DC D OP1    1 
ATOM 1039 O OP2    . DC D 4 4  ? 3.580   -7.709  11.421  1.00 147.62 ? 4  DC D OP2    1 
ATOM 1040 O "O5'"  . DC D 4 4  ? 4.545   -7.377  9.169   1.00 133.36 ? 4  DC D "O5'"  1 
ATOM 1041 C "C5'"  . DC D 4 4  ? 5.434   -7.702  8.128   1.00 122.83 ? 4  DC D "C5'"  1 
ATOM 1042 C "C4'"  . DC D 4 4  ? 4.913   -7.187  6.798   1.00 125.29 ? 4  DC D "C4'"  1 
ATOM 1043 O "O4'"  . DC D 4 4  ? 3.972   -8.138  6.224   1.00 123.67 ? 4  DC D "O4'"  1 
ATOM 1044 C "C3'"  . DC D 4 4  ? 4.160   -5.850  6.877   1.00 121.73 ? 4  DC D "C3'"  1 
ATOM 1045 O "O3'"  . DC D 4 4  ? 4.851   -4.853  6.153   1.00 118.00 ? 4  DC D "O3'"  1 
ATOM 1046 C "C2'"  . DC D 4 4  ? 2.779   -6.147  6.285   1.00 108.90 ? 4  DC D "C2'"  1 
ATOM 1047 C "C1'"  . DC D 4 4  ? 3.015   -7.416  5.486   1.00 105.94 ? 4  DC D "C1'"  1 
ATOM 1048 N N1     . DC D 4 4  ? 1.774   -8.252  5.283   1.00 94.06  ? 4  DC D N1     1 
ATOM 1049 C C2     . DC D 4 4  ? 1.384   -8.609  3.987   1.00 100.95 ? 4  DC D C2     1 
ATOM 1050 O O2     . DC D 4 4  ? 2.081   -8.248  3.025   1.00 106.80 ? 4  DC D O2     1 
ATOM 1051 N N3     . DC D 4 4  ? 0.257   -9.350  3.819   1.00 102.02 ? 4  DC D N3     1 
ATOM 1052 C C4     . DC D 4 4  ? -0.462  -9.722  4.880   1.00 94.22  ? 4  DC D C4     1 
ATOM 1053 N N4     . DC D 4 4  ? -1.558  -10.452 4.665   1.00 104.15 ? 4  DC D N4     1 
ATOM 1054 C C5     . DC D 4 4  ? -0.087  -9.363  6.205   1.00 77.63  ? 4  DC D C5     1 
ATOM 1055 C C6     . DC D 4 4  ? 1.020   -8.627  6.360   1.00 92.12  ? 4  DC D C6     1 
ATOM 1056 H "H5'"  . DC D 4 4  ? 5.532   -8.667  8.081   1.00 148.89 ? 4  DC D "H5'"  1 
ATOM 1057 H "H5''" . DC D 4 4  ? 6.300   -7.303  8.309   1.00 148.89 ? 4  DC D "H5''" 1 
ATOM 1058 H "H4'"  . DC D 4 4  ? 5.662   -7.086  6.189   1.00 151.85 ? 4  DC D "H4'"  1 
ATOM 1059 H "H3'"  . DC D 4 4  ? 4.069   -5.580  7.804   1.00 147.57 ? 4  DC D "H3'"  1 
ATOM 1060 H "H2'"  . DC D 4 4  ? 2.131   -6.302  6.989   1.00 132.17 ? 4  DC D "H2'"  1 
ATOM 1061 H "H2''" . DC D 4 4  ? 2.493   -5.425  5.705   1.00 132.17 ? 4  DC D "H2''" 1 
ATOM 1062 H "H1'"  . DC D 4 4  ? 3.388   -7.183  4.621   1.00 128.62 ? 4  DC D "H1'"  1 
ATOM 1063 H H41    . DC D 4 4  ? -2.044  -10.706 5.328   1.00 126.47 ? 4  DC D H41    1 
ATOM 1064 H H42    . DC D 4 4  ? -1.781  -10.670 3.863   1.00 126.47 ? 4  DC D H42    1 
ATOM 1065 H H5     . DC D 4 4  ? -0.596  -9.628  6.937   1.00 94.66  ? 4  DC D H5     1 
ATOM 1066 H H6     . DC D 4 4  ? 1.290   -8.382  7.215   1.00 112.05 ? 4  DC D H6     1 
ATOM 1067 P P      . DG D 4 5  ? 4.237   -3.378  6.028   1.00 117.14 ? 5  DG D P      1 
ATOM 1068 O OP1    . DG D 4 5  ? 5.376   -2.433  5.978   1.00 113.24 ? 5  DG D OP1    1 
ATOM 1069 O OP2    . DG D 4 5  ? 3.147   -3.234  7.019   1.00 116.34 ? 5  DG D OP2    1 
ATOM 1070 O "O5'"  . DG D 4 5  ? 3.576   -3.381  4.583   1.00 102.57 ? 5  DG D "O5'"  1 
ATOM 1071 C "C5'"  . DG D 4 5  ? 4.414   -3.407  3.475   1.00 101.19 ? 5  DG D "C5'"  1 
ATOM 1072 C "C4'"  . DG D 4 5  ? 3.620   -3.406  2.189   1.00 101.13 ? 5  DG D "C4'"  1 
ATOM 1073 O "O4'"  . DG D 4 5  ? 2.623   -4.448  2.242   1.00 108.02 ? 5  DG D "O4'"  1 
ATOM 1074 C "C3'"  . DG D 4 5  ? 2.908   -2.104  1.866   1.00 95.21  ? 5  DG D "C3'"  1 
ATOM 1075 O "O3'"  . DG D 4 5  ? 3.468   -1.600  0.656   1.00 97.46  ? 5  DG D "O3'"  1 
ATOM 1076 C "C2'"  . DG D 4 5  ? 1.405   -2.457  1.769   1.00 98.60  ? 5  DG D "C2'"  1 
ATOM 1077 C "C1'"  . DG D 4 5  ? 1.337   -3.982  1.906   1.00 101.30 ? 5  DG D "C1'"  1 
ATOM 1078 N N9     . DG D 4 5  ? 0.454   -4.475  2.953   1.00 89.08  ? 5  DG D N9     1 
ATOM 1079 C C8     . DG D 4 5  ? 0.632   -4.308  4.298   1.00 95.11  ? 5  DG D C8     1 
ATOM 1080 N N7     . DG D 4 5  ? -0.267  -4.906  5.022   1.00 97.56  ? 5  DG D N7     1 
ATOM 1081 C C5     . DG D 4 5  ? -1.086  -5.533  4.098   1.00 93.51  ? 5  DG D C5     1 
ATOM 1082 C C6     . DG D 4 5  ? -2.233  -6.329  4.305   1.00 97.18  ? 5  DG D C6     1 
ATOM 1083 O O6     . DG D 4 5  ? -2.764  -6.641  5.382   1.00 103.98 ? 5  DG D O6     1 
ATOM 1084 N N1     . DG D 4 5  ? -2.772  -6.771  3.104   1.00 84.07  ? 5  DG D N1     1 
ATOM 1085 C C2     . DG D 4 5  ? -2.262  -6.483  1.861   1.00 91.15  ? 5  DG D C2     1 
ATOM 1086 N N2     . DG D 4 5  ? -2.921  -7.006  0.822   1.00 89.11  ? 5  DG D N2     1 
ATOM 1087 N N3     . DG D 4 5  ? -1.182  -5.736  1.651   1.00 92.22  ? 5  DG D N3     1 
ATOM 1088 C C4     . DG D 4 5  ? -0.650  -5.294  2.815   1.00 90.63  ? 5  DG D C4     1 
ATOM 1089 H "H5'"  . DG D 4 5  ? 4.963   -4.206  3.509   1.00 122.92 ? 5  DG D "H5'"  1 
ATOM 1090 H "H5''" . DG D 4 5  ? 4.989   -2.626  3.493   1.00 122.92 ? 5  DG D "H5''" 1 
ATOM 1091 H "H4'"  . DG D 4 5  ? 4.227   -3.606  1.459   1.00 122.86 ? 5  DG D "H4'"  1 
ATOM 1092 H "H3'"  . DG D 4 5  ? 3.050   -1.467  2.584   1.00 115.75 ? 5  DG D "H3'"  1 
ATOM 1093 H "H2'"  . DG D 4 5  ? 0.912   -2.033  2.489   1.00 119.82 ? 5  DG D "H2'"  1 
ATOM 1094 H "H2''" . DG D 4 5  ? 1.050   -2.182  0.909   1.00 119.82 ? 5  DG D "H2''" 1 
ATOM 1095 H "H1'"  . DG D 4 5  ? 1.069   -4.368  1.056   1.00 123.06 ? 5  DG D "H1'"  1 
ATOM 1096 H H8     . DG D 4 5  ? 1.324   -3.802  4.660   1.00 115.63 ? 5  DG D H8     1 
ATOM 1097 H H1     . DG D 4 5  ? -3.474  -7.266  3.141   1.00 102.38 ? 5  DG D H1     1 
ATOM 1098 H H21    . DG D 4 5  ? -2.647  -6.859  0.021   1.00 108.43 ? 5  DG D H21    1 
ATOM 1099 H H22    . DG D 4 5  ? -3.619  -7.490  0.955   1.00 108.43 ? 5  DG D H22    1 
ATOM 1100 P P      . DG D 4 6  ? 2.789   -0.412  -0.176  1.00 113.74 ? 6  DG D P      1 
ATOM 1101 O OP1    . DG D 4 6  ? 3.818   -0.007  -1.164  1.00 122.85 ? 6  DG D OP1    1 
ATOM 1102 O OP2    . DG D 4 6  ? 2.162   0.561   0.764   1.00 120.87 ? 6  DG D OP2    1 
ATOM 1103 O "O5'"  . DG D 4 6  ? 1.619   -1.125  -0.995  1.00 100.42 ? 6  DG D "O5'"  1 
ATOM 1104 C "C5'"  . DG D 4 6  ? 0.497   -0.358  -1.413  1.00 109.69 ? 6  DG D "C5'"  1 
ATOM 1105 C "C4'"  . DG D 4 6  ? -0.504  -1.233  -2.118  1.00 100.00 ? 6  DG D "C4'"  1 
ATOM 1106 O "O4'"  . DG D 4 6  ? -0.886  -2.307  -1.222  1.00 98.90  ? 6  DG D "O4'"  1 
ATOM 1107 C "C3'"  . DG D 4 6  ? -1.790  -0.531  -2.537  1.00 103.59 ? 6  DG D "C3'"  1 
ATOM 1108 O "O3'"  . DG D 4 6  ? -2.156  -0.882  -3.857  1.00 114.84 ? 6  DG D "O3'"  1 
ATOM 1109 C "C2'"  . DG D 4 6  ? -2.826  -0.999  -1.539  1.00 100.24 ? 6  DG D "C2'"  1 
ATOM 1110 C "C1'"  . DG D 4 6  ? -2.277  -2.298  -0.995  1.00 92.69  ? 6  DG D "C1'"  1 
ATOM 1111 N N9     . DG D 4 6  ? -2.495  -2.439  0.419   1.00 86.62  ? 6  DG D N9     1 
ATOM 1112 C C8     . DG D 4 6  ? -1.812  -1.800  1.419   1.00 97.94  ? 6  DG D C8     1 
ATOM 1113 N N7     . DG D 4 6  ? -2.222  -2.125  2.610   1.00 99.82  ? 6  DG D N7     1 
ATOM 1114 C C5     . DG D 4 6  ? -3.252  -3.035  2.375   1.00 96.24  ? 6  DG D C5     1 
ATOM 1115 C C6     . DG D 4 6  ? -4.078  -3.729  3.290   1.00 93.52  ? 6  DG D C6     1 
ATOM 1116 O O6     . DG D 4 6  ? -4.063  -3.672  4.531   1.00 104.40 ? 6  DG D O6     1 
ATOM 1117 N N1     . DG D 4 6  ? -4.992  -4.553  2.635   1.00 90.30  ? 6  DG D N1     1 
ATOM 1118 C C2     . DG D 4 6  ? -5.089  -4.682  1.264   1.00 94.98  ? 6  DG D C2     1 
ATOM 1119 N N2     . DG D 4 6  ? -6.029  -5.521  0.807   1.00 89.87  ? 6  DG D N2     1 
ATOM 1120 N N3     . DG D 4 6  ? -4.321  -4.030  0.402   1.00 86.76  ? 6  DG D N3     1 
ATOM 1121 C C4     . DG D 4 6  ? -3.431  -3.229  1.028   1.00 89.61  ? 6  DG D C4     1 
ATOM 1122 H "H5'"  . DG D 4 6  ? 0.793   0.340   -2.016  1.00 133.12 ? 6  DG D "H5'"  1 
ATOM 1123 H "H5''" . DG D 4 6  ? 0.078   0.047   -0.637  1.00 133.12 ? 6  DG D "H5''" 1 
ATOM 1124 H "H4'"  . DG D 4 6  ? -0.086  -1.615  -2.905  1.00 121.50 ? 6  DG D "H4'"  1 
ATOM 1125 H "H3'"  . DG D 4 6  ? -1.678  0.430   -2.470  1.00 125.81 ? 6  DG D "H3'"  1 
ATOM 1126 H "H2'"  . DG D 4 6  ? -2.926  -0.349  -0.826  1.00 121.78 ? 6  DG D "H2'"  1 
ATOM 1127 H "H2''" . DG D 4 6  ? -3.676  -1.151  -1.981  1.00 121.78 ? 6  DG D "H2''" 1 
ATOM 1128 H "H1'"  . DG D 4 6  ? -2.685  -3.044  -1.462  1.00 112.72 ? 6  DG D "H1'"  1 
ATOM 1129 H H8     . DG D 4 6  ? -1.118  -1.201  1.263   1.00 119.03 ? 6  DG D H8     1 
ATOM 1130 H H1     . DG D 4 6  ? -5.536  -5.010  3.119   1.00 109.86 ? 6  DG D H1     1 
ATOM 1131 H H21    . DG D 4 6  ? -6.131  -5.632  -0.041  1.00 109.34 ? 6  DG D H21    1 
ATOM 1132 H H22    . DG D 4 6  ? -6.531  -5.948  1.359   1.00 109.34 ? 6  DG D H22    1 
ATOM 1133 P P      . DA D 4 7  ? -1.601  -0.027  -5.092  1.00 117.98 ? 7  DA D P      1 
ATOM 1134 O OP1    . DA D 4 7  ? -2.296  -0.415  -6.343  1.00 106.21 ? 7  DA D OP1    1 
ATOM 1135 O OP2    . DA D 4 7  ? -0.124  -0.052  -4.968  1.00 104.52 ? 7  DA D OP2    1 
ATOM 1136 O "O5'"  . DA D 4 7  ? -2.051  1.462   -4.767  1.00 115.31 ? 7  DA D "O5'"  1 
ATOM 1137 C "C5'"  . DA D 4 7  ? -1.082  2.448   -4.803  1.00 105.46 ? 7  DA D "C5'"  1 
ATOM 1138 C "C4'"  . DA D 4 7  ? -1.592  3.743   -5.402  1.00 93.68  ? 7  DA D "C4'"  1 
ATOM 1139 O "O4'"  . DA D 4 7  ? -0.861  4.836   -4.810  1.00 104.99 ? 7  DA D "O4'"  1 
ATOM 1140 C "C3'"  . DA D 4 7  ? -1.394  3.869   -6.916  1.00 112.66 ? 7  DA D "C3'"  1 
ATOM 1141 O "O3'"  . DA D 4 7  ? -2.646  3.996   -7.584  1.00 105.71 ? 7  DA D "O3'"  1 
ATOM 1142 C "C2'"  . DA D 4 7  ? -0.519  5.108   -7.102  1.00 98.10  ? 7  DA D "C2'"  1 
ATOM 1143 C "C1'"  . DA D 4 7  ? 0.071   5.349   -5.734  1.00 88.95  ? 7  DA D "C1'"  1 
ATOM 1144 N N9     . DA D 4 7  ? 1.384   4.718   -5.506  1.00 90.80  ? 7  DA D N9     1 
ATOM 1145 C C8     . DA D 4 7  ? 1.671   3.661   -4.685  1.00 95.21  ? 7  DA D C8     1 
ATOM 1146 N N7     . DA D 4 7  ? 2.941   3.327   -4.661  1.00 103.38 ? 7  DA D N7     1 
ATOM 1147 C C5     . DA D 4 7  ? 3.539   4.236   -5.510  1.00 99.12  ? 7  DA D C5     1 
ATOM 1148 C C6     . DA D 4 7  ? 4.879   4.413   -5.910  1.00 88.50  ? 7  DA D C6     1 
ATOM 1149 N N6     . DA D 4 7  ? 5.878   3.649   -5.477  1.00 92.61  ? 7  DA D N6     1 
ATOM 1150 N N1     . DA D 4 7  ? 5.145   5.414   -6.771  1.00 95.03  ? 7  DA D N1     1 
ATOM 1151 C C2     . DA D 4 7  ? 4.130   6.184   -7.201  1.00 96.98  ? 7  DA D C2     1 
ATOM 1152 N N3     . DA D 4 7  ? 2.828   6.111   -6.898  1.00 97.58  ? 7  DA D N3     1 
ATOM 1153 C C4     . DA D 4 7  ? 2.597   5.106   -6.038  1.00 93.01  ? 7  DA D C4     1 
ATOM 1154 H "H5'"  . DA D 4 7  ? -0.333  2.132   -5.332  1.00 128.05 ? 7  DA D "H5'"  1 
ATOM 1155 H "H5''" . DA D 4 7  ? -0.777  2.621   -3.898  1.00 128.05 ? 7  DA D "H5''" 1 
ATOM 1156 H "H4'"  . DA D 4 7  ? -2.534  3.841   -5.195  1.00 113.91 ? 7  DA D "H4'"  1 
ATOM 1157 H "H3'"  . DA D 4 7  ? -0.926  3.087   -7.249  1.00 136.68 ? 7  DA D "H3'"  1 
ATOM 1158 H "H2'"  . DA D 4 7  ? 0.182   4.935   -7.749  1.00 119.22 ? 7  DA D "H2'"  1 
ATOM 1159 H "H2''" . DA D 4 7  ? -1.057  5.866   -7.378  1.00 119.22 ? 7  DA D "H2''" 1 
ATOM 1160 H "H1'"  . DA D 4 7  ? 0.155   6.305   -5.594  1.00 108.24 ? 7  DA D "H1'"  1 
ATOM 1161 H H8     . DA D 4 7  ? 1.020   3.205   -4.203  1.00 115.74 ? 7  DA D H8     1 
ATOM 1162 H H61    . DA D 4 7  ? 6.681   3.797   -5.746  1.00 112.63 ? 7  DA D H61    1 
ATOM 1163 H H62    . DA D 4 7  ? 5.720   3.007   -4.927  1.00 112.63 ? 7  DA D H62    1 
ATOM 1164 H H2     . DA D 4 7  ? 4.365   6.864   -7.790  1.00 117.88 ? 7  DA D H2     1 
ATOM 1165 P P      . DT D 4 8  ? -2.902  3.206   -8.961  1.00 125.43 ? 8  DT D P      1 
ATOM 1166 O OP1    . DT D 4 8  ? -4.346  3.323   -9.263  1.00 96.26  ? 8  DT D OP1    1 
ATOM 1167 O OP2    . DT D 4 8  ? -2.262  1.868   -8.844  1.00 105.47 ? 8  DT D OP2    1 
ATOM 1168 O "O5'"  . DT D 4 8  ? -2.073  4.041   -10.040 1.00 102.62 ? 8  DT D "O5'"  1 
ATOM 1169 C "C5'"  . DT D 4 8  ? -2.263  5.426   -10.138 1.00 96.51  ? 8  DT D "C5'"  1 
ATOM 1170 C "C4'"  . DT D 4 8  ? -1.005  6.104   -10.628 1.00 105.68 ? 8  DT D "C4'"  1 
ATOM 1171 O "O4'"  . DT D 4 8  ? 0.124   5.640   -9.860  1.00 104.23 ? 8  DT D "O4'"  1 
ATOM 1172 C "C3'"  . DT D 4 8  ? -0.647  5.836   -12.093 1.00 115.14 ? 8  DT D "C3'"  1 
ATOM 1173 O "O3'"  . DT D 4 8  ? -0.608  7.061   -12.800 1.00 123.08 ? 8  DT D "O3'"  1 
ATOM 1174 C "C2'"  . DT D 4 8  ? 0.725   5.143   -12.040 1.00 101.44 ? 8  DT D "C2'"  1 
ATOM 1175 C "C1'"  . DT D 4 8  ? 1.252   5.563   -10.690 1.00 103.31 ? 8  DT D "C1'"  1 
ATOM 1176 N N1     . DT D 4 8  ? 2.213   4.617   -10.087 1.00 99.23  ? 8  DT D N1     1 
ATOM 1177 C C2     . DT D 4 8  ? 3.565   4.859   -10.208 1.00 103.57 ? 8  DT D C2     1 
ATOM 1178 O O2     . DT D 4 8  ? 4.021   5.816   -10.815 1.00 105.63 ? 8  DT D O2     1 
ATOM 1179 N N3     . DT D 4 8  ? 4.372   3.928   -9.599  1.00 97.03  ? 8  DT D N3     1 
ATOM 1180 C C4     . DT D 4 8  ? 3.965   2.814   -8.888  1.00 102.04 ? 8  DT D C4     1 
ATOM 1181 O O4     . DT D 4 8  ? 4.767   2.030   -8.378  1.00 98.79  ? 8  DT D O4     1 
ATOM 1182 C C5     . DT D 4 8  ? 2.529   2.636   -8.789  1.00 97.97  ? 8  DT D C5     1 
ATOM 1183 C C7     . DT D 4 8  ? 1.966   1.466   -8.044  1.00 107.50 ? 8  DT D C7     1 
ATOM 1184 C C6     . DT D 4 8  ? 1.735   3.531   -9.388  1.00 92.94  ? 8  DT D C6     1 
ATOM 1185 H "H5'"  . DT D 4 8  ? -2.497  5.778   -9.264  1.00 117.31 ? 8  DT D "H5'"  1 
ATOM 1186 H "H5''" . DT D 4 8  ? -2.987  5.606   -10.758 1.00 117.31 ? 8  DT D "H5''" 1 
ATOM 1187 H "H4'"  . DT D 4 8  ? -1.096  7.061   -10.500 1.00 128.31 ? 8  DT D "H4'"  1 
ATOM 1188 H "H3'"  . DT D 4 8  ? -1.304  5.244   -12.490 1.00 139.66 ? 8  DT D "H3'"  1 
ATOM 1189 H "H2'"  . DT D 4 8  ? 0.626   4.179   -12.086 1.00 123.23 ? 8  DT D "H2'"  1 
ATOM 1190 H "H2''" . DT D 4 8  ? 1.301   5.467   -12.750 1.00 123.23 ? 8  DT D "H2''" 1 
ATOM 1191 H "H1'"  . DT D 4 8  ? 1.662   6.440   -10.761 1.00 125.48 ? 8  DT D "H1'"  1 
ATOM 1192 H H3     . DT D 4 8  ? 5.220   4.051   -9.668  1.00 117.93 ? 8  DT D H3     1 
ATOM 1193 H H71    . DT D 4 8  ? 1.414   1.784   -7.312  1.00 130.50 ? 8  DT D H71    1 
ATOM 1194 H H72    . DT D 4 8  ? 1.429   0.928   -8.645  1.00 130.50 ? 8  DT D H72    1 
ATOM 1195 H H73    . DT D 4 8  ? 2.692   0.928   -7.691  1.00 130.50 ? 8  DT D H73    1 
ATOM 1196 H H6     . DT D 4 8  ? 0.814   3.419   -9.322  1.00 113.03 ? 8  DT D H6     1 
ATOM 1197 P P      . DC D 4 9  ? -0.353  7.073   -14.380 1.00 124.54 ? 9  DC D P      1 
ATOM 1198 O OP1    . DC D 4 9  ? -1.113  8.220   -14.940 1.00 114.71 ? 9  DC D OP1    1 
ATOM 1199 O OP2    . DC D 4 9  ? -0.600  5.697   -14.869 1.00 135.50 ? 9  DC D OP2    1 
ATOM 1200 O "O5'"  . DC D 4 9  ? 1.223   7.321   -14.513 1.00 111.73 ? 9  DC D "O5'"  1 
ATOM 1201 C "C5'"  . DC D 4 9  ? 1.878   7.004   -15.723 1.00 133.57 ? 9  DC D "C5'"  1 
ATOM 1202 C "C4'"  . DC D 4 9  ? 3.260   7.618   -15.761 1.00 121.80 ? 9  DC D "C4'"  1 
ATOM 1203 O "O4'"  . DC D 4 9  ? 4.019   7.145   -14.624 1.00 107.27 ? 9  DC D "O4'"  1 
ATOM 1204 C "C3'"  . DC D 4 9  ? 4.085   7.267   -16.989 1.00 130.32 ? 9  DC D "C3'"  1 
ATOM 1205 O "O3'"  . DC D 4 9  ? 4.886   8.360   -17.390 1.00 143.89 ? 9  DC D "O3'"  1 
ATOM 1206 C "C2'"  . DC D 4 9  ? 4.923   6.076   -16.545 1.00 120.90 ? 9  DC D "C2'"  1 
ATOM 1207 C "C1'"  . DC D 4 9  ? 5.054   6.265   -15.039 1.00 118.23 ? 9  DC D "C1'"  1 
ATOM 1208 N N1     . DC D 4 9  ? 4.925   4.991   -14.258 1.00 115.52 ? 9  DC D N1     1 
ATOM 1209 C C2     . DC D 4 9  ? 6.078   4.273   -13.882 1.00 117.22 ? 9  DC D C2     1 
ATOM 1210 O O2     . DC D 4 9  ? 7.194   4.699   -14.211 1.00 122.17 ? 9  DC D O2     1 
ATOM 1211 N N3     . DC D 4 9  ? 5.936   3.127   -13.166 1.00 110.30 ? 9  DC D N3     1 
ATOM 1212 C C4     . DC D 4 9  ? 4.717   2.698   -12.827 1.00 107.00 ? 9  DC D C4     1 
ATOM 1213 N N4     . DC D 4 9  ? 4.626   1.564   -12.119 1.00 109.09 ? 9  DC D N4     1 
ATOM 1214 C C5     . DC D 4 9  ? 3.536   3.415   -13.196 1.00 109.40 ? 9  DC D C5     1 
ATOM 1215 C C6     . DC D 4 9  ? 3.686   4.546   -13.899 1.00 114.97 ? 9  DC D C6     1 
ATOM 1216 H "H5'"  . DC D 4 9  ? 1.356   7.344   -16.468 1.00 161.79 ? 9  DC D "H5'"  1 
ATOM 1217 H "H5''" . DC D 4 9  ? 1.954   6.039   -15.802 1.00 161.79 ? 9  DC D "H5''" 1 
ATOM 1218 H "H4'"  . DC D 4 9  ? 3.177   8.582   -15.704 1.00 147.66 ? 9  DC D "H4'"  1 
ATOM 1219 H "H3'"  . DC D 4 9  ? 3.497   7.004   -17.715 1.00 157.88 ? 9  DC D "H3'"  1 
ATOM 1220 H "H2'"  . DC D 4 9  ? 4.465   5.243   -16.745 1.00 146.57 ? 9  DC D "H2'"  1 
ATOM 1221 H "H2''" . DC D 4 9  ? 5.795   6.096   -16.968 1.00 146.57 ? 9  DC D "H2''" 1 
ATOM 1222 H "H1'"  . DC D 4 9  ? 5.913   6.671   -14.843 1.00 143.38 ? 9  DC D "H1'"  1 
ATOM 1223 H H41    . DC D 4 9  ? 3.855   1.263   -11.886 1.00 132.41 ? 9  DC D H41    1 
ATOM 1224 H H42    . DC D 4 9  ? 5.338   1.136   -11.897 1.00 132.41 ? 9  DC D H42    1 
ATOM 1225 H H5     . DC D 4 9  ? 2.692   3.107   -12.954 1.00 132.77 ? 9  DC D H5     1 
ATOM 1226 H H6     . DC D 4 9  ? 2.934   5.030   -14.152 1.00 139.46 ? 9  DC D H6     1 
ATOM 1227 P P      . DC D 4 10 ? 5.368   8.466   -18.919 1.00 171.33 ? 10 DC D P      1 
ATOM 1228 O OP1    . DC D 4 10 ? 5.894   9.838   -19.115 1.00 158.97 ? 10 DC D OP1    1 
ATOM 1229 O OP2    . DC D 4 10 ? 4.261   7.978   -19.773 1.00 151.71 ? 10 DC D OP2    1 
ATOM 1230 O "O5'"  . DC D 4 10 ? 6.569   7.406   -19.014 1.00 144.22 ? 10 DC D "O5'"  1 
ATOM 1231 C "C5'"  . DC D 4 10 ? 7.735   7.632   -18.266 1.00 148.96 ? 10 DC D "C5'"  1 
ATOM 1232 C "C4'"  . DC D 4 10 ? 8.710   6.469   -18.363 1.00 142.41 ? 10 DC D "C4'"  1 
ATOM 1233 O "O4'"  . DC D 4 10 ? 8.274   5.381   -17.492 1.00 146.02 ? 10 DC D "O4'"  1 
ATOM 1234 C "C3'"  . DC D 4 10 ? 8.877   5.837   -19.755 1.00 146.16 ? 10 DC D "C3'"  1 
ATOM 1235 O "O3'"  . DC D 4 10 ? 10.272  5.631   -20.041 1.00 151.20 ? 10 DC D "O3'"  1 
ATOM 1236 C "C2'"  . DC D 4 10 ? 8.123   4.521   -19.623 1.00 137.51 ? 10 DC D "C2'"  1 
ATOM 1237 C "C1'"  . DC D 4 10 ? 8.442   4.162   -18.189 1.00 138.81 ? 10 DC D "C1'"  1 
ATOM 1238 N N1     . DC D 4 10 ? 7.567   3.117   -17.567 1.00 131.15 ? 10 DC D N1     1 
ATOM 1239 C C2     . DC D 4 10 ? 8.153   1.996   -16.939 1.00 125.24 ? 10 DC D C2     1 
ATOM 1240 O O2     . DC D 4 10 ? 9.388   1.872   -16.934 1.00 119.58 ? 10 DC D O2     1 
ATOM 1241 N N3     . DC D 4 10 ? 7.343   1.073   -16.360 1.00 118.98 ? 10 DC D N3     1 
ATOM 1242 C C4     . DC D 4 10 ? 6.017   1.242   -16.382 1.00 120.02 ? 10 DC D C4     1 
ATOM 1243 N N4     . DC D 4 10 ? 5.258   0.306   -15.798 1.00 114.78 ? 10 DC D N4     1 
ATOM 1244 C C5     . DC D 4 10 ? 5.408   2.377   -17.006 1.00 121.56 ? 10 DC D C5     1 
ATOM 1245 C C6     . DC D 4 10 ? 6.213   3.279   -17.575 1.00 129.43 ? 10 DC D C6     1 
ATOM 1246 H "H5'"  . DC D 4 10 ? 7.492   7.763   -17.336 1.00 180.25 ? 10 DC D "H5'"  1 
ATOM 1247 H "H5''" . DC D 4 10 ? 8.169   8.435   -18.595 1.00 180.25 ? 10 DC D "H5''" 1 
ATOM 1248 H "H4'"  . DC D 4 10 ? 9.579   6.773   -18.059 1.00 172.39 ? 10 DC D "H4'"  1 
ATOM 1249 H "H3'"  . DC D 4 10 ? 8.467   6.398   -20.432 1.00 176.89 ? 10 DC D "H3'"  1 
ATOM 1250 H "H2'"  . DC D 4 10 ? 7.169   4.651   -19.747 1.00 166.51 ? 10 DC D "H2'"  1 
ATOM 1251 H "H2''" . DC D 4 10 ? 8.471   3.855   -20.236 1.00 166.51 ? 10 DC D "H2''" 1 
ATOM 1252 H "H1'"  . DC D 4 10 ? 9.369   3.883   -18.127 1.00 168.06 ? 10 DC D "H1'"  1 
ATOM 1253 H H41    . DC D 4 10 ? 4.402   0.386   -15.795 1.00 139.24 ? 10 DC D H41    1 
ATOM 1254 H H42    . DC D 4 10 ? 5.628   -0.376  -15.424 1.00 139.24 ? 10 DC D H42    1 
ATOM 1255 H H5     . DC D 4 10 ? 4.483   2.482   -17.016 1.00 147.37 ? 10 DC D H5     1 
ATOM 1256 H H6     . DC D 4 10 ? 5.844   4.028   -17.984 1.00 156.82 ? 10 DC D H6     1 
ATOM 1257 P P      . DA D 4 11 ? 10.804  5.593   -21.557 1.00 173.29 ? 11 DA D P      1 
ATOM 1258 O OP1    . DA D 4 11 ? 11.329  6.940   -21.880 1.00 189.91 ? 11 DA D OP1    1 
ATOM 1259 O OP2    . DA D 4 11 ? 9.718   5.014   -22.384 1.00 178.12 ? 11 DA D OP2    1 
ATOM 1260 O "O5'"  . DA D 4 11 ? 12.017  4.534   -21.524 1.00 162.35 ? 11 DA D "O5'"  1 
ATOM 1261 C "C5'"  . DA D 4 11 ? 13.286  4.882   -20.970 1.00 169.00 ? 11 DA D "C5'"  1 
ATOM 1262 C "C4'"  . DA D 4 11 ? 13.959  3.669   -20.345 1.00 162.87 ? 11 DA D "C4'"  1 
ATOM 1263 O "O4'"  . DA D 4 11 ? 12.965  2.851   -19.669 1.00 162.39 ? 11 DA D "O4'"  1 
ATOM 1264 C "C3'"  . DA D 4 11 ? 14.646  2.724   -21.319 1.00 164.21 ? 11 DA D "C3'"  1 
ATOM 1265 O "O3'"  . DA D 4 11 ? 15.741  2.079   -20.675 1.00 168.95 ? 11 DA D "O3'"  1 
ATOM 1266 C "C2'"  . DA D 4 11 ? 13.528  1.757   -21.691 1.00 153.08 ? 11 DA D "C2'"  1 
ATOM 1267 C "C1'"  . DA D 4 11 ? 12.751  1.636   -20.382 1.00 148.25 ? 11 DA D "C1'"  1 
ATOM 1268 N N9     . DA D 4 11 ? 11.303  1.453   -20.529 1.00 137.55 ? 11 DA D N9     1 
ATOM 1269 C C8     . DA D 4 11 ? 10.436  2.240   -21.234 1.00 140.16 ? 11 DA D C8     1 
ATOM 1270 N N7     . DA D 4 11 ? 9.186   1.854   -21.160 1.00 138.48 ? 11 DA D N7     1 
ATOM 1271 C C5     . DA D 4 11 ? 9.226   0.753   -20.333 1.00 131.19 ? 11 DA D C5     1 
ATOM 1272 C C6     . DA D 4 11 ? 8.220   -0.105  -19.861 1.00 122.88 ? 11 DA D C6     1 
ATOM 1273 N N6     . DA D 4 11 ? 6.927   0.041   -20.180 1.00 121.23 ? 11 DA D N6     1 
ATOM 1274 N N1     . DA D 4 11 ? 8.592   -1.125  -19.054 1.00 116.19 ? 11 DA D N1     1 
ATOM 1275 C C2     . DA D 4 11 ? 9.889   -1.259  -18.743 1.00 120.24 ? 11 DA D C2     1 
ATOM 1276 N N3     . DA D 4 11 ? 10.927  -0.510  -19.126 1.00 122.40 ? 11 DA D N3     1 
ATOM 1277 C C4     . DA D 4 11 ? 10.522  0.489   -19.927 1.00 131.11 ? 11 DA D C4     1 
ATOM 1278 H "H5'"  . DA D 4 11 ? 13.161  5.562   -20.290 1.00 204.30 ? 11 DA D "H5'"  1 
ATOM 1279 H "H5''" . DA D 4 11 ? 13.855  5.235   -21.672 1.00 204.30 ? 11 DA D "H5''" 1 
ATOM 1280 H "H4'"  . DA D 4 11 ? 14.610  3.975   -19.694 1.00 196.94 ? 11 DA D "H4'"  1 
ATOM 1281 H "H3'"  . DA D 4 11 ? 14.949  3.209   -22.102 1.00 198.55 ? 11 DA D "H3'"  1 
ATOM 1282 H "H2'"  . DA D 4 11 ? 12.969  2.128   -22.390 1.00 185.19 ? 11 DA D "H2'"  1 
ATOM 1283 H "H2''" . DA D 4 11 ? 13.892  0.897   -21.956 1.00 185.19 ? 11 DA D "H2''" 1 
ATOM 1284 H "H1'"  . DA D 4 11 ? 13.113  0.898   -19.865 1.00 179.40 ? 11 DA D "H1'"  1 
ATOM 1285 H H8     . DA D 4 11 ? 10.709  2.978   -21.729 1.00 169.69 ? 11 DA D H8     1 
ATOM 1286 H H61    . DA D 4 11 ? 6.344   -0.512  -19.874 1.00 146.97 ? 11 DA D H61    1 
ATOM 1287 H H62    . DA D 4 11 ? 6.681   0.686   -20.692 1.00 146.97 ? 11 DA D H62    1 
ATOM 1288 H H2     . DA D 4 11 ? 10.095  -1.973  -18.183 1.00 145.78 ? 11 DA D H2     1 
ATOM 1289 P P      . DG D 4 12 ? 16.818  1.242   -21.519 1.00 184.38 ? 12 DG D P      1 
ATOM 1290 O OP1    . DG D 4 12 ? 18.041  1.121   -20.690 1.00 223.41 ? 12 DG D OP1    1 
ATOM 1291 O OP2    . DG D 4 12 ? 16.909  1.842   -22.868 1.00 169.76 ? 12 DG D OP2    1 
ATOM 1292 O "O5'"  . DG D 4 12 ? 16.162  -0.210  -21.610 1.00 169.13 ? 12 DG D "O5'"  1 
ATOM 1293 C "C5'"  . DG D 4 12 ? 15.621  -0.813  -20.442 1.00 162.95 ? 12 DG D "C5'"  1 
ATOM 1294 C "C4'"  . DG D 4 12 ? 14.981  -2.153  -20.768 1.00 159.30 ? 12 DG D "C4'"  1 
ATOM 1295 O "O4'"  . DG D 4 12 ? 13.559  -2.096  -20.521 1.00 166.11 ? 12 DG D "O4'"  1 
ATOM 1296 C "C3'"  . DG D 4 12 ? 15.109  -2.582  -22.217 1.00 162.78 ? 12 DG D "C3'"  1 
ATOM 1297 O "O3'"  . DG D 4 12 ? 16.327  -3.281  -22.424 1.00 182.24 ? 12 DG D "O3'"  1 
ATOM 1298 C "C2'"  . DG D 4 12 ? 13.886  -3.467  -22.443 1.00 158.60 ? 12 DG D "C2'"  1 
ATOM 1299 C "C1'"  . DG D 4 12 ? 12.890  -3.020  -21.367 1.00 143.67 ? 12 DG D "C1'"  1 
ATOM 1300 N N9     . DG D 4 12 ? 11.703  -2.366  -21.908 1.00 137.94 ? 12 DG D N9     1 
ATOM 1301 C C8     . DG D 4 12 ? 11.664  -1.215  -22.656 1.00 141.41 ? 12 DG D C8     1 
ATOM 1302 N N7     . DG D 4 12 ? 10.454  -0.850  -22.991 1.00 135.72 ? 12 DG D N7     1 
ATOM 1303 C C5     . DG D 4 12 ? 9.638   -1.821  -22.424 1.00 131.28 ? 12 DG D C5     1 
ATOM 1304 C C6     . DG D 4 12 ? 8.226   -1.954  -22.450 1.00 121.01 ? 12 DG D C6     1 
ATOM 1305 O O6     . DG D 4 12 ? 7.396   -1.209  -22.999 1.00 112.87 ? 12 DG D O6     1 
ATOM 1306 N N1     . DG D 4 12 ? 7.801   -3.088  -21.745 1.00 107.93 ? 12 DG D N1     1 
ATOM 1307 C C2     . DG D 4 12 ? 8.640   -3.976  -21.103 1.00 118.95 ? 12 DG D C2     1 
ATOM 1308 N N2     . DG D 4 12 ? 8.053   -5.010  -20.474 1.00 107.88 ? 12 DG D N2     1 
ATOM 1309 N N3     . DG D 4 12 ? 9.967   -3.860  -21.074 1.00 128.57 ? 12 DG D N3     1 
ATOM 1310 C C4     . DG D 4 12 ? 10.392  -2.763  -21.753 1.00 133.33 ? 12 DG D C4     1 
ATOM 1311 H "H5'"  . DG D 4 12 ? 14.951  -0.224  -20.061 1.00 197.03 ? 12 DG D "H5'"  1 
ATOM 1312 H "H5''" . DG D 4 12 ? 16.332  -0.948  -19.795 1.00 197.03 ? 12 DG D "H5''" 1 
ATOM 1313 H "H4'"  . DG D 4 12 ? 15.373  -2.836  -20.201 1.00 192.66 ? 12 DG D "H4'"  1 
ATOM 1314 H "H3'"  . DG D 4 12 ? 15.068  -1.805  -22.798 1.00 196.83 ? 12 DG D "H3'"  1 
ATOM 1315 H "HO3'" . DG D 4 12 ? 16.893  -2.988  -22.971 1.00 220.18 ? 12 DG D "HO3'" 1 
ATOM 1316 H "H2'"  . DG D 4 12 ? 13.518  -3.318  -23.328 1.00 191.82 ? 12 DG D "H2'"  1 
ATOM 1317 H "H2''" . DG D 4 12 ? 14.117  -4.401  -22.323 1.00 191.82 ? 12 DG D "H2''" 1 
ATOM 1318 H "H1'"  . DG D 4 12 ? 12.619  -3.791  -20.845 1.00 173.90 ? 12 DG D "H1'"  1 
ATOM 1319 H H8     . DG D 4 12 ? 12.426  -0.741  -22.902 1.00 171.19 ? 12 DG D H8     1 
ATOM 1320 H H1     . DG D 4 12 ? 6.956   -3.244  -21.714 1.00 131.01 ? 12 DG D H1     1 
ATOM 1321 H H21    . DG D 4 12 ? 8.534   -5.589  -20.057 1.00 130.96 ? 12 DG D H21    1 
ATOM 1322 H H22    . DG D 4 12 ? 7.197   -5.091  -20.489 1.00 130.96 ? 12 DG D H22    1 
# 
